data_3M1B
#
_entry.id   3M1B
#
_cell.length_a   68.050
_cell.length_b   158.431
_cell.length_c   82.539
_cell.angle_alpha   90.00
_cell.angle_beta   90.11
_cell.angle_gamma   90.00
#
_symmetry.space_group_name_H-M   'P 1 21 1'
#
loop_
_entity.id
_entity.type
_entity.pdbx_description
1 polymer 'IgG receptor FcRn large subunit p51'
2 polymer Beta-2-microglobulin
3 polymer 'DIMERIC PEPTIDE INHIBITOR'
#
loop_
_entity_poly.entity_id
_entity_poly.type
_entity_poly.pdbx_seq_one_letter_code
_entity_poly.pdbx_strand_id
1 'polypeptide(L)'
;AESHLSLLYHLTAVSSPAPGTPAFWVSGWLGPQQYLSYNSLRGEAEPCGAWVWENQVSWYWEKETTDLRIKEKLFLEAFK
ALGGKGPYTLQGLLGCELGPDNTSVPTAKFALNGEEFMNFDLKQGTWGGDWPEALAISQRWQQQDKAANKELTFLLFSCP
HRLREHLERGRGNLEWKEPPSMRLKARPSSPGFSVLTCSAFSFYPPELQLRFLRNGLAAGTGQGDFGPNSDGSFHASSSL
TVKSGDEHHYCCIVQHAGLAQPLRVEL
;
A,C,E,G
2 'polypeptide(L)'
;IQRTPKIQVYSRHPAENGKSNFLNCYVSGFHPSDIEVDLLKNGERIEKVEHSDLSFSKDWSFYLLYYTEFTPTEKDEYAC
RVNHVTLSQPKIVKWDRDM
;
B,D,F,H
3 'polypeptide(L)' (ACE)RF(LE1)TGHFG(SAR)(MLE)YPCK(NH2) I,J
#
loop_
_chem_comp.id
_chem_comp.type
_chem_comp.name
_chem_comp.formula
ACE non-polymer 'ACETYL GROUP' 'C2 H4 O'
NH2 non-polymer 'AMINO GROUP' 'H2 N'
#
# COMPACT_ATOMS: atom_id res chain seq x y z
N LEU A 5 -33.36 -5.35 -22.27
CA LEU A 5 -33.24 -5.83 -20.86
C LEU A 5 -34.60 -6.30 -20.34
N SER A 6 -34.56 -7.21 -19.35
CA SER A 6 -35.77 -7.91 -18.89
C SER A 6 -36.07 -7.76 -17.39
N LEU A 7 -37.17 -8.38 -16.95
CA LEU A 7 -37.59 -8.37 -15.56
C LEU A 7 -37.41 -9.75 -14.95
N LEU A 8 -36.58 -9.86 -13.92
CA LEU A 8 -36.17 -11.17 -13.38
C LEU A 8 -36.09 -11.30 -11.86
N TYR A 9 -36.47 -12.47 -11.35
CA TYR A 9 -36.42 -12.79 -9.92
C TYR A 9 -35.39 -13.88 -9.56
N HIS A 10 -34.51 -13.56 -8.60
CA HIS A 10 -33.63 -14.54 -7.99
C HIS A 10 -34.28 -15.01 -6.70
N LEU A 11 -34.61 -16.30 -6.63
CA LEU A 11 -35.16 -16.87 -5.42
C LEU A 11 -34.36 -18.11 -5.08
N THR A 12 -34.06 -18.27 -3.81
CA THR A 12 -33.21 -19.36 -3.36
C THR A 12 -33.67 -19.88 -2.01
N ALA A 13 -33.90 -21.19 -1.92
CA ALA A 13 -34.39 -21.84 -0.69
C ALA A 13 -33.52 -23.01 -0.25
N VAL A 14 -33.27 -23.09 1.05
CA VAL A 14 -32.33 -24.05 1.61
C VAL A 14 -32.94 -24.87 2.74
N SER A 15 -32.57 -26.14 2.81
CA SER A 15 -33.12 -27.05 3.81
C SER A 15 -32.60 -26.72 5.22
N SER A 16 -31.35 -26.27 5.30
CA SER A 16 -30.68 -26.08 6.59
C SER A 16 -30.03 -24.69 6.76
N PRO A 17 -30.83 -23.61 6.75
CA PRO A 17 -30.24 -22.27 6.89
C PRO A 17 -29.56 -22.06 8.25
N ALA A 18 -28.69 -21.05 8.34
CA ALA A 18 -28.03 -20.73 9.60
C ALA A 18 -29.02 -20.03 10.56
N PRO A 19 -28.81 -20.18 11.89
CA PRO A 19 -29.66 -19.47 12.87
C PRO A 19 -29.65 -17.95 12.66
N GLY A 20 -30.73 -17.45 12.04
CA GLY A 20 -30.85 -16.02 11.71
C GLY A 20 -30.80 -15.78 10.21
N THR A 21 -30.94 -16.86 9.44
CA THR A 21 -30.94 -16.81 7.99
C THR A 21 -32.33 -17.14 7.48
N PRO A 22 -32.84 -16.33 6.53
CA PRO A 22 -34.09 -16.63 5.80
C PRO A 22 -34.02 -17.96 5.07
N ALA A 23 -34.83 -18.92 5.51
CA ALA A 23 -34.84 -20.26 4.93
C ALA A 23 -35.11 -20.19 3.43
N PHE A 24 -35.62 -19.04 3.02
CA PHE A 24 -35.99 -18.75 1.64
C PHE A 24 -35.95 -17.24 1.50
N TRP A 25 -35.46 -16.74 0.37
CA TRP A 25 -35.42 -15.29 0.11
C TRP A 25 -35.21 -14.91 -1.36
N VAL A 26 -35.74 -13.75 -1.75
CA VAL A 26 -35.90 -13.38 -3.15
C VAL A 26 -35.28 -12.04 -3.52
N SER A 27 -35.01 -11.83 -4.81
CA SER A 27 -34.60 -10.52 -5.30
C SER A 27 -35.27 -10.07 -6.61
N GLY A 28 -35.43 -8.75 -6.74
CA GLY A 28 -36.03 -8.17 -7.91
C GLY A 28 -34.99 -7.42 -8.71
N TRP A 29 -34.84 -7.80 -9.96
CA TRP A 29 -33.89 -7.15 -10.84
C TRP A 29 -34.60 -6.67 -12.10
N LEU A 30 -34.48 -5.37 -12.36
CA LEU A 30 -34.81 -4.77 -13.66
C LEU A 30 -33.57 -4.80 -14.55
N GLY A 31 -33.38 -5.93 -15.23
CA GLY A 31 -32.13 -6.22 -15.90
C GLY A 31 -31.02 -6.24 -14.86
N PRO A 32 -29.96 -5.44 -15.06
CA PRO A 32 -28.79 -5.44 -14.20
C PRO A 32 -28.94 -4.61 -12.92
N GLN A 33 -30.20 -4.29 -12.58
CA GLN A 33 -30.49 -3.35 -11.51
C GLN A 33 -31.45 -3.95 -10.49
N GLN A 34 -31.14 -3.82 -9.21
CA GLN A 34 -31.96 -4.42 -8.15
C GLN A 34 -32.94 -3.41 -7.62
N TYR A 35 -34.07 -3.89 -7.11
CA TYR A 35 -35.12 -3.02 -6.63
C TYR A 35 -35.99 -3.66 -5.55
N LEU A 36 -35.74 -4.93 -5.26
CA LEU A 36 -36.52 -5.63 -4.24
C LEU A 36 -35.73 -6.72 -3.51
N SER A 37 -35.88 -6.75 -2.20
CA SER A 37 -35.52 -7.92 -1.42
C SER A 37 -36.78 -8.44 -0.72
N TYR A 38 -36.64 -9.54 0.01
CA TYR A 38 -37.77 -10.24 0.63
C TYR A 38 -37.25 -11.50 1.33
N ASN A 39 -37.64 -11.73 2.58
CA ASN A 39 -37.25 -12.97 3.25
C ASN A 39 -38.41 -13.69 3.97
N SER A 40 -38.09 -14.65 4.83
CA SER A 40 -39.11 -15.46 5.52
C SER A 40 -39.22 -15.12 7.00
N LEU A 41 -38.10 -14.66 7.58
CA LEU A 41 -38.06 -14.19 8.95
C LEU A 41 -39.01 -13.01 9.09
N ARG A 42 -38.84 -11.99 8.23
CA ARG A 42 -39.73 -10.85 8.26
C ARG A 42 -40.92 -11.08 7.32
N GLY A 43 -40.62 -11.43 6.08
CA GLY A 43 -41.66 -11.83 5.12
C GLY A 43 -42.55 -10.71 4.62
N GLU A 44 -41.99 -9.53 4.39
CA GLU A 44 -42.71 -8.45 3.73
C GLU A 44 -41.92 -7.96 2.55
N ALA A 45 -42.63 -7.68 1.46
CA ALA A 45 -42.02 -7.18 0.24
C ALA A 45 -41.58 -5.71 0.41
N GLU A 46 -40.28 -5.53 0.71
CA GLU A 46 -39.68 -4.21 0.89
C GLU A 46 -38.68 -3.93 -0.22
N PRO A 47 -39.07 -3.08 -1.20
CA PRO A 47 -38.23 -2.63 -2.30
C PRO A 47 -36.97 -1.91 -1.84
N CYS A 48 -35.91 -2.02 -2.63
CA CYS A 48 -34.62 -1.38 -2.34
C CYS A 48 -34.34 -0.24 -3.31
N GLY A 49 -33.40 0.62 -2.94
CA GLY A 49 -32.81 1.61 -3.85
C GLY A 49 -33.72 2.68 -4.40
N ALA A 50 -33.39 3.18 -5.59
CA ALA A 50 -34.13 4.28 -6.25
C ALA A 50 -35.59 3.95 -6.58
N TRP A 51 -36.01 2.75 -6.24
CA TRP A 51 -37.35 2.28 -6.50
C TRP A 51 -38.14 2.37 -5.20
N VAL A 52 -37.43 2.84 -4.18
CA VAL A 52 -38.01 3.38 -2.95
C VAL A 52 -38.67 4.70 -3.32
N TRP A 53 -37.98 5.46 -4.16
CA TRP A 53 -38.48 6.75 -4.63
C TRP A 53 -39.16 6.70 -6.01
N GLU A 54 -39.73 5.55 -6.35
CA GLU A 54 -40.51 5.43 -7.57
C GLU A 54 -41.96 5.78 -7.29
N ASN A 55 -42.54 6.61 -8.15
CA ASN A 55 -43.95 6.92 -8.10
C ASN A 55 -44.78 5.64 -8.12
N GLN A 56 -44.96 5.07 -6.93
CA GLN A 56 -45.48 3.73 -6.78
C GLN A 56 -47.00 3.65 -6.93
N VAL A 57 -47.53 2.43 -7.02
CA VAL A 57 -48.97 2.18 -7.18
C VAL A 57 -49.63 1.73 -5.87
N SER A 58 -49.13 2.26 -4.76
CA SER A 58 -49.66 2.04 -3.39
C SER A 58 -49.75 0.55 -3.02
N TRP A 59 -50.93 -0.03 -3.28
CA TRP A 59 -51.24 -1.43 -3.01
C TRP A 59 -50.30 -2.43 -3.68
N TYR A 60 -49.66 -2.00 -4.77
CA TYR A 60 -48.88 -2.86 -5.65
C TYR A 60 -47.84 -3.73 -4.95
N TRP A 61 -47.06 -3.16 -4.05
CA TRP A 61 -46.06 -3.92 -3.31
C TRP A 61 -46.69 -5.03 -2.48
N GLU A 62 -47.84 -4.74 -1.88
CA GLU A 62 -48.58 -5.73 -1.13
C GLU A 62 -48.99 -6.87 -2.06
N LYS A 63 -49.25 -6.53 -3.32
CA LYS A 63 -49.65 -7.51 -4.31
C LYS A 63 -48.49 -8.43 -4.69
N GLU A 64 -47.28 -7.88 -4.74
CA GLU A 64 -46.07 -8.70 -4.81
C GLU A 64 -45.98 -9.60 -3.57
N THR A 65 -46.09 -8.98 -2.40
CA THR A 65 -45.99 -9.66 -1.11
C THR A 65 -46.87 -10.90 -1.09
N THR A 66 -47.99 -10.82 -1.78
CA THR A 66 -48.87 -11.99 -1.91
C THR A 66 -48.26 -12.97 -2.91
N ASP A 67 -47.92 -12.45 -4.10
CA ASP A 67 -47.35 -13.30 -5.13
C ASP A 67 -46.16 -14.08 -4.58
N LEU A 68 -45.33 -13.41 -3.78
CA LEU A 68 -44.11 -14.01 -3.25
C LEU A 68 -44.33 -15.02 -2.15
N ARG A 69 -45.36 -14.80 -1.34
CA ARG A 69 -45.64 -15.69 -0.23
C ARG A 69 -46.19 -17.02 -0.71
N ILE A 70 -46.90 -17.00 -1.83
CA ILE A 70 -47.36 -18.24 -2.47
C ILE A 70 -46.15 -19.10 -2.86
N LYS A 71 -45.27 -18.55 -3.70
CA LYS A 71 -44.06 -19.26 -4.09
C LYS A 71 -43.30 -19.73 -2.86
N GLU A 72 -43.20 -18.85 -1.86
CA GLU A 72 -42.59 -19.17 -0.57
C GLU A 72 -42.97 -20.58 -0.11
N LYS A 73 -44.26 -20.85 0.02
CA LYS A 73 -44.72 -22.16 0.50
C LYS A 73 -44.37 -23.31 -0.44
N LEU A 74 -44.52 -23.08 -1.74
CA LEU A 74 -44.18 -24.08 -2.76
C LEU A 74 -42.75 -24.60 -2.58
N PHE A 75 -41.82 -23.65 -2.48
CA PHE A 75 -40.42 -23.90 -2.19
C PHE A 75 -40.13 -24.58 -0.85
N LEU A 76 -41.07 -24.52 0.08
CA LEU A 76 -40.87 -25.11 1.38
C LEU A 76 -41.50 -26.50 1.42
N GLU A 77 -42.61 -26.63 0.70
CA GLU A 77 -43.31 -27.89 0.54
C GLU A 77 -42.47 -28.84 -0.31
N ALA A 78 -41.56 -28.25 -1.09
CA ALA A 78 -40.68 -28.94 -2.01
C ALA A 78 -39.76 -29.94 -1.31
N PHE A 79 -39.21 -29.53 -0.17
CA PHE A 79 -38.33 -30.42 0.59
C PHE A 79 -39.05 -31.68 1.09
N LYS A 80 -40.39 -31.64 1.11
CA LYS A 80 -41.18 -32.84 1.41
C LYS A 80 -41.27 -33.79 0.23
N ALA A 81 -41.18 -33.26 -0.99
CA ALA A 81 -41.10 -34.12 -2.17
C ALA A 81 -39.78 -34.87 -2.21
N LEU A 82 -38.78 -34.32 -1.50
CA LEU A 82 -37.42 -34.87 -1.44
C LEU A 82 -37.08 -35.59 -0.13
N GLY A 83 -37.08 -36.92 -0.19
CA GLY A 83 -36.71 -37.75 0.96
C GLY A 83 -35.24 -38.14 1.02
N GLY A 84 -34.39 -37.34 0.37
CA GLY A 84 -32.95 -37.61 0.33
C GLY A 84 -32.25 -37.40 1.66
N LYS A 85 -30.93 -37.61 1.66
CA LYS A 85 -30.18 -37.60 2.91
C LYS A 85 -29.85 -36.18 3.41
N GLY A 86 -29.99 -35.18 2.53
CA GLY A 86 -29.78 -33.77 2.86
C GLY A 86 -28.35 -33.39 3.23
N PRO A 87 -28.13 -32.10 3.61
CA PRO A 87 -29.01 -30.93 3.46
C PRO A 87 -29.23 -30.51 2.00
N TYR A 88 -30.21 -29.64 1.74
CA TYR A 88 -30.63 -29.33 0.36
C TYR A 88 -30.67 -27.87 -0.06
N THR A 89 -30.41 -27.62 -1.34
CA THR A 89 -30.40 -26.28 -1.94
C THR A 89 -31.21 -26.20 -3.25
N LEU A 90 -32.27 -25.38 -3.25
CA LEU A 90 -33.16 -25.27 -4.40
C LEU A 90 -33.24 -23.84 -4.87
N GLN A 91 -32.79 -23.61 -6.10
CA GLN A 91 -32.69 -22.26 -6.66
C GLN A 91 -33.74 -22.05 -7.74
N GLY A 92 -34.23 -20.81 -7.84
CA GLY A 92 -35.28 -20.46 -8.80
C GLY A 92 -34.96 -19.18 -9.56
N LEU A 93 -35.23 -19.20 -10.87
CA LEU A 93 -35.05 -18.03 -11.72
C LEU A 93 -36.30 -17.79 -12.54
N LEU A 94 -37.02 -16.72 -12.20
CA LEU A 94 -38.27 -16.37 -12.82
C LEU A 94 -38.18 -14.99 -13.45
N GLY A 95 -39.14 -14.67 -14.32
CA GLY A 95 -39.20 -13.37 -14.99
C GLY A 95 -39.67 -13.40 -16.44
N CYS A 96 -39.72 -12.22 -17.06
CA CYS A 96 -40.13 -12.09 -18.47
C CYS A 96 -39.82 -10.69 -19.01
N GLU A 97 -39.49 -10.62 -20.29
CA GLU A 97 -39.14 -9.34 -20.94
C GLU A 97 -40.07 -9.02 -22.09
N LEU A 98 -40.45 -7.75 -22.22
CA LEU A 98 -41.35 -7.32 -23.29
C LEU A 98 -40.59 -7.27 -24.60
N GLY A 99 -41.10 -7.98 -25.60
CA GLY A 99 -40.40 -8.15 -26.86
C GLY A 99 -40.73 -7.08 -27.89
N PRO A 100 -40.87 -7.48 -29.17
CA PRO A 100 -41.17 -6.54 -30.24
C PRO A 100 -42.67 -6.30 -30.39
N ASP A 101 -43.40 -7.29 -30.90
CA ASP A 101 -44.85 -7.22 -31.09
C ASP A 101 -45.59 -7.24 -29.73
N ASN A 102 -45.19 -6.32 -28.84
CA ASN A 102 -45.85 -6.04 -27.54
C ASN A 102 -45.86 -7.17 -26.48
N THR A 103 -45.55 -8.40 -26.90
CA THR A 103 -45.61 -9.57 -26.02
C THR A 103 -44.37 -9.69 -25.12
N SER A 104 -44.28 -10.78 -24.38
CA SER A 104 -43.13 -11.00 -23.49
C SER A 104 -42.44 -12.38 -23.69
N VAL A 105 -41.25 -12.52 -23.12
CA VAL A 105 -40.49 -13.78 -23.14
C VAL A 105 -40.23 -14.31 -21.71
N PRO A 106 -41.09 -15.23 -21.24
CA PRO A 106 -41.05 -15.86 -19.93
C PRO A 106 -39.79 -16.69 -19.68
N THR A 107 -39.23 -16.58 -18.48
CA THR A 107 -38.04 -17.34 -18.11
C THR A 107 -38.22 -17.96 -16.74
N ALA A 108 -38.66 -19.21 -16.72
CA ALA A 108 -38.90 -19.93 -15.48
C ALA A 108 -37.89 -21.06 -15.30
N LYS A 109 -36.91 -20.85 -14.43
CA LYS A 109 -35.78 -21.77 -14.34
C LYS A 109 -35.47 -22.24 -12.92
N PHE A 110 -35.01 -23.49 -12.79
CA PHE A 110 -34.74 -24.05 -11.48
C PHE A 110 -33.50 -24.92 -11.41
N ALA A 111 -32.70 -24.69 -10.38
CA ALA A 111 -31.52 -25.49 -10.10
C ALA A 111 -31.66 -26.12 -8.73
N LEU A 112 -31.25 -27.39 -8.63
CA LEU A 112 -31.21 -28.10 -7.36
C LEU A 112 -29.75 -28.40 -7.00
N ASN A 113 -29.35 -27.97 -5.81
CA ASN A 113 -27.93 -27.89 -5.43
C ASN A 113 -27.08 -27.26 -6.54
N GLY A 114 -27.57 -26.15 -7.10
CA GLY A 114 -26.87 -25.41 -8.13
C GLY A 114 -26.69 -26.21 -9.42
N GLU A 115 -27.71 -26.99 -9.78
CA GLU A 115 -27.69 -27.74 -11.03
C GLU A 115 -29.05 -27.72 -11.72
N GLU A 116 -29.14 -26.89 -12.77
CA GLU A 116 -30.38 -26.72 -13.53
C GLU A 116 -31.05 -28.04 -13.81
N PHE A 117 -32.32 -28.13 -13.44
CA PHE A 117 -33.06 -29.38 -13.51
C PHE A 117 -34.54 -29.16 -13.84
N MET A 118 -34.95 -27.90 -13.90
CA MET A 118 -36.33 -27.56 -14.25
C MET A 118 -36.53 -26.24 -15.00
N ASN A 119 -37.25 -26.36 -16.09
CA ASN A 119 -37.88 -25.25 -16.76
C ASN A 119 -39.37 -25.46 -16.54
N PHE A 120 -40.19 -24.50 -16.96
CA PHE A 120 -41.63 -24.63 -16.85
C PHE A 120 -42.24 -24.59 -18.25
N ASP A 121 -42.60 -25.77 -18.76
CA ASP A 121 -43.15 -25.84 -20.09
C ASP A 121 -44.47 -25.10 -20.14
N LEU A 122 -44.39 -23.87 -20.65
CA LEU A 122 -45.57 -23.04 -20.86
C LEU A 122 -46.54 -23.64 -21.86
N LYS A 123 -46.01 -24.36 -22.85
CA LYS A 123 -46.82 -24.96 -23.92
C LYS A 123 -47.94 -25.88 -23.40
N GLN A 124 -47.87 -26.30 -22.15
CA GLN A 124 -48.94 -27.09 -21.53
C GLN A 124 -49.11 -26.80 -20.03
N GLY A 125 -48.31 -25.85 -19.54
CA GLY A 125 -48.35 -25.44 -18.14
C GLY A 125 -47.97 -26.59 -17.23
N THR A 126 -46.69 -26.95 -17.25
CA THR A 126 -46.19 -28.08 -16.47
C THR A 126 -44.70 -27.87 -16.16
N TRP A 127 -44.24 -28.38 -15.03
CA TRP A 127 -42.82 -28.34 -14.67
C TRP A 127 -42.04 -29.55 -15.22
N GLY A 128 -40.77 -29.35 -15.61
CA GLY A 128 -40.05 -30.40 -16.36
C GLY A 128 -38.57 -30.68 -16.06
N GLY A 129 -38.26 -31.97 -15.94
CA GLY A 129 -36.90 -32.45 -15.69
C GLY A 129 -36.91 -33.95 -15.46
N ASP A 130 -36.01 -34.68 -16.13
CA ASP A 130 -36.06 -36.13 -16.15
C ASP A 130 -35.39 -36.85 -14.95
N TRP A 131 -34.79 -36.09 -14.04
CA TRP A 131 -34.30 -36.66 -12.77
C TRP A 131 -35.46 -37.16 -11.93
N PRO A 132 -35.18 -38.03 -10.93
CA PRO A 132 -36.28 -38.49 -10.09
C PRO A 132 -36.91 -37.31 -9.34
N GLU A 133 -36.07 -36.42 -8.83
CA GLU A 133 -36.50 -35.32 -7.97
C GLU A 133 -37.39 -34.31 -8.70
N ALA A 134 -36.96 -33.87 -9.88
CA ALA A 134 -37.77 -32.99 -10.72
C ALA A 134 -38.94 -33.74 -11.37
N LEU A 135 -39.36 -34.83 -10.74
CA LEU A 135 -40.58 -35.54 -11.11
C LEU A 135 -41.25 -35.92 -9.80
N ALA A 136 -40.72 -35.40 -8.70
CA ALA A 136 -41.33 -35.54 -7.38
C ALA A 136 -41.96 -34.20 -7.01
N ILE A 137 -41.29 -33.13 -7.42
CA ILE A 137 -41.76 -31.77 -7.15
C ILE A 137 -42.77 -31.36 -8.22
N SER A 138 -42.43 -31.56 -9.49
CA SER A 138 -43.37 -31.28 -10.58
C SER A 138 -44.71 -32.01 -10.39
N GLN A 139 -44.67 -33.14 -9.69
CA GLN A 139 -45.86 -33.98 -9.46
C GLN A 139 -46.69 -33.51 -8.25
N ARG A 140 -46.01 -33.02 -7.23
CA ARG A 140 -46.62 -32.50 -6.02
C ARG A 140 -47.07 -31.07 -6.29
N TRP A 141 -46.30 -30.39 -7.12
CA TRP A 141 -46.62 -29.04 -7.59
C TRP A 141 -47.86 -29.02 -8.47
N GLN A 142 -48.11 -30.12 -9.18
CA GLN A 142 -49.36 -30.32 -9.89
C GLN A 142 -50.47 -30.62 -8.88
N GLN A 143 -50.14 -31.44 -7.88
CA GLN A 143 -51.06 -31.79 -6.81
C GLN A 143 -51.55 -30.56 -6.04
N GLN A 144 -50.78 -29.47 -6.06
CA GLN A 144 -51.26 -28.23 -5.45
C GLN A 144 -52.27 -27.55 -6.36
N ASP A 145 -53.47 -27.32 -5.83
CA ASP A 145 -54.59 -26.79 -6.62
C ASP A 145 -54.31 -25.37 -7.11
N LYS A 146 -54.61 -25.12 -8.39
CA LYS A 146 -54.46 -23.80 -9.05
C LYS A 146 -53.06 -23.16 -9.01
N ALA A 147 -52.07 -23.90 -8.53
CA ALA A 147 -50.68 -23.41 -8.47
C ALA A 147 -50.05 -23.35 -9.85
N ALA A 148 -50.35 -24.33 -10.70
CA ALA A 148 -49.89 -24.29 -12.08
C ALA A 148 -50.67 -23.27 -12.93
N ASN A 149 -51.73 -22.70 -12.37
CA ASN A 149 -52.51 -21.65 -13.04
C ASN A 149 -52.24 -20.25 -12.52
N LYS A 150 -51.83 -20.16 -11.26
CA LYS A 150 -51.28 -18.93 -10.71
C LYS A 150 -49.85 -18.81 -11.24
N GLU A 151 -49.67 -19.37 -12.43
CA GLU A 151 -48.38 -19.49 -13.08
C GLU A 151 -48.44 -18.87 -14.44
N LEU A 152 -49.24 -19.47 -15.33
CA LEU A 152 -49.56 -18.87 -16.61
C LEU A 152 -50.03 -17.44 -16.37
N THR A 153 -50.80 -17.24 -15.30
CA THR A 153 -51.16 -15.90 -14.86
C THR A 153 -49.90 -15.07 -14.50
N PHE A 154 -48.98 -15.69 -13.76
CA PHE A 154 -47.85 -14.95 -13.20
C PHE A 154 -46.74 -14.64 -14.18
N LEU A 155 -46.55 -15.50 -15.18
CA LEU A 155 -45.46 -15.29 -16.11
C LEU A 155 -45.92 -14.54 -17.33
N LEU A 156 -47.11 -14.89 -17.82
CA LEU A 156 -47.65 -14.28 -19.03
C LEU A 156 -48.36 -12.97 -18.79
N PHE A 157 -49.01 -12.83 -17.63
CA PHE A 157 -49.97 -11.74 -17.42
C PHE A 157 -49.57 -10.75 -16.33
N SER A 158 -49.17 -11.25 -15.16
CA SER A 158 -48.77 -10.38 -14.03
C SER A 158 -47.40 -9.75 -14.29
N CYS A 159 -46.50 -10.53 -14.89
CA CYS A 159 -45.13 -10.09 -15.14
C CYS A 159 -45.10 -8.88 -16.06
N PRO A 160 -45.38 -9.06 -17.38
CA PRO A 160 -45.17 -7.98 -18.35
C PRO A 160 -45.82 -6.67 -17.89
N HIS A 161 -46.88 -6.79 -17.10
CA HIS A 161 -47.53 -5.63 -16.48
C HIS A 161 -46.53 -4.90 -15.57
N ARG A 162 -46.08 -5.56 -14.49
CA ARG A 162 -45.08 -4.99 -13.58
C ARG A 162 -43.94 -4.36 -14.37
N LEU A 163 -43.66 -4.91 -15.55
CA LEU A 163 -42.59 -4.43 -16.40
C LEU A 163 -43.02 -3.19 -17.18
N ARG A 164 -44.21 -3.26 -17.78
CA ARG A 164 -44.79 -2.16 -18.56
C ARG A 164 -45.33 -1.06 -17.65
N GLU A 165 -45.19 -1.24 -16.34
CA GLU A 165 -45.36 -0.14 -15.40
C GLU A 165 -44.01 0.51 -15.20
N HIS A 166 -43.15 -0.11 -14.38
CA HIS A 166 -41.82 0.40 -14.03
C HIS A 166 -41.06 1.05 -15.17
N LEU A 167 -41.26 0.53 -16.39
CA LEU A 167 -40.66 1.10 -17.58
C LEU A 167 -41.21 2.50 -17.85
N GLU A 168 -42.52 2.67 -17.72
CA GLU A 168 -43.13 4.00 -17.80
C GLU A 168 -42.83 4.88 -16.59
N ARG A 169 -43.08 4.35 -15.39
CA ARG A 169 -42.95 5.10 -14.14
C ARG A 169 -41.52 5.50 -13.84
N GLY A 170 -40.58 4.59 -14.05
CA GLY A 170 -39.20 4.80 -13.62
C GLY A 170 -38.13 4.75 -14.70
N ARG A 171 -38.56 4.74 -15.96
CA ARG A 171 -37.66 4.65 -17.13
C ARG A 171 -36.31 5.35 -16.99
N GLY A 172 -36.33 6.54 -16.37
CA GLY A 172 -35.11 7.32 -16.16
C GLY A 172 -33.99 6.58 -15.45
N ASN A 173 -34.29 5.98 -14.30
CA ASN A 173 -33.33 5.22 -13.49
C ASN A 173 -32.56 4.20 -14.30
N LEU A 174 -33.23 3.66 -15.32
CA LEU A 174 -32.58 2.77 -16.26
C LEU A 174 -31.85 3.64 -17.27
N GLU A 175 -32.62 4.37 -18.08
CA GLU A 175 -32.08 5.22 -19.14
C GLU A 175 -30.85 6.00 -18.67
N TRP A 176 -30.72 6.14 -17.35
CA TRP A 176 -29.60 6.82 -16.71
C TRP A 176 -28.25 6.15 -16.96
N LYS A 177 -27.29 6.96 -17.38
CA LYS A 177 -25.93 6.53 -17.66
C LYS A 177 -24.95 7.34 -16.82
N GLU A 178 -24.20 6.64 -15.97
CA GLU A 178 -23.18 7.27 -15.12
C GLU A 178 -21.78 6.86 -15.57
N PRO A 179 -20.93 7.87 -15.88
CA PRO A 179 -19.58 7.61 -16.37
C PRO A 179 -18.61 7.22 -15.25
N PRO A 180 -17.53 6.49 -15.59
CA PRO A 180 -16.56 6.02 -14.60
C PRO A 180 -15.49 7.04 -14.23
N SER A 181 -14.96 6.92 -13.03
CA SER A 181 -13.82 7.70 -12.64
C SER A 181 -12.59 6.79 -12.72
N MET A 182 -11.61 7.21 -13.52
CA MET A 182 -10.44 6.38 -13.79
C MET A 182 -9.24 6.76 -12.95
N ARG A 183 -8.35 5.80 -12.78
CA ARG A 183 -7.00 6.02 -12.32
C ARG A 183 -6.15 4.88 -12.82
N LEU A 184 -5.23 5.17 -13.72
CA LEU A 184 -4.28 4.18 -14.17
C LEU A 184 -2.99 4.34 -13.40
N LYS A 185 -2.72 3.40 -12.48
CA LYS A 185 -1.46 3.38 -11.74
C LYS A 185 -0.63 2.15 -12.11
N ALA A 186 0.61 2.09 -11.64
CA ALA A 186 1.50 0.97 -11.96
C ALA A 186 2.46 0.58 -10.83
N ARG A 187 2.21 -0.57 -10.24
CA ARG A 187 3.13 -1.18 -9.29
C ARG A 187 4.22 -1.97 -10.05
N PRO A 188 5.47 -1.94 -9.54
CA PRO A 188 6.59 -2.76 -10.06
C PRO A 188 6.42 -4.27 -9.84
N SER A 189 6.85 -5.08 -10.80
CA SER A 189 6.60 -6.52 -10.76
C SER A 189 7.87 -7.36 -10.46
N SER A 190 7.82 -8.64 -10.86
CA SER A 190 8.95 -9.57 -10.77
C SER A 190 10.20 -8.92 -11.39
N PRO A 191 11.39 -9.22 -10.83
CA PRO A 191 12.61 -8.46 -11.14
C PRO A 191 12.80 -8.16 -12.63
N GLY A 192 12.38 -6.97 -13.03
CA GLY A 192 12.39 -6.58 -14.43
C GLY A 192 11.02 -6.76 -15.08
N PHE A 193 10.06 -5.94 -14.64
CA PHE A 193 8.68 -5.94 -15.14
C PHE A 193 7.80 -5.04 -14.28
N SER A 194 6.72 -4.54 -14.86
CA SER A 194 5.77 -3.71 -14.13
C SER A 194 4.34 -4.00 -14.57
N VAL A 195 3.46 -4.09 -13.59
CA VAL A 195 2.05 -4.37 -13.82
C VAL A 195 1.31 -3.07 -14.15
N LEU A 196 0.26 -3.17 -14.97
CA LEU A 196 -0.50 -2.00 -15.40
C LEU A 196 -1.96 -2.10 -15.04
N THR A 197 -2.29 -1.65 -13.83
CA THR A 197 -3.64 -1.71 -13.31
C THR A 197 -4.43 -0.47 -13.69
N CYS A 198 -5.46 -0.65 -14.51
CA CYS A 198 -6.37 0.44 -14.83
C CYS A 198 -7.62 0.36 -13.92
N SER A 199 -7.65 1.24 -12.92
CA SER A 199 -8.73 1.25 -11.94
C SER A 199 -9.90 2.03 -12.49
N ALA A 200 -11.09 1.44 -12.38
CA ALA A 200 -12.33 2.04 -12.84
C ALA A 200 -13.36 2.12 -11.71
N PHE A 201 -13.87 3.31 -11.44
CA PHE A 201 -14.74 3.53 -10.27
C PHE A 201 -16.10 4.15 -10.59
N SER A 202 -17.16 3.60 -10.00
CA SER A 202 -18.49 4.22 -9.93
C SER A 202 -19.19 4.46 -11.27
N PHE A 203 -19.45 3.40 -12.04
CA PHE A 203 -20.06 3.57 -13.36
C PHE A 203 -21.34 2.77 -13.59
N TYR A 204 -22.22 3.32 -14.42
CA TYR A 204 -23.43 2.62 -14.89
C TYR A 204 -23.75 3.06 -16.32
N PRO A 205 -24.18 2.12 -17.20
CA PRO A 205 -24.42 0.68 -17.08
C PRO A 205 -23.15 -0.14 -16.84
N PRO A 206 -23.29 -1.48 -16.75
CA PRO A 206 -22.11 -2.34 -16.59
C PRO A 206 -21.29 -2.48 -17.86
N GLU A 207 -21.94 -2.42 -19.02
CA GLU A 207 -21.29 -2.65 -20.31
C GLU A 207 -20.10 -1.73 -20.51
N LEU A 208 -18.96 -2.16 -19.99
CA LEU A 208 -17.70 -1.43 -20.12
C LEU A 208 -16.67 -2.33 -20.79
N GLN A 209 -16.03 -1.80 -21.83
CA GLN A 209 -14.88 -2.45 -22.44
C GLN A 209 -13.65 -1.65 -22.05
N LEU A 210 -12.57 -2.34 -21.69
CA LEU A 210 -11.26 -1.69 -21.55
C LEU A 210 -10.31 -2.17 -22.65
N ARG A 211 -9.26 -1.40 -22.90
CA ARG A 211 -8.32 -1.66 -24.00
C ARG A 211 -6.99 -0.97 -23.75
N PHE A 212 -5.92 -1.75 -23.67
CA PHE A 212 -4.58 -1.21 -23.43
C PHE A 212 -3.92 -0.76 -24.71
N LEU A 213 -2.94 0.15 -24.59
CA LEU A 213 -2.26 0.72 -25.77
C LEU A 213 -0.77 1.00 -25.62
N ARG A 214 0.00 0.40 -26.52
CA ARG A 214 1.45 0.55 -26.57
C ARG A 214 1.86 1.79 -27.34
N ASN A 215 2.25 2.85 -26.61
CA ASN A 215 2.71 4.11 -27.20
C ASN A 215 2.25 4.34 -28.63
N GLY A 216 0.94 4.37 -28.83
CA GLY A 216 0.36 4.52 -30.15
C GLY A 216 -0.26 3.23 -30.67
N LEU A 217 0.58 2.23 -30.90
CA LEU A 217 0.14 0.93 -31.40
C LEU A 217 -0.67 0.16 -30.37
N ALA A 218 -1.40 -0.86 -30.83
CA ALA A 218 -2.38 -1.61 -30.00
C ALA A 218 -1.74 -2.41 -28.86
N ALA A 219 -2.59 -3.06 -28.04
CA ALA A 219 -2.09 -3.89 -26.94
C ALA A 219 -3.03 -5.00 -26.41
N GLY A 220 -4.29 -4.67 -26.14
CA GLY A 220 -5.32 -5.66 -25.75
C GLY A 220 -5.58 -5.77 -24.25
N THR A 221 -6.82 -6.09 -23.87
CA THR A 221 -7.22 -6.20 -22.46
C THR A 221 -6.30 -7.14 -21.71
N GLY A 222 -5.82 -6.70 -20.54
CA GLY A 222 -4.91 -7.50 -19.73
C GLY A 222 -5.63 -8.59 -18.98
N GLN A 223 -5.21 -8.84 -17.75
CA GLN A 223 -5.94 -9.74 -16.86
C GLN A 223 -7.07 -8.92 -16.23
N GLY A 224 -8.29 -9.13 -16.73
CA GLY A 224 -9.43 -8.26 -16.44
C GLY A 224 -10.50 -8.80 -15.51
N ASP A 225 -10.60 -8.19 -14.32
CA ASP A 225 -11.54 -8.61 -13.28
C ASP A 225 -12.65 -7.54 -13.12
N PHE A 226 -13.63 -7.78 -12.24
CA PHE A 226 -14.83 -6.90 -12.16
C PHE A 226 -15.74 -7.11 -10.92
N GLY A 227 -16.52 -6.08 -10.59
CA GLY A 227 -17.54 -6.17 -9.55
C GLY A 227 -18.56 -5.03 -9.50
N PRO A 228 -19.49 -5.08 -8.53
CA PRO A 228 -20.45 -4.02 -8.26
C PRO A 228 -20.06 -3.18 -7.05
N ASN A 229 -20.73 -2.03 -6.88
CA ASN A 229 -20.61 -1.24 -5.66
C ASN A 229 -21.83 -1.45 -4.78
N SER A 230 -22.00 -0.58 -3.79
CA SER A 230 -23.15 -0.63 -2.89
C SER A 230 -24.40 -0.01 -3.49
N ASP A 231 -24.27 1.25 -3.92
CA ASP A 231 -25.35 2.04 -4.51
C ASP A 231 -25.99 1.41 -5.74
N GLY A 232 -25.27 0.47 -6.37
CA GLY A 232 -25.74 -0.19 -7.58
C GLY A 232 -24.87 0.15 -8.77
N SER A 233 -23.78 0.88 -8.52
CA SER A 233 -22.79 1.16 -9.55
C SER A 233 -21.83 0.00 -9.68
N PHE A 234 -20.87 0.11 -10.58
CA PHE A 234 -19.91 -0.97 -10.81
C PHE A 234 -18.48 -0.49 -10.76
N HIS A 235 -17.58 -1.43 -10.48
CA HIS A 235 -16.15 -1.18 -10.47
C HIS A 235 -15.48 -2.18 -11.41
N ALA A 236 -14.36 -1.78 -12.01
CA ALA A 236 -13.58 -2.69 -12.86
C ALA A 236 -12.07 -2.44 -12.82
N SER A 237 -11.30 -3.49 -13.09
CA SER A 237 -9.89 -3.32 -13.42
C SER A 237 -9.40 -4.35 -14.44
N SER A 238 -8.24 -4.07 -15.04
CA SER A 238 -7.55 -4.95 -15.96
C SER A 238 -6.08 -4.55 -15.86
N SER A 239 -5.18 -5.54 -15.95
CA SER A 239 -3.75 -5.26 -15.84
C SER A 239 -2.94 -5.93 -16.94
N LEU A 240 -1.83 -5.32 -17.30
CA LEU A 240 -0.88 -5.96 -18.21
C LEU A 240 0.52 -5.74 -17.69
N THR A 241 1.48 -6.54 -18.17
CA THR A 241 2.85 -6.45 -17.71
C THR A 241 3.74 -5.85 -18.80
N VAL A 242 4.55 -4.86 -18.43
CA VAL A 242 5.39 -4.17 -19.41
C VAL A 242 6.83 -3.99 -18.94
N LYS A 243 7.64 -3.38 -19.81
CA LYS A 243 9.03 -3.06 -19.49
C LYS A 243 9.07 -1.84 -18.60
N SER A 244 9.85 -1.93 -17.52
CA SER A 244 10.02 -0.83 -16.56
C SER A 244 10.73 0.36 -17.22
N GLY A 245 10.15 1.54 -17.06
CA GLY A 245 10.54 2.71 -17.84
C GLY A 245 9.67 2.82 -19.09
N ASP A 246 9.56 1.71 -19.82
CA ASP A 246 8.79 1.61 -21.07
C ASP A 246 7.30 1.86 -20.84
N GLU A 247 6.87 1.80 -19.58
CA GLU A 247 5.46 1.93 -19.22
C GLU A 247 4.89 3.30 -19.57
N HIS A 248 5.63 4.35 -19.21
CA HIS A 248 5.19 5.71 -19.53
C HIS A 248 4.88 5.86 -21.02
N HIS A 249 5.43 4.96 -21.85
CA HIS A 249 5.08 4.88 -23.27
C HIS A 249 3.89 3.92 -23.49
N TYR A 250 2.83 4.11 -22.72
CA TYR A 250 1.62 3.28 -22.72
C TYR A 250 0.40 4.08 -22.22
N CYS A 251 -0.76 3.84 -22.82
CA CYS A 251 -1.98 4.55 -22.40
C CYS A 251 -3.18 3.63 -22.21
N CYS A 252 -4.14 4.08 -21.43
CA CYS A 252 -5.36 3.32 -21.18
C CYS A 252 -6.48 3.95 -22.00
N ILE A 253 -7.48 3.15 -22.35
CA ILE A 253 -8.62 3.58 -23.16
C ILE A 253 -9.88 2.96 -22.58
N VAL A 254 -10.86 3.80 -22.25
CA VAL A 254 -12.12 3.31 -21.66
C VAL A 254 -13.36 3.64 -22.51
N GLN A 255 -14.19 2.64 -22.75
CA GLN A 255 -15.36 2.79 -23.60
C GLN A 255 -16.63 2.46 -22.84
N HIS A 256 -17.49 3.46 -22.69
CA HIS A 256 -18.67 3.39 -21.82
C HIS A 256 -19.69 4.47 -22.18
N ALA A 257 -20.97 4.13 -22.00
CA ALA A 257 -22.09 5.01 -22.35
C ALA A 257 -21.97 6.41 -21.77
N GLY A 258 -21.43 6.50 -20.56
CA GLY A 258 -21.26 7.77 -19.85
C GLY A 258 -20.41 8.83 -20.53
N LEU A 259 -19.53 8.41 -21.42
CA LEU A 259 -18.68 9.34 -22.18
C LEU A 259 -19.17 9.41 -23.61
N ALA A 260 -18.76 10.44 -24.33
CA ALA A 260 -19.16 10.57 -25.74
C ALA A 260 -18.36 9.63 -26.65
N GLN A 261 -17.09 9.41 -26.31
CA GLN A 261 -16.16 8.70 -27.19
C GLN A 261 -15.04 8.02 -26.39
N PRO A 262 -14.49 6.91 -26.93
CA PRO A 262 -13.39 6.23 -26.27
C PRO A 262 -12.37 7.23 -25.75
N LEU A 263 -12.12 7.19 -24.45
CA LEU A 263 -11.27 8.15 -23.75
C LEU A 263 -9.89 7.58 -23.46
N ARG A 264 -8.84 8.39 -23.62
CA ARG A 264 -7.51 7.99 -23.20
C ARG A 264 -7.28 8.20 -21.70
N VAL A 265 -6.33 7.45 -21.13
CA VAL A 265 -5.90 7.63 -19.75
C VAL A 265 -4.38 7.63 -19.74
N GLU A 266 -3.79 8.52 -18.94
CA GLU A 266 -2.33 8.70 -18.91
C GLU A 266 -1.69 8.23 -17.58
N LEU A 267 -0.36 8.20 -17.56
CA LEU A 267 0.39 7.82 -16.38
C LEU A 267 1.25 9.00 -15.91
N ILE B 1 -23.58 -28.78 -7.71
CA ILE B 1 -22.28 -29.22 -7.15
C ILE B 1 -21.55 -28.10 -6.41
N GLN B 2 -20.42 -28.47 -5.78
CA GLN B 2 -19.56 -27.53 -5.08
C GLN B 2 -18.76 -26.66 -6.05
N ARG B 3 -18.52 -25.42 -5.65
CA ARG B 3 -17.66 -24.51 -6.39
C ARG B 3 -16.88 -23.63 -5.43
N THR B 4 -15.86 -22.96 -5.94
CA THR B 4 -14.97 -22.13 -5.12
C THR B 4 -15.24 -20.62 -5.33
N PRO B 5 -15.06 -19.80 -4.27
CA PRO B 5 -15.35 -18.38 -4.36
C PRO B 5 -14.19 -17.49 -4.83
N LYS B 6 -14.37 -16.81 -5.96
CA LYS B 6 -13.42 -15.75 -6.38
C LYS B 6 -13.63 -14.52 -5.49
N ILE B 7 -12.51 -13.90 -5.11
CA ILE B 7 -12.52 -12.80 -4.16
C ILE B 7 -11.96 -11.53 -4.78
N GLN B 8 -12.56 -10.39 -4.43
CA GLN B 8 -12.12 -9.07 -4.93
C GLN B 8 -12.31 -7.97 -3.88
N VAL B 9 -11.36 -7.03 -3.85
CA VAL B 9 -11.42 -5.90 -2.91
C VAL B 9 -11.11 -4.56 -3.60
N TYR B 10 -11.93 -3.55 -3.30
CA TYR B 10 -11.80 -2.23 -3.93
C TYR B 10 -12.55 -1.15 -3.16
N SER B 11 -12.00 0.06 -3.17
CA SER B 11 -12.73 1.23 -2.68
C SER B 11 -13.61 1.74 -3.81
N ARG B 12 -14.85 2.13 -3.49
CA ARG B 12 -15.78 2.56 -4.53
C ARG B 12 -15.23 3.78 -5.24
N HIS B 13 -15.09 4.87 -4.51
CA HIS B 13 -14.41 6.02 -5.03
C HIS B 13 -12.93 5.79 -4.81
N PRO B 14 -12.06 6.46 -5.58
CA PRO B 14 -10.61 6.20 -5.52
C PRO B 14 -9.98 6.40 -4.13
N ALA B 15 -8.75 5.94 -3.98
CA ALA B 15 -8.05 6.07 -2.70
C ALA B 15 -7.60 7.51 -2.44
N GLU B 16 -8.20 8.13 -1.41
CA GLU B 16 -7.78 9.46 -0.94
C GLU B 16 -7.51 9.51 0.57
N ASN B 17 -6.30 9.94 0.92
CA ASN B 17 -5.82 9.92 2.30
C ASN B 17 -6.61 10.76 3.30
N GLY B 18 -7.24 10.10 4.26
CA GLY B 18 -7.94 10.75 5.36
C GLY B 18 -9.30 11.33 5.02
N LYS B 19 -9.68 11.25 3.75
CA LYS B 19 -11.02 11.64 3.32
C LYS B 19 -11.91 10.40 3.30
N SER B 20 -13.05 10.50 4.00
CA SER B 20 -14.00 9.39 4.08
C SER B 20 -14.44 8.91 2.69
N ASN B 21 -14.64 7.61 2.58
CA ASN B 21 -14.96 6.98 1.30
C ASN B 21 -15.74 5.70 1.55
N PHE B 22 -15.49 4.70 0.70
CA PHE B 22 -16.09 3.39 0.82
C PHE B 22 -15.11 2.29 0.44
N LEU B 23 -15.37 1.09 0.92
CA LEU B 23 -14.57 -0.09 0.61
C LEU B 23 -15.52 -1.25 0.39
N ASN B 24 -15.22 -2.09 -0.59
CA ASN B 24 -16.09 -3.22 -0.94
C ASN B 24 -15.33 -4.55 -1.05
N CYS B 25 -15.96 -5.63 -0.56
CA CYS B 25 -15.49 -7.01 -0.78
C CYS B 25 -16.56 -7.81 -1.54
N TYR B 26 -16.16 -8.44 -2.65
CA TYR B 26 -17.11 -9.09 -3.57
C TYR B 26 -16.71 -10.53 -3.89
N VAL B 27 -16.93 -11.40 -2.90
CA VAL B 27 -16.63 -12.81 -3.07
C VAL B 27 -17.79 -13.43 -3.84
N SER B 28 -17.48 -14.09 -4.94
CA SER B 28 -18.47 -14.41 -5.97
C SER B 28 -18.05 -15.59 -6.83
N GLY B 29 -18.96 -16.54 -7.00
CA GLY B 29 -18.69 -17.73 -7.82
C GLY B 29 -18.71 -19.04 -7.05
N PHE B 30 -19.07 -18.97 -5.79
CA PHE B 30 -19.04 -20.13 -4.90
C PHE B 30 -20.34 -20.93 -4.91
N HIS B 31 -20.22 -22.20 -4.56
CA HIS B 31 -21.37 -23.04 -4.28
C HIS B 31 -20.97 -24.09 -3.24
N PRO B 32 -21.82 -24.31 -2.22
CA PRO B 32 -23.15 -23.74 -1.93
C PRO B 32 -23.14 -22.27 -1.52
N SER B 33 -23.88 -21.95 -0.45
CA SER B 33 -24.11 -20.57 -0.06
C SER B 33 -23.53 -20.17 1.30
N ASP B 34 -23.08 -21.15 2.08
CA ASP B 34 -22.44 -20.86 3.38
C ASP B 34 -21.04 -20.29 3.22
N ILE B 35 -20.78 -19.20 3.95
CA ILE B 35 -19.47 -18.58 3.98
C ILE B 35 -19.39 -17.65 5.20
N GLU B 36 -18.19 -17.39 5.69
CA GLU B 36 -17.97 -16.46 6.79
C GLU B 36 -17.02 -15.37 6.33
N VAL B 37 -17.55 -14.16 6.17
CA VAL B 37 -16.75 -13.02 5.68
C VAL B 37 -16.25 -12.16 6.84
N ASP B 38 -15.00 -11.72 6.74
CA ASP B 38 -14.43 -10.79 7.70
C ASP B 38 -13.48 -9.76 7.07
N LEU B 39 -13.75 -8.50 7.36
CA LEU B 39 -12.86 -7.41 6.94
C LEU B 39 -11.87 -7.09 8.07
N LEU B 40 -10.65 -6.75 7.70
CA LEU B 40 -9.57 -6.54 8.67
C LEU B 40 -8.96 -5.14 8.57
N LYS B 41 -8.98 -4.39 9.67
CA LYS B 41 -8.24 -3.14 9.78
C LYS B 41 -6.95 -3.46 10.51
N ASN B 42 -6.01 -4.05 9.77
CA ASN B 42 -4.81 -4.68 10.34
C ASN B 42 -5.20 -5.80 11.33
N GLY B 43 -5.62 -6.94 10.79
CA GLY B 43 -5.99 -8.10 11.60
C GLY B 43 -7.28 -7.95 12.41
N GLU B 44 -7.37 -6.87 13.18
CA GLU B 44 -8.55 -6.58 13.99
C GLU B 44 -9.79 -6.41 13.11
N ARG B 45 -10.86 -7.10 13.47
CA ARG B 45 -12.09 -7.10 12.69
C ARG B 45 -12.77 -5.72 12.72
N ILE B 46 -13.69 -5.49 11.78
CA ILE B 46 -14.46 -4.24 11.74
C ILE B 46 -15.93 -4.57 11.97
N GLU B 47 -16.51 -3.94 12.99
CA GLU B 47 -17.85 -4.32 13.44
C GLU B 47 -19.00 -3.74 12.59
N LYS B 48 -18.92 -2.45 12.28
CA LYS B 48 -19.97 -1.76 11.51
C LYS B 48 -19.94 -2.10 10.01
N VAL B 49 -20.07 -3.39 9.70
CA VAL B 49 -19.88 -3.89 8.34
C VAL B 49 -21.15 -4.56 7.81
N GLU B 50 -21.70 -3.98 6.75
CA GLU B 50 -22.92 -4.51 6.14
C GLU B 50 -22.67 -5.39 4.93
N HIS B 51 -23.75 -5.96 4.43
CA HIS B 51 -23.73 -6.86 3.29
C HIS B 51 -25.07 -6.73 2.59
N SER B 52 -25.04 -6.59 1.27
CA SER B 52 -26.28 -6.61 0.51
C SER B 52 -26.70 -8.07 0.35
N ASP B 53 -27.81 -8.30 -0.36
CA ASP B 53 -28.41 -9.63 -0.39
C ASP B 53 -27.73 -10.69 -1.29
N LEU B 54 -27.61 -11.89 -0.72
CA LEU B 54 -27.05 -13.06 -1.40
C LEU B 54 -27.81 -13.28 -2.69
N SER B 55 -27.09 -13.54 -3.77
CA SER B 55 -27.64 -13.45 -5.10
C SER B 55 -26.76 -14.18 -6.10
N PHE B 56 -27.38 -14.80 -7.10
CA PHE B 56 -26.64 -15.64 -8.04
C PHE B 56 -26.55 -15.10 -9.47
N SER B 57 -25.72 -15.75 -10.29
CA SER B 57 -25.64 -15.45 -11.72
C SER B 57 -26.20 -16.62 -12.51
N LYS B 58 -26.02 -16.60 -13.83
CA LYS B 58 -26.58 -17.62 -14.73
C LYS B 58 -26.05 -19.03 -14.48
N ASP B 59 -24.73 -19.17 -14.38
CA ASP B 59 -24.09 -20.45 -14.01
C ASP B 59 -24.47 -20.92 -12.59
N TRP B 60 -25.44 -20.22 -12.01
CA TRP B 60 -26.07 -20.60 -10.75
C TRP B 60 -25.28 -20.30 -9.48
N SER B 61 -23.97 -20.14 -9.61
CA SER B 61 -23.13 -19.74 -8.49
C SER B 61 -23.56 -18.37 -7.99
N PHE B 62 -23.45 -18.17 -6.68
CA PHE B 62 -23.87 -16.92 -6.03
C PHE B 62 -22.73 -15.90 -5.95
N TYR B 63 -23.11 -14.63 -5.83
CA TYR B 63 -22.17 -13.56 -5.53
C TYR B 63 -22.60 -12.84 -4.28
N LEU B 64 -21.72 -12.02 -3.71
CA LEU B 64 -21.95 -11.40 -2.40
C LEU B 64 -21.13 -10.14 -2.24
N LEU B 65 -21.80 -9.10 -1.73
CA LEU B 65 -21.13 -7.86 -1.42
C LEU B 65 -21.10 -7.62 0.09
N TYR B 66 -19.91 -7.30 0.60
CA TYR B 66 -19.74 -6.83 1.96
C TYR B 66 -19.11 -5.46 1.93
N TYR B 67 -19.59 -4.54 2.76
CA TYR B 67 -19.09 -3.16 2.67
C TYR B 67 -18.91 -2.45 4.01
N THR B 68 -17.99 -1.49 4.01
CA THR B 68 -17.79 -0.58 5.13
C THR B 68 -17.44 0.82 4.63
N GLU B 69 -17.94 1.83 5.32
CA GLU B 69 -17.58 3.22 5.03
C GLU B 69 -16.28 3.49 5.77
N PHE B 70 -15.25 3.85 5.01
CA PHE B 70 -13.92 3.96 5.59
C PHE B 70 -13.21 5.28 5.30
N THR B 71 -12.42 5.71 6.27
CA THR B 71 -11.54 6.86 6.10
C THR B 71 -10.12 6.33 6.28
N PRO B 72 -9.32 6.39 5.20
CA PRO B 72 -8.06 5.66 5.04
C PRO B 72 -6.76 6.38 5.43
N THR B 73 -5.73 5.58 5.72
CA THR B 73 -4.36 6.06 5.96
C THR B 73 -3.36 5.04 5.40
N GLU B 74 -2.13 5.50 5.13
CA GLU B 74 -1.09 4.68 4.49
C GLU B 74 -0.74 3.40 5.24
N LYS B 75 -0.40 3.53 6.54
CA LYS B 75 0.02 2.38 7.36
C LYS B 75 -1.09 1.34 7.55
N ASP B 76 -2.32 1.82 7.74
CA ASP B 76 -3.49 0.96 7.89
C ASP B 76 -3.67 0.05 6.67
N GLU B 77 -3.54 -1.25 6.89
CA GLU B 77 -3.81 -2.24 5.85
C GLU B 77 -5.28 -2.65 5.88
N TYR B 78 -5.75 -3.27 4.80
CA TYR B 78 -7.15 -3.74 4.73
C TYR B 78 -7.25 -5.07 3.98
N ALA B 79 -7.93 -6.02 4.60
CA ALA B 79 -8.02 -7.39 4.10
C ALA B 79 -9.36 -8.06 4.36
N CYS B 80 -9.73 -8.99 3.47
CA CYS B 80 -11.00 -9.70 3.55
C CYS B 80 -10.76 -11.16 3.87
N ARG B 81 -11.27 -11.62 5.01
CA ARG B 81 -11.18 -13.02 5.40
C ARG B 81 -12.46 -13.77 5.06
N VAL B 82 -12.33 -14.91 4.39
CA VAL B 82 -13.46 -15.71 3.91
C VAL B 82 -13.18 -17.20 4.09
N ASN B 83 -14.21 -17.95 4.50
CA ASN B 83 -14.12 -19.41 4.57
C ASN B 83 -15.32 -20.16 3.99
N HIS B 84 -15.07 -20.87 2.89
CA HIS B 84 -16.08 -21.71 2.26
C HIS B 84 -15.74 -23.15 2.56
N VAL B 85 -16.67 -24.04 2.28
CA VAL B 85 -16.42 -25.47 2.37
C VAL B 85 -15.35 -25.93 1.38
N THR B 86 -15.27 -25.25 0.23
CA THR B 86 -14.20 -25.50 -0.74
C THR B 86 -12.86 -24.93 -0.27
N LEU B 87 -12.90 -24.16 0.82
CA LEU B 87 -11.69 -23.59 1.40
C LEU B 87 -11.17 -24.43 2.55
N SER B 88 -10.12 -25.19 2.25
CA SER B 88 -9.46 -26.08 3.21
C SER B 88 -9.17 -25.38 4.53
N GLN B 89 -9.09 -24.06 4.44
CA GLN B 89 -8.86 -23.18 5.59
C GLN B 89 -9.39 -21.79 5.22
N PRO B 90 -9.64 -20.92 6.23
CA PRO B 90 -10.11 -19.57 5.92
C PRO B 90 -9.08 -18.75 5.15
N LYS B 91 -9.45 -18.32 3.95
CA LYS B 91 -8.57 -17.54 3.07
C LYS B 91 -8.54 -16.07 3.49
N ILE B 92 -7.36 -15.47 3.39
CA ILE B 92 -7.16 -14.06 3.69
C ILE B 92 -6.55 -13.34 2.48
N VAL B 93 -7.26 -12.32 1.99
CA VAL B 93 -6.88 -11.60 0.77
C VAL B 93 -6.58 -10.12 1.05
N LYS B 94 -5.46 -9.63 0.52
CA LYS B 94 -5.00 -8.25 0.75
C LYS B 94 -5.43 -7.28 -0.34
N TRP B 95 -6.01 -6.16 0.07
CA TRP B 95 -6.48 -5.12 -0.86
C TRP B 95 -5.35 -4.25 -1.40
N ASP B 96 -5.38 -4.01 -2.71
CA ASP B 96 -4.49 -3.06 -3.34
C ASP B 96 -5.26 -1.77 -3.65
N ARG B 97 -4.91 -0.67 -2.98
CA ARG B 97 -5.43 0.63 -3.37
C ARG B 97 -4.86 0.96 -4.74
N ASP B 98 -5.72 1.50 -5.61
CA ASP B 98 -5.44 1.55 -7.04
C ASP B 98 -5.49 0.14 -7.61
N MET B 99 -6.61 -0.54 -7.37
CA MET B 99 -6.92 -1.84 -7.97
C MET B 99 -8.31 -1.76 -8.63
N LEU C 5 12.92 -49.53 -8.13
CA LEU C 5 13.15 -50.30 -9.41
C LEU C 5 12.21 -51.50 -9.50
N SER C 6 11.05 -51.26 -10.09
CA SER C 6 9.94 -52.22 -10.04
C SER C 6 9.45 -52.65 -11.41
N LEU C 7 8.51 -53.59 -11.40
CA LEU C 7 7.82 -54.06 -12.59
C LEU C 7 6.30 -53.79 -12.50
N LEU C 8 5.78 -52.95 -13.40
CA LEU C 8 4.34 -52.61 -13.46
C LEU C 8 3.72 -52.88 -14.86
N TYR C 9 2.47 -53.35 -14.90
CA TYR C 9 1.76 -53.67 -16.15
C TYR C 9 0.74 -52.61 -16.53
N HIS C 10 0.70 -52.26 -17.80
CA HIS C 10 -0.24 -51.22 -18.26
C HIS C 10 -1.34 -51.74 -19.17
N LEU C 11 -2.42 -52.20 -18.54
CA LEU C 11 -3.56 -52.72 -19.24
C LEU C 11 -4.47 -51.58 -19.63
N THR C 12 -5.23 -51.81 -20.68
CA THR C 12 -6.17 -50.83 -21.20
C THR C 12 -7.09 -51.58 -22.15
N ALA C 13 -8.37 -51.22 -22.09
CA ALA C 13 -9.37 -51.81 -22.95
C ALA C 13 -10.48 -50.80 -23.21
N VAL C 14 -11.03 -50.80 -24.42
CA VAL C 14 -12.20 -49.96 -24.72
C VAL C 14 -13.35 -50.72 -25.35
N SER C 15 -14.54 -50.46 -24.83
CA SER C 15 -15.78 -51.02 -25.36
C SER C 15 -15.96 -50.58 -26.80
N SER C 16 -15.55 -49.34 -27.09
CA SER C 16 -15.63 -48.77 -28.43
C SER C 16 -14.24 -48.45 -28.98
N PRO C 17 -13.58 -49.43 -29.64
CA PRO C 17 -12.36 -49.13 -30.38
C PRO C 17 -12.61 -48.34 -31.67
N ALA C 18 -11.53 -47.87 -32.31
CA ALA C 18 -11.59 -47.37 -33.69
C ALA C 18 -11.61 -48.58 -34.63
N PRO C 19 -12.20 -48.43 -35.85
CA PRO C 19 -12.32 -49.61 -36.71
C PRO C 19 -10.96 -50.23 -37.00
N GLY C 20 -10.75 -51.45 -36.51
CA GLY C 20 -9.43 -52.08 -36.56
C GLY C 20 -8.44 -51.45 -35.58
N THR C 21 -8.91 -51.18 -34.37
CA THR C 21 -8.08 -50.76 -33.25
C THR C 21 -8.16 -51.86 -32.21
N PRO C 22 -7.03 -52.19 -31.55
CA PRO C 22 -7.09 -53.12 -30.42
C PRO C 22 -7.98 -52.53 -29.34
N ALA C 23 -9.10 -53.20 -29.08
CA ALA C 23 -10.02 -52.78 -28.04
C ALA C 23 -9.45 -53.21 -26.68
N PHE C 24 -8.22 -53.71 -26.72
CA PHE C 24 -7.44 -54.08 -25.53
C PHE C 24 -5.96 -54.15 -25.88
N TRP C 25 -5.12 -53.55 -25.05
CA TRP C 25 -3.67 -53.69 -25.16
C TRP C 25 -3.03 -53.53 -23.81
N VAL C 26 -1.95 -54.25 -23.60
CA VAL C 26 -1.15 -54.10 -22.39
C VAL C 26 0.22 -53.59 -22.80
N SER C 27 0.98 -53.10 -21.84
CA SER C 27 2.36 -52.71 -22.07
C SER C 27 3.16 -52.95 -20.80
N GLY C 28 4.20 -53.77 -20.92
CA GLY C 28 4.95 -54.27 -19.77
C GLY C 28 6.26 -53.54 -19.62
N TRP C 29 6.53 -53.09 -18.40
CA TRP C 29 7.66 -52.19 -18.12
C TRP C 29 8.60 -52.82 -17.11
N LEU C 30 9.83 -52.29 -17.05
CA LEU C 30 10.76 -52.57 -15.94
C LEU C 30 11.12 -51.25 -15.28
N GLY C 31 10.22 -50.78 -14.42
CA GLY C 31 10.26 -49.39 -14.03
C GLY C 31 9.98 -48.58 -15.29
N PRO C 32 11.01 -47.89 -15.82
CA PRO C 32 10.71 -46.94 -16.88
C PRO C 32 10.92 -47.53 -18.25
N GLN C 33 11.25 -48.81 -18.31
CA GLN C 33 11.75 -49.40 -19.55
C GLN C 33 10.78 -50.42 -20.11
N GLN C 34 10.43 -50.26 -21.38
CA GLN C 34 9.47 -51.16 -22.03
C GLN C 34 10.05 -52.46 -22.58
N TYR C 35 9.49 -53.58 -22.14
CA TYR C 35 10.01 -54.91 -22.48
C TYR C 35 8.96 -55.81 -23.12
N LEU C 36 7.74 -55.32 -23.17
CA LEU C 36 6.62 -56.13 -23.60
C LEU C 36 5.57 -55.26 -24.26
N SER C 37 5.04 -55.74 -25.38
CA SER C 37 3.88 -55.13 -26.01
C SER C 37 2.77 -56.16 -25.97
N TYR C 38 1.56 -55.75 -26.34
CA TYR C 38 0.39 -56.63 -26.53
C TYR C 38 -0.85 -55.84 -26.88
N ASN C 39 -1.48 -56.19 -27.99
CA ASN C 39 -2.80 -55.66 -28.27
C ASN C 39 -3.78 -56.78 -28.53
N SER C 40 -5.07 -56.49 -28.39
CA SER C 40 -6.12 -57.52 -28.49
C SER C 40 -6.21 -58.11 -29.89
N LEU C 41 -5.89 -57.30 -30.90
CA LEU C 41 -5.88 -57.74 -32.27
C LEU C 41 -4.84 -58.84 -32.52
N ARG C 42 -3.66 -58.71 -31.91
CA ARG C 42 -2.57 -59.67 -32.10
C ARG C 42 -2.78 -60.94 -31.30
N GLY C 43 -3.17 -60.77 -30.04
CA GLY C 43 -3.29 -61.89 -29.12
C GLY C 43 -1.93 -62.49 -28.80
N GLU C 44 -0.91 -61.98 -29.48
CA GLU C 44 0.48 -62.43 -29.31
C GLU C 44 1.34 -61.32 -28.67
N ALA C 45 2.18 -61.71 -27.71
CA ALA C 45 3.04 -60.76 -26.97
C ALA C 45 4.54 -60.89 -27.28
N GLU C 46 5.25 -59.76 -27.28
CA GLU C 46 6.67 -59.74 -27.66
C GLU C 46 7.49 -58.67 -26.90
N PRO C 47 8.82 -58.83 -26.87
CA PRO C 47 9.72 -57.87 -26.23
C PRO C 47 9.82 -56.58 -27.02
N CYS C 48 10.65 -55.65 -26.53
CA CYS C 48 10.79 -54.34 -27.12
C CYS C 48 12.22 -53.84 -27.02
N GLY C 49 12.89 -53.76 -28.17
CA GLY C 49 14.25 -53.24 -28.26
C GLY C 49 15.30 -54.19 -27.71
N ALA C 50 16.04 -53.72 -26.71
CA ALA C 50 17.08 -54.50 -26.04
C ALA C 50 16.61 -55.89 -25.59
N TRP C 51 15.35 -55.95 -25.17
CA TRP C 51 14.76 -57.14 -24.59
C TRP C 51 14.40 -58.20 -25.61
N VAL C 52 14.49 -57.87 -26.90
CA VAL C 52 14.29 -58.88 -27.96
C VAL C 52 15.50 -59.82 -27.99
N TRP C 53 16.64 -59.30 -27.54
CA TRP C 53 17.91 -60.02 -27.55
C TRP C 53 18.24 -60.69 -26.19
N GLU C 54 17.38 -60.49 -25.19
CA GLU C 54 17.64 -60.99 -23.84
C GLU C 54 17.32 -62.48 -23.70
N ASN C 55 18.30 -63.24 -23.22
CA ASN C 55 18.13 -64.69 -23.01
C ASN C 55 16.94 -64.97 -22.15
N GLN C 56 16.00 -65.78 -22.63
CA GLN C 56 14.81 -66.08 -21.84
C GLN C 56 14.36 -67.54 -21.91
N VAL C 57 13.64 -67.96 -20.87
CA VAL C 57 13.36 -69.36 -20.61
C VAL C 57 12.40 -70.07 -21.59
N SER C 58 12.75 -70.04 -22.87
CA SER C 58 12.16 -70.88 -23.94
C SER C 58 10.63 -71.01 -24.01
N TRP C 59 10.04 -71.38 -22.88
CA TRP C 59 8.59 -71.50 -22.71
C TRP C 59 8.02 -70.22 -22.08
N TYR C 60 8.70 -69.10 -22.31
CA TYR C 60 8.46 -67.87 -21.57
C TYR C 60 7.35 -67.00 -22.12
N TRP C 61 7.49 -66.60 -23.39
CA TRP C 61 6.58 -65.62 -23.97
C TRP C 61 5.16 -66.15 -24.09
N GLU C 62 5.07 -67.44 -24.40
CA GLU C 62 3.80 -68.16 -24.37
C GLU C 62 3.19 -68.20 -22.95
N LYS C 63 4.05 -68.30 -21.93
CA LYS C 63 3.64 -68.33 -20.53
C LYS C 63 3.13 -66.95 -20.10
N GLU C 64 3.72 -65.91 -20.66
CA GLU C 64 3.26 -64.56 -20.43
C GLU C 64 1.95 -64.29 -21.16
N THR C 65 1.87 -64.78 -22.40
CA THR C 65 0.70 -64.62 -23.26
C THR C 65 -0.59 -65.07 -22.57
N THR C 66 -0.81 -66.39 -22.53
CA THR C 66 -2.04 -66.93 -21.93
C THR C 66 -2.36 -66.31 -20.56
N ASP C 67 -1.35 -66.10 -19.73
CA ASP C 67 -1.51 -65.38 -18.45
C ASP C 67 -2.08 -63.98 -18.62
N LEU C 68 -1.53 -63.23 -19.57
CA LEU C 68 -2.08 -61.91 -19.89
C LEU C 68 -3.45 -62.06 -20.56
N ARG C 69 -3.49 -62.72 -21.72
CA ARG C 69 -4.73 -62.97 -22.44
C ARG C 69 -5.94 -63.16 -21.51
N ILE C 70 -5.75 -63.89 -20.42
CA ILE C 70 -6.77 -64.03 -19.39
C ILE C 70 -7.37 -62.65 -19.09
N LYS C 71 -6.49 -61.68 -18.80
CA LYS C 71 -6.92 -60.31 -18.57
C LYS C 71 -7.88 -59.80 -19.64
N GLU C 72 -7.61 -60.14 -20.90
CA GLU C 72 -8.43 -59.64 -22.01
C GLU C 72 -9.87 -60.08 -21.83
N LYS C 73 -10.13 -61.38 -21.84
CA LYS C 73 -11.49 -61.84 -21.65
C LYS C 73 -11.98 -61.60 -20.22
N LEU C 74 -11.12 -61.05 -19.37
CA LEU C 74 -11.54 -60.57 -18.08
C LEU C 74 -12.03 -59.13 -18.22
N PHE C 75 -11.35 -58.37 -19.08
CA PHE C 75 -11.70 -56.96 -19.28
C PHE C 75 -12.95 -56.78 -20.14
N LEU C 76 -12.98 -57.43 -21.30
CA LEU C 76 -14.21 -57.57 -22.08
C LEU C 76 -15.40 -57.92 -21.16
N GLU C 77 -15.14 -58.79 -20.20
CA GLU C 77 -16.15 -59.26 -19.26
C GLU C 77 -16.66 -58.13 -18.37
N ALA C 78 -15.76 -57.24 -17.96
CA ALA C 78 -16.11 -56.14 -17.06
C ALA C 78 -17.07 -55.15 -17.72
N PHE C 79 -16.87 -54.93 -19.02
CA PHE C 79 -17.74 -54.11 -19.86
C PHE C 79 -19.14 -54.69 -19.94
N LYS C 80 -19.25 -56.01 -19.85
CA LYS C 80 -20.55 -56.67 -19.86
C LYS C 80 -21.24 -56.66 -18.49
N ALA C 81 -20.49 -56.31 -17.44
CA ALA C 81 -21.10 -56.08 -16.14
C ALA C 81 -21.67 -54.65 -16.02
N LEU C 82 -21.37 -53.83 -17.02
CA LEU C 82 -21.68 -52.40 -17.01
C LEU C 82 -23.10 -52.02 -17.42
N GLY C 83 -23.64 -50.99 -16.76
CA GLY C 83 -25.01 -50.54 -16.95
C GLY C 83 -25.23 -49.48 -18.04
N GLY C 84 -24.83 -48.24 -17.75
CA GLY C 84 -25.16 -47.07 -18.58
C GLY C 84 -24.65 -47.12 -20.02
N LYS C 85 -25.19 -46.23 -20.86
CA LYS C 85 -24.87 -46.21 -22.30
C LYS C 85 -23.37 -46.17 -22.62
N GLY C 86 -22.58 -45.49 -21.79
CA GLY C 86 -21.13 -45.40 -21.98
C GLY C 86 -20.72 -44.42 -23.08
N PRO C 87 -19.74 -44.80 -23.93
CA PRO C 87 -19.00 -46.05 -23.89
C PRO C 87 -17.77 -45.94 -22.99
N TYR C 88 -17.20 -47.09 -22.64
CA TYR C 88 -16.33 -47.16 -21.48
C TYR C 88 -14.85 -47.28 -21.78
N THR C 89 -14.05 -46.88 -20.80
CA THR C 89 -12.60 -47.00 -20.85
C THR C 89 -12.12 -47.51 -19.49
N LEU C 90 -11.46 -48.67 -19.51
CA LEU C 90 -11.06 -49.36 -18.29
C LEU C 90 -9.57 -49.70 -18.27
N GLN C 91 -8.91 -49.23 -17.22
CA GLN C 91 -7.45 -49.31 -17.07
C GLN C 91 -7.09 -50.12 -15.85
N GLY C 92 -5.95 -50.81 -15.93
CA GLY C 92 -5.43 -51.65 -14.85
C GLY C 92 -3.94 -51.53 -14.73
N LEU C 93 -3.44 -51.59 -13.50
CA LEU C 93 -2.03 -51.34 -13.19
C LEU C 93 -1.49 -52.36 -12.20
N LEU C 94 -1.14 -53.53 -12.73
CA LEU C 94 -0.69 -54.66 -11.93
C LEU C 94 0.82 -54.77 -11.92
N GLY C 95 1.36 -55.38 -10.86
CA GLY C 95 2.78 -55.64 -10.81
C GLY C 95 3.23 -56.03 -9.42
N CYS C 96 4.51 -55.80 -9.15
CA CYS C 96 5.10 -56.15 -7.88
C CYS C 96 6.50 -55.56 -7.79
N GLU C 97 7.19 -55.84 -6.69
CA GLU C 97 8.59 -55.47 -6.52
C GLU C 97 9.17 -56.08 -5.25
N LEU C 98 10.28 -56.79 -5.42
CA LEU C 98 11.02 -57.41 -4.32
C LEU C 98 11.47 -56.34 -3.34
N GLY C 99 11.31 -56.64 -2.05
CA GLY C 99 11.76 -55.75 -0.99
C GLY C 99 13.19 -56.05 -0.54
N PRO C 100 13.50 -55.75 0.75
CA PRO C 100 14.86 -55.95 1.26
C PRO C 100 15.20 -57.38 1.73
N ASP C 101 14.25 -58.31 1.62
CA ASP C 101 14.46 -59.69 2.06
C ASP C 101 13.78 -60.75 1.18
N ASN C 102 13.69 -60.46 -0.13
CA ASN C 102 13.07 -61.34 -1.13
C ASN C 102 11.53 -61.39 -1.14
N THR C 103 10.91 -60.74 -0.15
CA THR C 103 9.45 -60.60 -0.08
C THR C 103 8.92 -59.42 -0.92
N SER C 104 7.87 -59.70 -1.70
CA SER C 104 7.42 -58.80 -2.77
C SER C 104 6.19 -57.97 -2.43
N VAL C 105 6.10 -56.77 -3.02
CA VAL C 105 5.06 -55.78 -2.72
C VAL C 105 4.22 -55.45 -3.97
N PRO C 106 3.03 -56.09 -4.10
CA PRO C 106 2.30 -56.03 -5.38
C PRO C 106 1.55 -54.73 -5.63
N THR C 107 1.24 -54.49 -6.90
CA THR C 107 0.58 -53.26 -7.35
C THR C 107 -0.68 -53.61 -8.12
N ALA C 108 -1.84 -53.35 -7.52
CA ALA C 108 -3.13 -53.61 -8.18
C ALA C 108 -4.13 -52.50 -7.90
N LYS C 109 -4.51 -51.78 -8.96
CA LYS C 109 -5.44 -50.65 -8.88
C LYS C 109 -6.10 -50.48 -10.24
N PHE C 110 -7.36 -50.06 -10.25
CA PHE C 110 -8.12 -49.94 -11.51
C PHE C 110 -8.80 -48.58 -11.68
N ALA C 111 -8.74 -48.05 -12.90
CA ALA C 111 -9.39 -46.78 -13.23
C ALA C 111 -10.57 -46.95 -14.17
N LEU C 112 -11.62 -46.17 -13.92
CA LEU C 112 -12.75 -46.07 -14.84
C LEU C 112 -12.73 -44.68 -15.45
N ASN C 113 -12.91 -44.61 -16.77
CA ASN C 113 -12.71 -43.38 -17.52
C ASN C 113 -11.84 -42.36 -16.79
N GLY C 114 -10.61 -42.77 -16.51
CA GLY C 114 -9.59 -41.91 -15.93
C GLY C 114 -9.60 -41.76 -14.42
N GLU C 115 -10.32 -42.65 -13.73
CA GLU C 115 -10.51 -42.50 -12.29
C GLU C 115 -10.36 -43.78 -11.49
N GLU C 116 -9.29 -43.85 -10.70
CA GLU C 116 -9.06 -44.92 -9.76
C GLU C 116 -10.32 -45.17 -8.94
N PHE C 117 -10.73 -46.42 -8.84
CA PHE C 117 -11.98 -46.78 -8.14
C PHE C 117 -11.94 -48.20 -7.57
N MET C 118 -11.17 -49.07 -8.22
CA MET C 118 -11.00 -50.46 -7.79
C MET C 118 -9.58 -50.77 -7.37
N ASN C 119 -9.45 -51.66 -6.39
CA ASN C 119 -8.19 -52.31 -6.06
C ASN C 119 -8.45 -53.70 -5.46
N PHE C 120 -7.79 -54.73 -5.98
CA PHE C 120 -8.02 -56.10 -5.53
C PHE C 120 -7.38 -56.31 -4.18
N ASP C 121 -8.21 -56.61 -3.18
CA ASP C 121 -7.71 -56.87 -1.85
C ASP C 121 -7.30 -58.33 -1.69
N LEU C 122 -6.00 -58.53 -1.53
CA LEU C 122 -5.42 -59.85 -1.30
C LEU C 122 -5.68 -60.33 0.13
N LYS C 123 -5.55 -59.42 1.09
CA LYS C 123 -5.77 -59.70 2.52
C LYS C 123 -7.02 -60.53 2.78
N GLN C 124 -8.04 -60.34 1.94
CA GLN C 124 -9.29 -61.09 2.03
C GLN C 124 -9.74 -61.62 0.65
N GLY C 125 -8.81 -61.60 -0.31
CA GLY C 125 -8.99 -62.23 -1.63
C GLY C 125 -10.15 -61.74 -2.47
N THR C 126 -10.56 -60.49 -2.26
CA THR C 126 -11.72 -59.95 -2.95
C THR C 126 -11.33 -58.69 -3.69
N TRP C 127 -12.16 -58.30 -4.65
CA TRP C 127 -12.06 -56.94 -5.19
C TRP C 127 -12.87 -56.02 -4.30
N GLY C 128 -12.30 -54.85 -4.01
CA GLY C 128 -12.93 -53.89 -3.12
C GLY C 128 -13.04 -52.51 -3.76
N GLY C 129 -14.04 -51.75 -3.33
CA GLY C 129 -14.30 -50.42 -3.86
C GLY C 129 -15.44 -49.73 -3.16
N ASP C 130 -16.08 -48.81 -3.88
CA ASP C 130 -17.07 -47.90 -3.29
C ASP C 130 -18.28 -47.63 -4.19
N TRP C 131 -18.07 -47.52 -5.49
CA TRP C 131 -19.13 -47.16 -6.44
C TRP C 131 -20.03 -48.32 -6.84
N PRO C 132 -21.17 -48.02 -7.52
CA PRO C 132 -22.16 -49.04 -7.85
C PRO C 132 -21.71 -49.92 -9.01
N GLU C 133 -20.85 -49.37 -9.87
CA GLU C 133 -20.17 -50.18 -10.86
C GLU C 133 -18.94 -50.84 -10.23
N ALA C 134 -18.21 -50.09 -9.41
CA ALA C 134 -17.03 -50.61 -8.73
C ALA C 134 -17.29 -52.01 -8.21
N LEU C 135 -18.36 -52.18 -7.45
CA LEU C 135 -18.71 -53.48 -6.92
C LEU C 135 -19.28 -54.42 -7.96
N ALA C 136 -20.05 -53.86 -8.89
CA ALA C 136 -20.80 -54.69 -9.85
C ALA C 136 -19.89 -55.48 -10.78
N ILE C 137 -18.76 -54.88 -11.13
CA ILE C 137 -17.71 -55.57 -11.90
C ILE C 137 -17.07 -56.64 -11.03
N SER C 138 -16.52 -56.21 -9.90
CA SER C 138 -15.95 -57.09 -8.89
C SER C 138 -16.80 -58.34 -8.75
N GLN C 139 -18.12 -58.16 -8.77
CA GLN C 139 -19.05 -59.27 -8.61
C GLN C 139 -19.19 -60.14 -9.87
N ARG C 140 -18.80 -59.63 -11.04
CA ARG C 140 -18.79 -60.49 -12.22
C ARG C 140 -17.48 -61.26 -12.24
N TRP C 141 -16.46 -60.61 -11.69
CA TRP C 141 -15.18 -61.26 -11.48
C TRP C 141 -15.21 -62.14 -10.23
N GLN C 142 -16.41 -62.39 -9.71
CA GLN C 142 -16.62 -63.50 -8.79
C GLN C 142 -17.61 -64.50 -9.40
N GLN C 143 -17.65 -64.52 -10.73
CA GLN C 143 -18.46 -65.48 -11.49
C GLN C 143 -17.54 -66.36 -12.32
N GLN C 144 -16.56 -65.74 -12.99
CA GLN C 144 -15.54 -66.50 -13.71
C GLN C 144 -14.68 -67.29 -12.72
N ASP C 145 -14.57 -68.59 -12.98
CA ASP C 145 -13.90 -69.55 -12.09
C ASP C 145 -12.40 -69.26 -11.92
N LYS C 146 -11.92 -69.50 -10.70
CA LYS C 146 -10.53 -69.20 -10.26
C LYS C 146 -10.04 -67.82 -10.68
N ALA C 147 -10.97 -66.88 -10.78
CA ALA C 147 -10.65 -65.50 -11.12
C ALA C 147 -9.66 -64.99 -10.11
N ALA C 148 -10.07 -64.99 -8.84
CA ALA C 148 -9.32 -64.34 -7.77
C ALA C 148 -7.94 -64.96 -7.52
N ASN C 149 -7.81 -66.27 -7.75
CA ASN C 149 -6.56 -67.00 -7.56
C ASN C 149 -5.43 -66.56 -8.50
N LYS C 150 -5.70 -66.59 -9.81
CA LYS C 150 -4.71 -66.21 -10.82
C LYS C 150 -4.20 -64.80 -10.59
N GLU C 151 -4.80 -64.11 -9.63
CA GLU C 151 -4.41 -62.76 -9.22
C GLU C 151 -3.43 -62.86 -8.05
N LEU C 152 -3.77 -63.71 -7.08
CA LEU C 152 -2.86 -64.04 -5.99
C LEU C 152 -1.62 -64.72 -6.57
N THR C 153 -1.86 -65.71 -7.44
CA THR C 153 -0.81 -66.35 -8.24
C THR C 153 -0.03 -65.31 -9.02
N PHE C 154 -0.73 -64.63 -9.92
CA PHE C 154 -0.15 -63.64 -10.82
C PHE C 154 0.76 -62.65 -10.10
N LEU C 155 0.23 -62.01 -9.06
CA LEU C 155 0.93 -60.91 -8.40
C LEU C 155 1.93 -61.34 -7.35
N LEU C 156 1.62 -62.43 -6.65
CA LEU C 156 2.48 -62.87 -5.55
C LEU C 156 3.43 -63.98 -5.94
N PHE C 157 2.99 -64.84 -6.86
CA PHE C 157 3.86 -65.91 -7.33
C PHE C 157 4.52 -65.52 -8.65
N SER C 158 3.86 -65.80 -9.77
CA SER C 158 4.51 -65.70 -11.07
C SER C 158 5.06 -64.30 -11.39
N CYS C 159 4.60 -63.28 -10.67
CA CYS C 159 5.07 -61.90 -10.89
C CYS C 159 6.56 -61.75 -10.63
N PRO C 160 6.98 -61.82 -9.35
CA PRO C 160 8.37 -61.45 -9.10
C PRO C 160 9.31 -62.55 -9.57
N HIS C 161 8.73 -63.69 -9.93
CA HIS C 161 9.47 -64.74 -10.60
C HIS C 161 10.05 -64.22 -11.93
N ARG C 162 9.22 -63.51 -12.70
CA ARG C 162 9.67 -62.87 -13.95
C ARG C 162 10.56 -61.66 -13.68
N LEU C 163 10.31 -60.98 -12.55
CA LEU C 163 11.06 -59.78 -12.14
C LEU C 163 12.46 -60.10 -11.62
N ARG C 164 12.59 -61.22 -10.91
CA ARG C 164 13.90 -61.73 -10.49
C ARG C 164 14.62 -62.34 -11.68
N GLU C 165 13.87 -62.85 -12.66
CA GLU C 165 14.40 -63.36 -13.93
C GLU C 165 15.19 -62.31 -14.71
N HIS C 166 14.54 -61.18 -14.99
CA HIS C 166 15.11 -60.11 -15.82
C HIS C 166 16.20 -59.29 -15.10
N LEU C 167 16.11 -59.26 -13.77
CA LEU C 167 17.08 -58.56 -12.91
C LEU C 167 18.47 -59.23 -13.01
N GLU C 168 18.58 -60.26 -13.84
CA GLU C 168 19.85 -60.89 -14.14
C GLU C 168 20.23 -60.79 -15.61
N ARG C 169 19.52 -61.57 -16.43
CA ARG C 169 19.78 -61.64 -17.88
C ARG C 169 19.89 -60.25 -18.49
N GLY C 170 19.13 -59.32 -17.92
CA GLY C 170 19.23 -57.91 -18.27
C GLY C 170 19.59 -57.01 -17.10
N ARG C 171 20.43 -57.51 -16.18
CA ARG C 171 20.93 -56.73 -15.05
C ARG C 171 21.63 -55.48 -15.57
N GLY C 172 22.42 -55.65 -16.63
CA GLY C 172 23.07 -54.54 -17.29
C GLY C 172 22.09 -53.64 -18.05
N ASN C 173 20.91 -54.18 -18.38
CA ASN C 173 19.90 -53.44 -19.13
C ASN C 173 19.34 -52.25 -18.36
N LEU C 174 18.83 -52.50 -17.15
CA LEU C 174 18.26 -51.44 -16.34
C LEU C 174 19.36 -50.48 -15.93
N GLU C 175 20.49 -51.02 -15.50
CA GLU C 175 21.63 -50.23 -15.05
C GLU C 175 22.22 -49.38 -16.17
N TRP C 176 21.56 -49.37 -17.32
CA TRP C 176 21.92 -48.53 -18.46
C TRP C 176 22.00 -47.08 -17.98
N LYS C 177 23.02 -46.37 -18.43
CA LYS C 177 23.18 -44.95 -18.10
C LYS C 177 23.76 -44.13 -19.25
N GLU C 178 22.87 -43.60 -20.08
CA GLU C 178 23.25 -42.68 -21.15
C GLU C 178 23.07 -41.24 -20.69
N PRO C 179 24.20 -40.51 -20.49
CA PRO C 179 24.16 -39.09 -20.14
C PRO C 179 23.60 -38.25 -21.30
N PRO C 180 23.15 -37.01 -21.01
CA PRO C 180 22.44 -36.25 -22.03
C PRO C 180 23.33 -35.32 -22.84
N SER C 181 22.86 -34.97 -24.03
CA SER C 181 23.49 -33.95 -24.85
C SER C 181 22.83 -32.60 -24.52
N MET C 182 23.66 -31.56 -24.37
CA MET C 182 23.21 -30.27 -23.80
C MET C 182 23.29 -29.05 -24.72
N ARG C 183 22.26 -28.20 -24.67
CA ARG C 183 22.28 -26.91 -25.36
C ARG C 183 21.85 -25.79 -24.43
N LEU C 184 22.10 -24.55 -24.85
CA LEU C 184 21.78 -23.40 -24.03
C LEU C 184 21.59 -22.12 -24.86
N LYS C 185 20.96 -22.28 -26.03
CA LYS C 185 20.69 -21.14 -26.93
C LYS C 185 19.66 -20.17 -26.34
N ALA C 186 19.75 -18.89 -26.74
CA ALA C 186 18.96 -17.83 -26.10
C ALA C 186 18.10 -17.02 -27.08
N ARG C 187 16.90 -17.50 -27.34
CA ARG C 187 15.95 -16.80 -28.20
C ARG C 187 15.51 -15.51 -27.52
N PRO C 188 15.36 -14.43 -28.29
CA PRO C 188 14.90 -13.18 -27.68
C PRO C 188 13.38 -13.08 -27.65
N SER C 189 12.82 -13.05 -26.44
CA SER C 189 11.37 -13.03 -26.25
C SER C 189 10.83 -11.62 -26.32
N SER C 190 9.91 -11.30 -25.39
CA SER C 190 9.32 -9.97 -25.25
C SER C 190 10.40 -8.93 -24.96
N PRO C 191 10.38 -7.79 -25.68
CA PRO C 191 11.49 -6.82 -25.63
C PRO C 191 11.84 -6.40 -24.19
N GLY C 192 13.10 -6.63 -23.81
CA GLY C 192 13.54 -6.49 -22.42
C GLY C 192 14.02 -7.84 -21.90
N PHE C 193 13.23 -8.87 -22.17
CA PHE C 193 13.55 -10.25 -21.81
C PHE C 193 13.98 -11.11 -23.01
N SER C 194 14.56 -12.27 -22.71
CA SER C 194 15.03 -13.21 -23.73
C SER C 194 15.06 -14.64 -23.19
N VAL C 195 14.18 -15.49 -23.71
CA VAL C 195 14.03 -16.88 -23.23
C VAL C 195 15.29 -17.73 -23.40
N LEU C 196 15.73 -18.32 -22.28
CA LEU C 196 16.92 -19.18 -22.26
C LEU C 196 16.60 -20.65 -22.02
N THR C 197 16.51 -21.40 -23.12
CA THR C 197 16.23 -22.83 -23.05
C THR C 197 17.49 -23.60 -22.66
N CYS C 198 17.36 -24.50 -21.69
CA CYS C 198 18.44 -25.38 -21.30
C CYS C 198 18.10 -26.78 -21.78
N SER C 199 18.31 -26.99 -23.08
CA SER C 199 17.92 -28.23 -23.78
C SER C 199 18.83 -29.41 -23.44
N ALA C 200 18.23 -30.59 -23.28
CA ALA C 200 18.98 -31.82 -22.98
C ALA C 200 18.44 -33.03 -23.76
N PHE C 201 19.28 -33.63 -24.59
CA PHE C 201 18.85 -34.65 -25.54
C PHE C 201 19.37 -36.03 -25.21
N SER C 202 18.46 -37.00 -25.12
CA SER C 202 18.77 -38.41 -24.87
C SER C 202 19.56 -38.67 -23.58
N PHE C 203 18.90 -39.27 -22.59
CA PHE C 203 19.55 -39.68 -21.35
C PHE C 203 18.77 -40.81 -20.69
N TYR C 204 19.34 -41.40 -19.64
CA TYR C 204 18.67 -42.45 -18.86
C TYR C 204 19.29 -42.67 -17.47
N PRO C 205 18.46 -42.78 -16.41
CA PRO C 205 17.00 -42.65 -16.32
C PRO C 205 16.57 -41.19 -16.38
N PRO C 206 15.25 -40.92 -16.49
CA PRO C 206 14.81 -39.52 -16.62
C PRO C 206 14.94 -38.68 -15.35
N GLU C 207 15.58 -39.23 -14.30
CA GLU C 207 15.96 -38.45 -13.13
C GLU C 207 17.02 -37.41 -13.52
N LEU C 208 16.64 -36.14 -13.42
CA LEU C 208 17.46 -35.04 -13.90
C LEU C 208 17.25 -33.80 -13.04
N GLN C 209 18.31 -33.03 -12.83
CA GLN C 209 18.22 -31.81 -12.03
C GLN C 209 18.87 -30.61 -12.73
N LEU C 210 18.01 -29.77 -13.30
CA LEU C 210 18.44 -28.56 -14.04
C LEU C 210 18.47 -27.31 -13.17
N ARG C 211 19.62 -26.65 -13.14
CA ARG C 211 19.78 -25.45 -12.34
C ARG C 211 20.38 -24.33 -13.16
N PHE C 212 19.70 -23.19 -13.19
CA PHE C 212 20.27 -21.97 -13.73
C PHE C 212 21.05 -21.30 -12.61
N LEU C 213 22.04 -20.49 -12.96
CA LEU C 213 22.83 -19.76 -11.97
C LEU C 213 23.31 -18.41 -12.51
N ARG C 214 22.83 -17.32 -11.92
CA ARG C 214 23.32 -15.98 -12.27
C ARG C 214 24.70 -15.76 -11.67
N ASN C 215 25.61 -15.22 -12.47
CA ASN C 215 27.06 -15.07 -12.14
C ASN C 215 27.53 -15.54 -10.74
N GLY C 216 27.62 -16.85 -10.55
CA GLY C 216 28.03 -17.43 -9.27
C GLY C 216 26.86 -17.79 -8.36
N LEU C 217 26.05 -16.78 -8.02
CA LEU C 217 24.86 -16.95 -7.17
C LEU C 217 23.80 -17.81 -7.86
N ALA C 218 22.67 -18.01 -7.19
CA ALA C 218 21.60 -18.85 -7.73
C ALA C 218 20.74 -18.15 -8.80
N ALA C 219 19.60 -18.79 -9.10
CA ALA C 219 18.58 -18.25 -10.00
C ALA C 219 17.30 -19.06 -9.83
N GLY C 220 17.45 -20.34 -9.49
CA GLY C 220 16.33 -21.28 -9.36
C GLY C 220 15.94 -21.87 -10.70
N THR C 221 15.46 -23.12 -10.69
CA THR C 221 14.98 -23.78 -11.90
C THR C 221 13.87 -22.95 -12.58
N GLY C 222 13.88 -22.96 -13.91
CA GLY C 222 12.87 -22.23 -14.69
C GLY C 222 11.57 -22.99 -14.79
N GLN C 223 11.13 -23.24 -16.02
CA GLN C 223 9.93 -24.03 -16.28
C GLN C 223 10.30 -25.30 -17.06
N GLY C 224 10.41 -26.41 -16.33
CA GLY C 224 10.82 -27.71 -16.88
C GLY C 224 9.85 -28.36 -17.86
N ASP C 225 10.15 -29.61 -18.23
CA ASP C 225 9.43 -30.31 -19.30
C ASP C 225 10.16 -31.59 -19.72
N PHE C 226 9.43 -32.70 -19.81
CA PHE C 226 10.07 -33.99 -20.11
C PHE C 226 9.36 -34.80 -21.21
N GLY C 227 10.15 -35.63 -21.88
CA GLY C 227 9.65 -36.61 -22.86
C GLY C 227 10.71 -37.68 -23.14
N PRO C 228 10.28 -38.89 -23.56
CA PRO C 228 11.23 -39.95 -23.94
C PRO C 228 11.62 -39.88 -25.41
N ASN C 229 12.45 -40.82 -25.85
CA ASN C 229 12.74 -41.02 -27.26
C ASN C 229 12.42 -42.46 -27.61
N SER C 230 12.09 -42.70 -28.87
CA SER C 230 11.65 -44.03 -29.33
C SER C 230 12.63 -45.15 -28.97
N ASP C 231 13.83 -44.79 -28.54
CA ASP C 231 14.82 -45.76 -28.06
C ASP C 231 14.68 -46.05 -26.57
N GLY C 232 13.82 -45.29 -25.89
CA GLY C 232 13.68 -45.35 -24.43
C GLY C 232 14.49 -44.30 -23.69
N SER C 233 15.38 -43.61 -24.41
CA SER C 233 16.22 -42.59 -23.80
C SER C 233 15.38 -41.35 -23.59
N PHE C 234 15.55 -40.70 -22.46
CA PHE C 234 14.68 -39.62 -22.10
C PHE C 234 15.22 -38.26 -22.49
N HIS C 235 14.36 -37.25 -22.44
CA HIS C 235 14.65 -35.91 -22.95
C HIS C 235 13.87 -34.82 -22.20
N ALA C 236 14.56 -33.72 -21.87
CA ALA C 236 13.98 -32.66 -21.04
C ALA C 236 14.45 -31.25 -21.42
N SER C 237 13.63 -30.25 -21.09
CA SER C 237 13.98 -28.85 -21.32
C SER C 237 13.59 -27.96 -20.13
N SER C 238 14.28 -26.82 -19.96
CA SER C 238 13.90 -25.82 -18.95
C SER C 238 14.18 -24.39 -19.43
N SER C 239 13.20 -23.50 -19.27
CA SER C 239 13.30 -22.15 -19.81
C SER C 239 13.26 -21.05 -18.74
N LEU C 240 14.10 -20.03 -18.91
CA LEU C 240 14.18 -18.94 -17.93
C LEU C 240 14.47 -17.57 -18.60
N THR C 241 13.44 -16.70 -18.60
CA THR C 241 13.45 -15.42 -19.31
C THR C 241 14.47 -14.44 -18.73
N VAL C 242 15.34 -13.88 -19.57
CA VAL C 242 16.43 -13.03 -19.06
C VAL C 242 16.42 -11.57 -19.53
N LYS C 243 16.75 -10.67 -18.60
CA LYS C 243 16.96 -9.27 -18.89
C LYS C 243 18.11 -9.14 -19.88
N SER C 244 17.81 -8.65 -21.09
CA SER C 244 18.79 -8.61 -22.18
C SER C 244 19.93 -7.62 -21.96
N GLY C 245 21.16 -8.08 -22.22
CA GLY C 245 22.37 -7.32 -21.95
C GLY C 245 23.04 -7.78 -20.67
N ASP C 246 22.77 -9.04 -20.29
CA ASP C 246 23.24 -9.60 -19.03
C ASP C 246 23.41 -11.11 -19.09
N GLU C 247 22.81 -11.72 -20.11
CA GLU C 247 22.82 -13.18 -20.36
C GLU C 247 24.03 -13.92 -19.77
N HIS C 248 25.22 -13.43 -20.11
CA HIS C 248 26.46 -14.07 -19.75
C HIS C 248 26.93 -13.64 -18.36
N HIS C 249 25.94 -13.49 -17.49
CA HIS C 249 26.13 -13.60 -16.05
C HIS C 249 25.62 -15.00 -15.66
N TYR C 250 24.45 -15.38 -16.19
CA TYR C 250 23.84 -16.69 -15.95
C TYR C 250 24.62 -17.87 -16.57
N CYS C 251 24.21 -19.08 -16.22
CA CYS C 251 24.59 -20.32 -16.92
C CYS C 251 23.81 -21.52 -16.36
N CYS C 252 23.72 -22.59 -17.15
CA CYS C 252 22.92 -23.76 -16.75
C CYS C 252 23.76 -24.86 -16.13
N ILE C 253 23.23 -25.47 -15.07
CA ILE C 253 23.84 -26.58 -14.39
C ILE C 253 22.96 -27.80 -14.57
N VAL C 254 23.59 -28.97 -14.64
CA VAL C 254 22.86 -30.22 -14.81
C VAL C 254 23.48 -31.37 -13.99
N GLN C 255 22.62 -32.24 -13.46
CA GLN C 255 23.03 -33.42 -12.71
C GLN C 255 22.24 -34.65 -13.15
N HIS C 256 22.89 -35.50 -13.94
CA HIS C 256 22.29 -36.75 -14.45
C HIS C 256 23.11 -37.93 -13.93
N ALA C 257 22.49 -39.11 -13.94
CA ALA C 257 23.12 -40.31 -13.37
C ALA C 257 24.12 -41.00 -14.32
N GLY C 258 24.65 -40.24 -15.29
CA GLY C 258 25.60 -40.78 -16.28
C GLY C 258 26.90 -40.01 -16.35
N LEU C 259 26.98 -38.92 -15.57
CA LEU C 259 28.21 -38.15 -15.41
C LEU C 259 28.77 -38.38 -14.02
N ALA C 260 30.08 -38.17 -13.87
CA ALA C 260 30.76 -38.33 -12.59
C ALA C 260 30.44 -37.19 -11.62
N GLN C 261 29.82 -36.13 -12.11
CA GLN C 261 29.63 -34.89 -11.34
C GLN C 261 28.58 -33.95 -11.93
N PRO C 262 27.83 -33.21 -11.06
CA PRO C 262 27.03 -32.08 -11.53
C PRO C 262 27.83 -31.14 -12.46
N LEU C 263 27.54 -31.24 -13.75
CA LEU C 263 28.25 -30.46 -14.77
C LEU C 263 27.63 -29.08 -14.96
N ARG C 264 28.45 -28.13 -15.38
CA ARG C 264 28.01 -26.79 -15.72
C ARG C 264 28.03 -26.63 -17.24
N VAL C 265 26.96 -26.04 -17.77
CA VAL C 265 26.73 -25.96 -19.23
C VAL C 265 26.84 -24.52 -19.73
N GLU C 266 27.32 -24.36 -20.96
CA GLU C 266 27.48 -23.01 -21.58
C GLU C 266 26.59 -22.80 -22.81
N LEU C 267 26.38 -21.53 -23.16
CA LEU C 267 25.54 -21.12 -24.29
C LEU C 267 26.36 -20.95 -25.57
N ILE D 1 -14.14 -38.30 -15.98
CA ILE D 1 -13.35 -37.07 -16.25
C ILE D 1 -12.63 -37.15 -17.60
N GLN D 2 -12.36 -35.98 -18.19
CA GLN D 2 -11.63 -35.90 -19.46
C GLN D 2 -10.49 -34.90 -19.38
N ARG D 3 -9.25 -35.40 -19.32
CA ARG D 3 -8.08 -34.55 -19.22
C ARG D 3 -7.58 -34.17 -20.61
N THR D 4 -7.45 -32.87 -20.87
CA THR D 4 -7.13 -32.38 -22.21
C THR D 4 -5.63 -32.48 -22.51
N PRO D 5 -5.28 -32.95 -23.74
CA PRO D 5 -3.91 -33.19 -24.26
C PRO D 5 -2.91 -32.05 -24.19
N LYS D 6 -1.70 -32.41 -23.73
CA LYS D 6 -0.55 -31.52 -23.68
C LYS D 6 0.46 -32.04 -24.71
N ILE D 7 0.80 -31.18 -25.67
CA ILE D 7 1.68 -31.53 -26.77
C ILE D 7 3.06 -30.90 -26.65
N GLN D 8 4.08 -31.74 -26.67
CA GLN D 8 5.47 -31.30 -26.71
C GLN D 8 6.08 -31.71 -28.04
N VAL D 9 7.05 -30.92 -28.49
CA VAL D 9 7.69 -31.12 -29.78
C VAL D 9 9.21 -30.93 -29.65
N TYR D 10 9.96 -31.98 -29.97
CA TYR D 10 11.43 -31.94 -29.92
C TYR D 10 12.07 -32.88 -30.94
N SER D 11 13.39 -32.76 -31.08
CA SER D 11 14.21 -33.65 -31.92
C SER D 11 14.96 -34.62 -31.02
N ARG D 12 15.33 -35.78 -31.56
CA ARG D 12 16.07 -36.76 -30.75
C ARG D 12 17.41 -36.19 -30.29
N HIS D 13 18.24 -35.84 -31.26
CA HIS D 13 19.55 -35.25 -31.00
C HIS D 13 19.63 -33.83 -31.53
N PRO D 14 20.53 -33.00 -30.95
CA PRO D 14 20.67 -31.61 -31.38
C PRO D 14 20.50 -31.42 -32.88
N ALA D 15 19.70 -30.43 -33.25
CA ALA D 15 19.36 -30.14 -34.65
C ALA D 15 20.55 -29.55 -35.42
N GLU D 16 21.29 -30.44 -36.09
CA GLU D 16 22.41 -30.05 -36.93
C GLU D 16 21.94 -29.95 -38.38
N ASN D 17 21.78 -28.71 -38.85
CA ASN D 17 21.46 -28.45 -40.25
C ASN D 17 22.35 -29.27 -41.18
N GLY D 18 21.73 -30.04 -42.07
CA GLY D 18 22.46 -30.89 -43.01
C GLY D 18 23.14 -32.07 -42.36
N LYS D 19 22.36 -32.85 -41.61
CA LYS D 19 22.84 -34.05 -40.94
C LYS D 19 21.65 -34.80 -40.33
N SER D 20 21.46 -36.04 -40.77
CA SER D 20 20.32 -36.89 -40.38
C SER D 20 20.00 -36.86 -38.88
N ASN D 21 18.71 -36.97 -38.57
CA ASN D 21 18.24 -36.89 -37.19
C ASN D 21 16.86 -37.53 -37.04
N PHE D 22 16.24 -37.30 -35.90
CA PHE D 22 14.87 -37.72 -35.60
C PHE D 22 14.06 -36.57 -34.98
N LEU D 23 12.81 -36.43 -35.41
CA LEU D 23 11.90 -35.49 -34.78
C LEU D 23 10.83 -36.24 -34.02
N ASN D 24 10.45 -35.69 -32.87
CA ASN D 24 9.44 -36.30 -32.02
C ASN D 24 8.26 -35.37 -31.75
N CYS D 25 7.08 -35.97 -31.79
CA CYS D 25 5.87 -35.37 -31.28
C CYS D 25 5.29 -36.32 -30.24
N TYR D 26 5.56 -36.01 -28.98
CA TYR D 26 5.13 -36.81 -27.86
C TYR D 26 4.04 -36.06 -27.12
N VAL D 27 2.88 -36.70 -26.98
CA VAL D 27 1.73 -36.09 -26.33
C VAL D 27 1.56 -36.74 -24.97
N SER D 28 1.52 -35.93 -23.92
CA SER D 28 1.27 -36.45 -22.57
C SER D 28 0.11 -35.72 -21.94
N GLY D 29 -0.66 -36.45 -21.12
CA GLY D 29 -1.68 -35.84 -20.27
C GLY D 29 -3.14 -36.08 -20.64
N PHE D 30 -3.40 -36.85 -21.69
CA PHE D 30 -4.77 -36.92 -22.24
C PHE D 30 -5.71 -38.03 -21.74
N HIS D 31 -7.00 -37.85 -22.06
CA HIS D 31 -8.07 -38.81 -21.77
C HIS D 31 -9.41 -38.30 -22.32
N PRO D 32 -10.15 -39.15 -23.08
CA PRO D 32 -9.85 -40.57 -23.34
C PRO D 32 -8.77 -40.77 -24.41
N SER D 33 -8.46 -42.01 -24.71
CA SER D 33 -7.35 -42.35 -25.60
C SER D 33 -7.64 -42.19 -27.10
N ASP D 34 -8.90 -42.05 -27.48
CA ASP D 34 -9.27 -41.78 -28.87
C ASP D 34 -8.62 -40.47 -29.30
N ILE D 35 -7.62 -40.56 -30.17
CA ILE D 35 -6.83 -39.38 -30.57
C ILE D 35 -6.23 -39.50 -31.96
N GLU D 36 -5.95 -38.34 -32.56
CA GLU D 36 -5.40 -38.27 -33.91
C GLU D 36 -4.25 -37.27 -33.94
N VAL D 37 -3.14 -37.66 -34.59
CA VAL D 37 -1.92 -36.86 -34.59
C VAL D 37 -1.24 -36.87 -35.97
N ASP D 38 -0.75 -35.70 -36.39
CA ASP D 38 -0.05 -35.51 -37.67
C ASP D 38 1.15 -34.55 -37.56
N LEU D 39 2.25 -34.96 -38.19
CA LEU D 39 3.44 -34.12 -38.33
C LEU D 39 3.45 -33.52 -39.73
N LEU D 40 3.93 -32.28 -39.85
CA LEU D 40 3.79 -31.54 -41.10
C LEU D 40 5.06 -30.83 -41.52
N LYS D 41 5.82 -31.52 -42.37
CA LYS D 41 6.98 -30.96 -43.06
C LYS D 41 6.47 -29.76 -43.85
N ASN D 42 6.68 -28.56 -43.30
CA ASN D 42 6.12 -27.32 -43.85
C ASN D 42 4.60 -27.36 -44.09
N GLY D 43 3.94 -28.37 -43.53
CA GLY D 43 2.50 -28.55 -43.71
C GLY D 43 2.11 -29.52 -44.81
N GLU D 44 2.85 -30.63 -44.93
CA GLU D 44 2.49 -31.71 -45.85
C GLU D 44 2.64 -33.05 -45.16
N ARG D 45 1.50 -33.60 -44.73
CA ARG D 45 1.43 -34.82 -43.92
C ARG D 45 2.62 -35.74 -44.16
N ILE D 46 3.55 -35.77 -43.20
CA ILE D 46 4.67 -36.68 -43.28
C ILE D 46 4.13 -38.11 -43.22
N GLU D 47 4.06 -38.73 -44.39
CA GLU D 47 3.46 -40.05 -44.56
C GLU D 47 4.22 -41.09 -43.75
N LYS D 48 5.55 -41.13 -43.90
CA LYS D 48 6.41 -42.10 -43.21
C LYS D 48 6.70 -41.70 -41.77
N VAL D 49 5.68 -41.80 -40.91
CA VAL D 49 5.80 -41.48 -39.50
C VAL D 49 5.46 -42.70 -38.62
N GLU D 50 6.46 -43.11 -37.83
CA GLU D 50 6.26 -44.18 -36.86
C GLU D 50 5.67 -43.61 -35.57
N HIS D 51 4.97 -44.46 -34.84
CA HIS D 51 4.42 -44.10 -33.55
C HIS D 51 4.57 -45.30 -32.63
N SER D 52 5.10 -45.07 -31.44
CA SER D 52 5.23 -46.13 -30.45
C SER D 52 3.89 -46.32 -29.75
N ASP D 53 3.84 -47.26 -28.81
CA ASP D 53 2.61 -47.58 -28.06
C ASP D 53 2.01 -46.42 -27.28
N LEU D 54 0.78 -46.64 -26.83
CA LEU D 54 0.11 -45.73 -25.92
C LEU D 54 -0.02 -46.42 -24.57
N SER D 55 0.50 -45.76 -23.54
CA SER D 55 0.44 -46.25 -22.17
C SER D 55 -0.10 -45.12 -21.30
N PHE D 56 0.14 -45.17 -19.99
CA PHE D 56 -0.35 -44.11 -19.09
C PHE D 56 0.61 -43.86 -17.92
N SER D 57 0.18 -43.04 -16.96
CA SER D 57 1.01 -42.74 -15.78
C SER D 57 0.28 -42.90 -14.46
N LYS D 58 0.95 -42.49 -13.37
CA LYS D 58 0.47 -42.65 -11.99
C LYS D 58 -0.86 -41.89 -11.69
N ASP D 59 -1.42 -41.28 -12.73
CA ASP D 59 -2.68 -40.55 -12.66
C ASP D 59 -3.68 -41.14 -13.65
N TRP D 60 -3.25 -42.19 -14.35
CA TRP D 60 -3.98 -42.82 -15.47
C TRP D 60 -4.27 -41.90 -16.67
N SER D 61 -3.25 -41.18 -17.15
CA SER D 61 -3.43 -40.34 -18.35
C SER D 61 -2.54 -40.80 -19.48
N PHE D 62 -3.16 -41.18 -20.60
CA PHE D 62 -2.42 -41.73 -21.73
C PHE D 62 -1.41 -40.75 -22.28
N TYR D 63 -0.38 -41.29 -22.91
CA TYR D 63 0.62 -40.50 -23.60
C TYR D 63 1.11 -41.30 -24.80
N LEU D 64 1.59 -40.61 -25.82
CA LEU D 64 1.92 -41.27 -27.07
C LEU D 64 3.12 -40.63 -27.74
N LEU D 65 4.02 -41.46 -28.27
CA LEU D 65 5.20 -40.94 -28.95
C LEU D 65 5.13 -41.17 -30.45
N TYR D 66 4.81 -40.09 -31.16
CA TYR D 66 4.93 -40.01 -32.61
C TYR D 66 6.32 -39.47 -32.92
N TYR D 67 7.06 -40.20 -33.77
CA TYR D 67 8.45 -39.87 -34.06
C TYR D 67 8.82 -40.24 -35.49
N THR D 68 9.82 -39.55 -36.05
CA THR D 68 10.30 -39.83 -37.41
C THR D 68 11.70 -39.33 -37.70
N GLU D 69 12.37 -40.00 -38.65
CA GLU D 69 13.68 -39.60 -39.16
C GLU D 69 13.57 -38.39 -40.09
N PHE D 70 14.50 -37.44 -39.97
CA PHE D 70 14.53 -36.24 -40.82
C PHE D 70 15.91 -35.57 -40.80
N THR D 71 16.17 -34.71 -41.79
CA THR D 71 17.46 -34.00 -41.90
C THR D 71 17.27 -32.47 -42.00
N PRO D 72 17.35 -31.76 -40.85
CA PRO D 72 17.12 -30.32 -40.71
C PRO D 72 17.62 -29.45 -41.87
N THR D 73 16.80 -28.49 -42.28
CA THR D 73 17.22 -27.43 -43.21
C THR D 73 16.73 -26.07 -42.67
N GLU D 74 17.60 -25.06 -42.77
CA GLU D 74 17.36 -23.73 -42.18
C GLU D 74 16.09 -23.02 -42.66
N LYS D 75 15.65 -23.36 -43.87
CA LYS D 75 14.45 -22.79 -44.45
C LYS D 75 13.20 -23.52 -43.96
N ASP D 76 13.27 -24.84 -43.97
CA ASP D 76 12.10 -25.67 -43.69
C ASP D 76 11.55 -25.46 -42.29
N GLU D 77 10.22 -25.52 -42.19
CA GLU D 77 9.51 -25.27 -40.94
C GLU D 77 8.71 -26.49 -40.54
N TYR D 78 9.18 -27.16 -39.51
CA TYR D 78 8.55 -28.36 -39.00
C TYR D 78 7.50 -28.03 -37.95
N ALA D 79 6.29 -28.58 -38.12
CA ALA D 79 5.20 -28.31 -37.21
C ALA D 79 4.44 -29.59 -36.91
N CYS D 80 3.90 -29.65 -35.68
CA CYS D 80 3.09 -30.79 -35.24
C CYS D 80 1.67 -30.34 -34.92
N ARG D 81 0.72 -31.17 -35.33
CA ARG D 81 -0.71 -30.87 -35.22
C ARG D 81 -1.44 -32.05 -34.59
N VAL D 82 -2.39 -31.74 -33.71
CA VAL D 82 -3.09 -32.74 -32.92
C VAL D 82 -4.59 -32.46 -32.88
N ASN D 83 -5.41 -33.51 -32.90
CA ASN D 83 -6.85 -33.37 -32.69
C ASN D 83 -7.46 -34.45 -31.81
N HIS D 84 -7.93 -34.01 -30.64
CA HIS D 84 -8.56 -34.88 -29.65
C HIS D 84 -10.01 -34.48 -29.47
N VAL D 85 -10.79 -35.39 -28.88
CA VAL D 85 -12.21 -35.19 -28.68
C VAL D 85 -12.53 -33.98 -27.79
N THR D 86 -11.58 -33.59 -26.95
CA THR D 86 -11.73 -32.42 -26.06
C THR D 86 -11.22 -31.10 -26.69
N LEU D 87 -11.23 -31.06 -28.02
CA LEU D 87 -10.81 -29.86 -28.75
C LEU D 87 -11.91 -29.36 -29.70
N SER D 88 -11.90 -28.05 -29.96
CA SER D 88 -12.82 -27.44 -30.93
C SER D 88 -12.19 -27.42 -32.31
N GLN D 89 -10.86 -27.49 -32.33
CA GLN D 89 -10.08 -27.36 -33.54
C GLN D 89 -9.02 -28.46 -33.57
N PRO D 90 -8.43 -28.72 -34.75
CA PRO D 90 -7.13 -29.38 -34.71
C PRO D 90 -6.04 -28.37 -34.29
N LYS D 91 -5.50 -28.54 -33.07
CA LYS D 91 -4.48 -27.63 -32.55
C LYS D 91 -3.12 -27.88 -33.19
N ILE D 92 -2.38 -26.81 -33.46
CA ILE D 92 -1.09 -26.90 -34.13
C ILE D 92 0.02 -26.22 -33.32
N VAL D 93 1.16 -26.91 -33.19
CA VAL D 93 2.33 -26.36 -32.54
C VAL D 93 3.58 -26.57 -33.41
N LYS D 94 4.28 -25.47 -33.71
CA LYS D 94 5.47 -25.49 -34.58
C LYS D 94 6.73 -25.85 -33.82
N TRP D 95 7.60 -26.66 -34.43
CA TRP D 95 8.87 -27.00 -33.80
C TRP D 95 9.83 -25.83 -33.78
N ASP D 96 10.42 -25.61 -32.61
CA ASP D 96 11.58 -24.76 -32.46
C ASP D 96 12.75 -25.64 -32.06
N ARG D 97 13.80 -25.66 -32.86
CA ARG D 97 15.04 -26.33 -32.48
C ARG D 97 15.64 -25.62 -31.26
N ASP D 98 16.29 -26.38 -30.39
CA ASP D 98 16.65 -25.92 -29.05
C ASP D 98 15.38 -25.75 -28.21
N MET D 99 14.68 -26.87 -28.04
CA MET D 99 13.46 -26.96 -27.24
C MET D 99 13.18 -28.44 -27.01
N LEU E 5 36.37 7.90 22.07
CA LEU E 5 35.31 7.25 21.23
C LEU E 5 34.61 6.08 21.94
N SER E 6 33.36 5.81 21.56
CA SER E 6 32.50 4.81 22.21
C SER E 6 32.05 3.64 21.32
N LEU E 7 31.34 2.69 21.91
CA LEU E 7 30.53 1.73 21.16
C LEU E 7 29.06 2.08 21.41
N LEU E 8 28.28 2.16 20.33
CA LEU E 8 26.88 2.64 20.42
C LEU E 8 25.80 1.88 19.63
N TYR E 9 24.78 1.43 20.35
CA TYR E 9 23.66 0.67 19.79
C TYR E 9 22.39 1.51 19.57
N HIS E 10 21.78 1.36 18.40
CA HIS E 10 20.58 2.15 18.00
C HIS E 10 19.30 1.34 17.89
N LEU E 11 18.55 1.28 18.97
CA LEU E 11 17.39 0.41 19.04
C LEU E 11 16.12 1.15 18.68
N THR E 12 15.27 0.49 17.89
CA THR E 12 13.98 1.04 17.48
C THR E 12 12.93 -0.06 17.49
N ALA E 13 11.78 0.23 18.08
CA ALA E 13 10.66 -0.70 18.09
C ALA E 13 9.36 0.06 17.89
N VAL E 14 8.54 -0.43 16.96
CA VAL E 14 7.34 0.29 16.53
C VAL E 14 6.12 -0.63 16.59
N SER E 15 5.03 -0.13 17.17
CA SER E 15 3.84 -0.94 17.40
C SER E 15 3.06 -1.24 16.11
N SER E 16 3.32 -0.45 15.08
CA SER E 16 2.70 -0.66 13.79
C SER E 16 3.72 -0.53 12.63
N PRO E 17 4.54 -1.58 12.41
CA PRO E 17 5.41 -1.56 11.24
C PRO E 17 4.60 -1.79 9.96
N ALA E 18 5.20 -1.52 8.80
CA ALA E 18 4.60 -1.88 7.52
C ALA E 18 4.85 -3.39 7.26
N PRO E 19 3.97 -4.05 6.47
CA PRO E 19 4.13 -5.49 6.22
C PRO E 19 5.45 -5.81 5.53
N GLY E 20 6.12 -6.89 5.97
CA GLY E 20 7.43 -7.29 5.45
C GLY E 20 8.52 -6.28 5.79
N THR E 21 8.40 -5.71 6.99
CA THR E 21 9.31 -4.72 7.52
C THR E 21 9.37 -4.95 9.02
N PRO E 22 10.60 -5.03 9.57
CA PRO E 22 10.79 -5.40 10.98
C PRO E 22 10.14 -4.43 11.95
N ALA E 23 9.39 -4.98 12.92
CA ALA E 23 8.72 -4.21 13.95
C ALA E 23 9.74 -3.64 14.90
N PHE E 24 10.98 -4.08 14.72
CA PHE E 24 12.10 -3.75 15.58
C PHE E 24 13.34 -3.94 14.74
N TRP E 25 14.37 -3.11 15.00
CA TRP E 25 15.69 -3.29 14.40
C TRP E 25 16.75 -2.35 15.00
N VAL E 26 18.03 -2.68 14.77
CA VAL E 26 19.13 -2.04 15.49
C VAL E 26 20.37 -1.73 14.63
N SER E 27 21.15 -0.74 15.06
CA SER E 27 22.36 -0.36 14.32
C SER E 27 23.59 -0.23 15.24
N GLY E 28 24.65 -0.97 14.89
CA GLY E 28 25.85 -1.03 15.71
C GLY E 28 26.81 0.06 15.33
N TRP E 29 27.25 0.84 16.31
CA TRP E 29 28.17 1.94 16.04
C TRP E 29 29.41 1.87 16.92
N LEU E 30 30.52 2.23 16.28
CA LEU E 30 31.78 2.56 16.91
C LEU E 30 32.13 3.90 16.28
N GLY E 31 32.08 4.96 17.08
CA GLY E 31 32.17 6.34 16.57
C GLY E 31 31.10 6.65 15.53
N PRO E 32 31.43 7.53 14.56
CA PRO E 32 30.56 7.88 13.43
C PRO E 32 30.31 6.75 12.43
N GLN E 33 30.75 5.54 12.78
CA GLN E 33 30.90 4.47 11.81
C GLN E 33 30.21 3.19 12.23
N GLN E 34 29.29 2.72 11.38
CA GLN E 34 28.45 1.55 11.64
C GLN E 34 29.22 0.25 11.41
N TYR E 35 28.90 -0.76 12.22
CA TYR E 35 29.54 -2.06 12.10
C TYR E 35 28.53 -3.22 12.06
N LEU E 36 27.25 -2.90 12.20
CA LEU E 36 26.23 -3.94 12.35
C LEU E 36 24.81 -3.49 11.94
N SER E 37 24.03 -4.44 11.45
CA SER E 37 22.57 -4.34 11.48
C SER E 37 22.02 -5.60 12.13
N TYR E 38 20.69 -5.68 12.25
CA TYR E 38 19.93 -6.81 12.84
C TYR E 38 18.48 -6.38 12.77
N ASN E 39 17.59 -7.25 12.31
CA ASN E 39 16.17 -6.92 12.33
C ASN E 39 15.24 -8.11 12.48
N SER E 40 14.14 -7.90 13.19
CA SER E 40 13.10 -8.91 13.46
C SER E 40 12.54 -9.63 12.22
N LEU E 41 12.65 -8.95 11.07
CA LEU E 41 12.40 -9.57 9.78
C LEU E 41 13.40 -10.71 9.55
N ARG E 42 14.69 -10.38 9.59
CA ARG E 42 15.79 -11.34 9.40
C ARG E 42 16.05 -12.14 10.68
N GLY E 43 16.38 -11.43 11.76
CA GLY E 43 16.60 -12.04 13.06
C GLY E 43 18.02 -12.50 13.34
N GLU E 44 18.97 -12.08 12.49
CA GLU E 44 20.38 -12.44 12.67
C GLU E 44 21.26 -11.22 12.52
N ALA E 45 22.24 -11.08 13.43
CA ALA E 45 23.08 -9.88 13.49
C ALA E 45 24.20 -9.87 12.44
N GLU E 46 23.95 -9.18 11.32
CA GLU E 46 24.90 -9.13 10.21
C GLU E 46 25.79 -7.88 10.23
N PRO E 47 27.09 -8.08 10.50
CA PRO E 47 28.16 -7.08 10.35
C PRO E 47 28.10 -6.31 9.03
N CYS E 48 28.61 -5.08 9.04
CA CYS E 48 28.70 -4.25 7.83
C CYS E 48 30.11 -3.72 7.63
N GLY E 49 30.44 -3.38 6.40
CA GLY E 49 31.67 -2.67 6.05
C GLY E 49 32.90 -3.56 6.06
N ALA E 50 33.98 -3.04 6.65
CA ALA E 50 35.21 -3.82 6.83
C ALA E 50 35.20 -4.62 8.14
N TRP E 51 34.08 -4.55 8.85
CA TRP E 51 33.88 -5.30 10.08
C TRP E 51 33.37 -6.67 9.68
N VAL E 52 33.30 -6.86 8.35
CA VAL E 52 33.06 -8.16 7.74
C VAL E 52 34.41 -8.88 7.63
N TRP E 53 35.46 -8.07 7.49
CA TRP E 53 36.83 -8.55 7.38
C TRP E 53 37.64 -8.42 8.67
N GLU E 54 36.97 -7.92 9.70
CA GLU E 54 37.53 -7.87 11.04
C GLU E 54 37.77 -9.27 11.56
N ASN E 55 39.02 -9.54 11.93
CA ASN E 55 39.39 -10.81 12.59
C ASN E 55 38.49 -11.08 13.77
N GLN E 56 37.80 -12.22 13.71
CA GLN E 56 36.63 -12.45 14.52
C GLN E 56 36.84 -13.44 15.66
N VAL E 57 36.13 -13.20 16.77
CA VAL E 57 36.11 -14.10 17.94
C VAL E 57 35.12 -15.25 17.72
N SER E 58 34.66 -15.40 16.47
CA SER E 58 33.83 -16.52 15.97
C SER E 58 32.46 -16.66 16.66
N TRP E 59 32.46 -17.29 17.83
CA TRP E 59 31.29 -17.41 18.70
C TRP E 59 30.73 -16.03 19.11
N TYR E 60 31.27 -14.97 18.52
CA TYR E 60 30.97 -13.61 18.93
C TYR E 60 29.70 -13.04 18.31
N TRP E 61 29.51 -13.24 17.01
CA TRP E 61 28.35 -12.69 16.33
C TRP E 61 27.06 -13.36 16.75
N GLU E 62 27.14 -14.65 17.05
CA GLU E 62 26.04 -15.38 17.63
C GLU E 62 25.83 -14.90 19.07
N LYS E 63 26.94 -14.56 19.74
CA LYS E 63 26.93 -14.04 21.10
C LYS E 63 26.27 -12.66 21.17
N GLU E 64 26.44 -11.87 20.12
CA GLU E 64 25.66 -10.64 19.93
C GLU E 64 24.21 -10.99 19.64
N THR E 65 24.02 -11.89 18.66
CA THR E 65 22.69 -12.27 18.18
C THR E 65 21.74 -12.61 19.32
N THR E 66 22.26 -13.28 20.35
CA THR E 66 21.45 -13.64 21.52
C THR E 66 21.06 -12.39 22.30
N ASP E 67 22.05 -11.52 22.53
CA ASP E 67 21.85 -10.35 23.37
C ASP E 67 20.70 -9.48 22.88
N LEU E 68 20.59 -9.29 21.56
CA LEU E 68 19.57 -8.42 20.98
C LEU E 68 18.20 -9.09 20.87
N ARG E 69 18.18 -10.42 20.97
CA ARG E 69 16.92 -11.14 21.03
C ARG E 69 16.31 -10.96 22.41
N ILE E 70 17.16 -10.97 23.42
CA ILE E 70 16.74 -10.72 24.81
C ILE E 70 16.20 -9.29 24.95
N LYS E 71 16.92 -8.33 24.37
CA LYS E 71 16.43 -6.96 24.25
C LYS E 71 15.13 -6.95 23.46
N GLU E 72 15.13 -7.58 22.29
CA GLU E 72 13.93 -7.67 21.47
C GLU E 72 12.70 -7.93 22.33
N LYS E 73 12.64 -9.08 22.99
CA LYS E 73 11.48 -9.37 23.85
C LYS E 73 11.23 -8.26 24.86
N LEU E 74 12.25 -7.87 25.62
CA LEU E 74 12.13 -6.77 26.57
C LEU E 74 11.42 -5.56 25.95
N PHE E 75 11.99 -5.08 24.85
CA PHE E 75 11.42 -4.00 24.05
C PHE E 75 10.07 -4.31 23.43
N LEU E 76 9.79 -5.60 23.22
CA LEU E 76 8.54 -5.99 22.61
C LEU E 76 7.48 -6.13 23.66
N GLU E 77 7.88 -6.64 24.82
CA GLU E 77 6.96 -6.85 25.92
C GLU E 77 6.65 -5.50 26.55
N ALA E 78 7.43 -4.50 26.14
CA ALA E 78 7.23 -3.13 26.57
C ALA E 78 5.91 -2.58 26.04
N PHE E 79 5.66 -2.78 24.75
CA PHE E 79 4.39 -2.35 24.16
C PHE E 79 3.16 -2.98 24.81
N LYS E 80 3.39 -3.79 25.85
CA LYS E 80 2.30 -4.45 26.56
C LYS E 80 1.75 -3.61 27.69
N ALA E 81 2.61 -2.85 28.37
CA ALA E 81 2.16 -2.06 29.53
C ALA E 81 1.38 -0.79 29.13
N LEU E 82 1.04 -0.68 27.84
CA LEU E 82 0.50 0.57 27.27
C LEU E 82 -0.96 0.50 26.77
N GLY E 83 -1.89 0.84 27.66
CA GLY E 83 -3.32 0.78 27.37
C GLY E 83 -3.84 1.85 26.45
N GLY E 84 -3.04 2.90 26.25
CA GLY E 84 -3.36 3.94 25.28
C GLY E 84 -3.47 3.30 23.91
N LYS E 85 -3.95 4.05 22.94
CA LYS E 85 -4.07 3.53 21.58
C LYS E 85 -2.70 3.55 20.88
N GLY E 86 -2.13 4.75 20.76
CA GLY E 86 -0.94 4.96 19.95
C GLY E 86 -1.30 5.47 18.56
N PRO E 87 -0.67 4.90 17.50
CA PRO E 87 0.36 3.84 17.52
C PRO E 87 1.67 4.34 18.13
N TYR E 88 2.57 3.40 18.46
CA TYR E 88 3.71 3.70 19.32
C TYR E 88 5.09 3.52 18.67
N THR E 89 6.09 4.20 19.24
CA THR E 89 7.50 4.10 18.81
C THR E 89 8.49 4.06 20.00
N LEU E 90 9.36 3.05 20.02
CA LEU E 90 10.26 2.85 21.16
C LEU E 90 11.73 2.81 20.79
N GLN E 91 12.41 3.90 21.11
CA GLN E 91 13.83 4.02 20.81
C GLN E 91 14.65 3.76 22.06
N GLY E 92 15.66 2.93 21.90
CA GLY E 92 16.68 2.72 22.91
C GLY E 92 17.99 3.20 22.34
N LEU E 93 18.84 3.74 23.21
CA LEU E 93 20.18 4.14 22.80
C LEU E 93 21.16 3.76 23.89
N LEU E 94 21.90 2.69 23.62
CA LEU E 94 22.76 2.07 24.59
C LEU E 94 24.18 2.03 24.10
N GLY E 95 25.11 1.94 25.03
CA GLY E 95 26.53 1.80 24.72
C GLY E 95 27.41 2.19 25.87
N CYS E 96 28.70 2.35 25.57
CA CYS E 96 29.67 2.80 26.56
C CYS E 96 30.93 3.17 25.79
N GLU E 97 31.84 3.88 26.45
CA GLU E 97 33.14 4.19 25.87
C GLU E 97 34.23 3.97 26.88
N LEU E 98 35.41 3.57 26.41
CA LEU E 98 36.54 3.38 27.31
C LEU E 98 37.10 4.71 27.77
N GLY E 99 37.39 4.81 29.06
CA GLY E 99 37.82 6.06 29.66
C GLY E 99 39.25 6.10 30.15
N PRO E 100 39.48 6.79 31.28
CA PRO E 100 40.79 6.95 31.91
C PRO E 100 41.30 5.66 32.54
N ASP E 101 40.74 5.30 33.70
CA ASP E 101 41.23 4.18 34.51
C ASP E 101 40.80 2.82 33.96
N ASN E 102 41.13 2.57 32.68
CA ASN E 102 40.75 1.36 31.96
C ASN E 102 39.23 1.17 31.83
N THR E 103 38.50 2.02 32.55
CA THR E 103 37.03 1.96 32.72
C THR E 103 36.23 2.32 31.46
N SER E 104 34.90 2.33 31.62
CA SER E 104 33.99 2.69 30.54
C SER E 104 32.81 3.54 31.02
N VAL E 105 32.41 4.51 30.18
CA VAL E 105 31.36 5.48 30.48
C VAL E 105 30.06 5.17 29.73
N PRO E 106 29.17 4.37 30.35
CA PRO E 106 27.93 3.88 29.80
C PRO E 106 27.02 4.93 29.17
N THR E 107 26.00 4.44 28.47
CA THR E 107 24.87 5.24 27.99
C THR E 107 23.73 4.26 27.82
N ALA E 108 22.61 4.56 28.48
CA ALA E 108 21.38 3.76 28.33
C ALA E 108 20.14 4.67 28.18
N LYS E 109 19.82 5.03 26.95
CA LYS E 109 18.83 6.10 26.71
C LYS E 109 17.55 5.72 25.97
N PHE E 110 16.42 5.91 26.64
CA PHE E 110 15.13 5.51 26.10
C PHE E 110 14.20 6.68 25.82
N ALA E 111 13.58 6.65 24.64
CA ALA E 111 12.68 7.69 24.20
C ALA E 111 11.35 7.08 23.77
N LEU E 112 10.26 7.77 24.08
CA LEU E 112 8.90 7.29 23.80
C LEU E 112 8.18 8.21 22.82
N ASN E 113 7.93 7.70 21.62
CA ASN E 113 7.42 8.48 20.47
C ASN E 113 8.28 9.70 20.10
N GLY E 114 9.56 9.65 20.46
CA GLY E 114 10.52 10.73 20.17
C GLY E 114 10.68 11.71 21.31
N GLU E 115 10.32 11.30 22.52
CA GLU E 115 10.44 12.15 23.71
C GLU E 115 11.11 11.41 24.86
N GLU E 116 12.43 11.53 24.94
CA GLU E 116 13.24 10.91 25.99
C GLU E 116 12.41 10.70 27.24
N PHE E 117 12.43 9.49 27.78
CA PHE E 117 11.48 9.13 28.83
C PHE E 117 11.97 8.14 29.87
N MET E 118 13.17 7.59 29.67
CA MET E 118 13.79 6.68 30.63
C MET E 118 15.30 6.64 30.48
N ASN E 119 15.98 6.43 31.59
CA ASN E 119 17.33 5.94 31.58
C ASN E 119 17.37 4.66 32.38
N PHE E 120 18.55 4.06 32.47
CA PHE E 120 18.77 2.90 33.32
C PHE E 120 19.62 3.40 34.49
N ASP E 121 19.05 3.40 35.69
CA ASP E 121 19.80 3.83 36.86
C ASP E 121 20.78 2.74 37.23
N LEU E 122 22.04 2.95 36.89
CA LEU E 122 23.08 1.99 37.22
C LEU E 122 23.19 1.73 38.73
N LYS E 123 23.13 2.81 39.51
CA LYS E 123 23.39 2.75 40.95
C LYS E 123 22.49 1.80 41.75
N GLN E 124 21.41 1.30 41.12
CA GLN E 124 20.54 0.31 41.77
C GLN E 124 19.88 -0.70 40.80
N GLY E 125 20.34 -0.69 39.54
CA GLY E 125 19.85 -1.61 38.52
C GLY E 125 18.36 -1.48 38.32
N THR E 126 17.95 -0.36 37.73
CA THR E 126 16.53 -0.01 37.58
C THR E 126 16.36 0.95 36.41
N TRP E 127 15.16 0.99 35.85
CA TRP E 127 14.81 2.00 34.84
C TRP E 127 14.07 3.19 35.47
N GLY E 128 14.42 4.40 35.07
CA GLY E 128 13.90 5.60 35.72
C GLY E 128 12.98 6.50 34.91
N GLY E 129 11.91 6.97 35.54
CA GLY E 129 10.98 7.90 34.90
C GLY E 129 9.78 8.25 35.77
N ASP E 130 9.38 9.52 35.72
CA ASP E 130 8.21 9.99 36.46
C ASP E 130 6.92 9.71 35.71
N TRP E 131 7.01 9.66 34.38
CA TRP E 131 5.86 9.42 33.49
C TRP E 131 5.12 8.12 33.82
N PRO E 132 3.77 8.19 33.88
CA PRO E 132 2.94 7.02 34.09
C PRO E 132 3.42 5.79 33.31
N GLU E 133 3.50 5.92 31.98
CA GLU E 133 3.93 4.83 31.12
C GLU E 133 5.30 4.29 31.50
N ALA E 134 6.31 5.16 31.46
CA ALA E 134 7.68 4.79 31.84
C ALA E 134 7.77 4.07 33.20
N LEU E 135 6.82 4.35 34.09
CA LEU E 135 6.74 3.66 35.38
C LEU E 135 6.18 2.25 35.24
N ALA E 136 5.33 2.05 34.23
CA ALA E 136 4.70 0.76 33.97
C ALA E 136 5.68 -0.21 33.33
N ILE E 137 6.56 0.31 32.48
CA ILE E 137 7.54 -0.50 31.79
C ILE E 137 8.76 -0.77 32.67
N SER E 138 9.09 0.18 33.54
CA SER E 138 10.19 0.00 34.48
C SER E 138 9.88 -1.08 35.52
N GLN E 139 8.61 -1.21 35.90
CA GLN E 139 8.22 -2.26 36.83
C GLN E 139 8.15 -3.59 36.10
N ARG E 140 7.64 -3.56 34.86
CA ARG E 140 7.42 -4.78 34.09
C ARG E 140 8.73 -5.44 33.71
N TRP E 141 9.74 -4.62 33.45
CA TRP E 141 11.09 -5.11 33.13
C TRP E 141 11.77 -5.68 34.36
N GLN E 142 11.38 -5.20 35.54
CA GLN E 142 11.76 -5.85 36.77
C GLN E 142 11.08 -7.22 36.81
N GLN E 143 9.81 -7.25 36.43
CA GLN E 143 8.96 -8.44 36.51
C GLN E 143 9.32 -9.51 35.46
N GLN E 144 9.93 -9.12 34.35
CA GLN E 144 10.55 -10.10 33.46
C GLN E 144 11.84 -10.59 34.12
N ASP E 145 11.86 -11.86 34.49
CA ASP E 145 12.95 -12.39 35.32
C ASP E 145 14.33 -12.21 34.70
N LYS E 146 15.32 -12.00 35.56
CA LYS E 146 16.76 -11.93 35.20
C LYS E 146 17.19 -10.86 34.17
N ALA E 147 16.27 -10.02 33.73
CA ALA E 147 16.57 -8.97 32.77
C ALA E 147 17.51 -7.90 33.35
N ALA E 148 17.21 -7.43 34.55
CA ALA E 148 17.94 -6.33 35.16
C ALA E 148 19.44 -6.61 35.39
N ASN E 149 19.78 -7.86 35.69
CA ASN E 149 21.17 -8.27 35.92
C ASN E 149 21.89 -8.78 34.66
N LYS E 150 21.11 -9.12 33.64
CA LYS E 150 21.61 -9.32 32.29
C LYS E 150 21.87 -7.94 31.66
N GLU E 151 21.56 -6.90 32.43
CA GLU E 151 21.67 -5.52 32.01
C GLU E 151 22.93 -4.87 32.53
N LEU E 152 23.10 -4.88 33.85
CA LEU E 152 24.34 -4.43 34.46
C LEU E 152 25.49 -5.11 33.75
N THR E 153 25.38 -6.43 33.57
CA THR E 153 26.34 -7.18 32.77
C THR E 153 26.51 -6.58 31.37
N PHE E 154 25.40 -6.29 30.69
CA PHE E 154 25.47 -5.85 29.29
C PHE E 154 26.28 -4.57 29.11
N LEU E 155 26.30 -3.74 30.15
CA LEU E 155 27.09 -2.53 30.07
C LEU E 155 28.49 -2.81 30.56
N LEU E 156 28.66 -2.93 31.87
CA LEU E 156 29.99 -3.00 32.49
C LEU E 156 30.86 -4.15 31.97
N PHE E 157 30.28 -5.33 31.76
CA PHE E 157 31.09 -6.49 31.38
C PHE E 157 31.13 -6.77 29.88
N SER E 158 29.99 -6.59 29.21
CA SER E 158 29.83 -7.00 27.83
C SER E 158 30.21 -5.92 26.81
N CYS E 159 29.77 -4.69 27.06
CA CYS E 159 30.03 -3.55 26.17
C CYS E 159 31.53 -3.34 25.93
N PRO E 160 32.28 -2.92 26.98
CA PRO E 160 33.66 -2.50 26.72
C PRO E 160 34.48 -3.65 26.20
N HIS E 161 34.09 -4.87 26.56
CA HIS E 161 34.71 -6.07 26.00
C HIS E 161 34.66 -5.99 24.48
N ARG E 162 33.44 -5.97 23.93
CA ARG E 162 33.24 -5.77 22.49
C ARG E 162 33.92 -4.49 21.96
N LEU E 163 34.22 -3.54 22.85
CA LEU E 163 34.97 -2.34 22.46
C LEU E 163 36.50 -2.53 22.56
N ARG E 164 36.95 -3.27 23.58
CA ARG E 164 38.37 -3.51 23.80
C ARG E 164 38.93 -4.52 22.80
N GLU E 165 38.06 -5.32 22.21
CA GLU E 165 38.48 -6.23 21.15
C GLU E 165 38.61 -5.43 19.85
N HIS E 166 37.47 -4.98 19.33
CA HIS E 166 37.41 -4.11 18.14
C HIS E 166 38.53 -3.06 18.07
N LEU E 167 39.11 -2.73 19.22
CA LEU E 167 40.18 -1.74 19.29
C LEU E 167 41.55 -2.29 18.92
N GLU E 168 41.75 -3.60 19.06
CA GLU E 168 42.94 -4.22 18.51
C GLU E 168 42.65 -4.64 17.07
N ARG E 169 41.55 -5.37 16.93
CA ARG E 169 41.23 -6.08 15.69
C ARG E 169 40.88 -5.14 14.55
N GLY E 170 40.20 -4.05 14.87
CA GLY E 170 39.72 -3.12 13.85
C GLY E 170 40.29 -1.72 13.91
N ARG E 171 41.24 -1.50 14.82
CA ARG E 171 41.84 -0.17 15.07
C ARG E 171 42.05 0.68 13.81
N GLY E 172 42.73 0.12 12.82
CA GLY E 172 42.98 0.82 11.56
C GLY E 172 41.74 1.41 10.90
N ASN E 173 40.68 0.61 10.79
CA ASN E 173 39.43 1.01 10.14
C ASN E 173 39.02 2.41 10.54
N LEU E 174 39.09 2.65 11.84
CA LEU E 174 38.80 3.95 12.38
C LEU E 174 39.97 4.87 12.04
N GLU E 175 41.14 4.55 12.60
CA GLU E 175 42.37 5.33 12.43
C GLU E 175 42.49 5.92 11.03
N TRP E 176 41.88 5.22 10.07
CA TRP E 176 41.76 5.65 8.67
C TRP E 176 41.23 7.07 8.52
N LYS E 177 41.97 7.88 7.78
CA LYS E 177 41.58 9.26 7.49
C LYS E 177 41.66 9.45 5.98
N GLU E 178 40.53 9.75 5.36
CA GLU E 178 40.45 9.96 3.92
C GLU E 178 40.11 11.42 3.63
N PRO E 179 40.94 12.09 2.80
CA PRO E 179 40.73 13.51 2.53
C PRO E 179 39.51 13.72 1.62
N PRO E 180 39.09 14.99 1.39
CA PRO E 180 37.92 15.26 0.58
C PRO E 180 38.20 15.74 -0.83
N SER E 181 37.59 15.12 -1.83
CA SER E 181 37.55 15.69 -3.17
C SER E 181 36.78 17.01 -3.08
N MET E 182 37.44 18.11 -3.42
CA MET E 182 36.81 19.43 -3.34
C MET E 182 36.39 19.94 -4.69
N ARG E 183 35.33 20.74 -4.69
CA ARG E 183 34.90 21.48 -5.87
C ARG E 183 34.28 22.79 -5.41
N LEU E 184 34.72 23.91 -5.99
CA LEU E 184 34.12 25.21 -5.69
C LEU E 184 33.46 25.85 -6.91
N LYS E 185 32.13 25.78 -6.98
CA LYS E 185 31.40 26.36 -8.13
C LYS E 185 30.71 27.69 -7.79
N ALA E 186 30.14 28.31 -8.81
CA ALA E 186 29.45 29.59 -8.68
C ALA E 186 28.44 29.84 -9.81
N ARG E 187 27.16 29.64 -9.50
CA ARG E 187 26.08 30.02 -10.39
C ARG E 187 25.64 31.47 -10.08
N PRO E 188 24.85 32.09 -10.99
CA PRO E 188 24.29 33.40 -10.67
C PRO E 188 23.09 33.30 -9.73
N SER E 189 23.02 34.17 -8.73
CA SER E 189 21.89 34.15 -7.79
C SER E 189 20.78 35.10 -8.27
N SER E 190 20.15 35.80 -7.32
CA SER E 190 19.19 36.88 -7.62
C SER E 190 19.88 38.01 -8.39
N PRO E 191 19.10 38.90 -9.04
CA PRO E 191 19.73 40.00 -9.78
C PRO E 191 20.70 40.79 -8.91
N GLY E 192 21.98 40.74 -9.23
CA GLY E 192 23.01 41.35 -8.39
C GLY E 192 23.24 40.51 -7.13
N PHE E 193 23.99 39.43 -7.31
CA PHE E 193 24.31 38.47 -6.25
C PHE E 193 24.83 37.20 -6.92
N SER E 194 25.98 36.74 -6.45
CA SER E 194 26.58 35.50 -6.93
C SER E 194 26.65 34.48 -5.81
N VAL E 195 26.38 33.21 -6.14
CA VAL E 195 26.36 32.14 -5.15
C VAL E 195 27.61 31.28 -5.22
N LEU E 196 28.25 31.10 -4.06
CA LEU E 196 29.46 30.29 -3.95
C LEU E 196 29.23 29.07 -3.06
N THR E 197 29.01 27.93 -3.70
CA THR E 197 28.89 26.65 -3.01
C THR E 197 30.27 26.03 -2.94
N CYS E 198 30.73 25.69 -1.74
CA CYS E 198 31.96 24.94 -1.61
C CYS E 198 31.65 23.46 -1.36
N SER E 199 31.84 22.65 -2.40
CA SER E 199 31.37 21.27 -2.40
C SER E 199 32.46 20.31 -1.99
N ALA E 200 32.23 19.64 -0.87
CA ALA E 200 33.13 18.63 -0.34
C ALA E 200 32.60 17.24 -0.59
N PHE E 201 33.48 16.35 -1.07
CA PHE E 201 33.10 14.99 -1.44
C PHE E 201 33.98 13.94 -0.77
N SER E 202 33.38 12.81 -0.41
CA SER E 202 34.11 11.56 -0.09
C SER E 202 35.18 11.66 0.99
N PHE E 203 34.87 12.29 2.11
CA PHE E 203 35.87 12.44 3.18
C PHE E 203 35.64 11.56 4.40
N TYR E 204 36.72 11.24 5.12
CA TYR E 204 36.66 10.64 6.44
C TYR E 204 37.90 11.04 7.26
N PRO E 205 37.74 11.35 8.56
CA PRO E 205 36.52 11.42 9.36
C PRO E 205 35.72 12.64 8.99
N PRO E 206 34.40 12.63 9.24
CA PRO E 206 33.54 13.76 8.85
C PRO E 206 33.78 15.08 9.58
N GLU E 207 34.52 15.06 10.70
CA GLU E 207 34.82 16.29 11.43
C GLU E 207 35.51 17.24 10.49
N LEU E 208 34.79 18.28 10.07
CA LEU E 208 35.25 19.17 9.00
C LEU E 208 34.99 20.64 9.31
N GLN E 209 35.71 21.51 8.62
CA GLN E 209 35.47 22.94 8.67
C GLN E 209 35.61 23.51 7.27
N LEU E 210 34.65 24.33 6.87
CA LEU E 210 34.84 25.19 5.72
C LEU E 210 34.82 26.63 6.22
N ARG E 211 35.67 27.48 5.63
CA ARG E 211 35.79 28.86 6.05
C ARG E 211 36.04 29.73 4.82
N PHE E 212 35.00 30.43 4.35
CA PHE E 212 35.13 31.24 3.15
C PHE E 212 36.10 32.41 3.35
N LEU E 213 36.78 32.78 2.26
CA LEU E 213 37.85 33.80 2.30
C LEU E 213 37.79 34.79 1.16
N ARG E 214 38.24 36.01 1.44
CA ARG E 214 38.19 37.08 0.45
C ARG E 214 39.56 37.70 0.26
N ASN E 215 40.11 37.51 -0.95
CA ASN E 215 41.37 38.13 -1.36
C ASN E 215 42.29 38.47 -0.18
N GLY E 216 42.53 37.46 0.67
CA GLY E 216 43.34 37.65 1.87
C GLY E 216 42.49 37.73 3.13
N LEU E 217 41.71 38.81 3.24
CA LEU E 217 40.89 39.13 4.44
C LEU E 217 39.72 38.17 4.68
N ALA E 218 39.47 37.86 5.96
CA ALA E 218 38.47 36.87 6.41
C ALA E 218 37.04 37.14 5.91
N ALA E 219 36.26 36.08 5.70
CA ALA E 219 34.96 36.24 5.02
C ALA E 219 33.74 35.48 5.59
N GLY E 220 33.95 34.64 6.60
CA GLY E 220 32.83 34.03 7.35
C GLY E 220 32.20 32.80 6.71
N THR E 221 31.90 31.81 7.52
CA THR E 221 31.38 30.51 7.06
C THR E 221 29.93 30.65 6.57
N GLY E 222 29.64 30.10 5.39
CA GLY E 222 28.33 30.25 4.76
C GLY E 222 27.23 29.43 5.40
N GLN E 223 26.19 29.12 4.62
CA GLN E 223 25.11 28.25 5.08
C GLN E 223 25.62 26.81 5.21
N GLY E 224 25.55 26.27 6.43
CA GLY E 224 26.17 24.97 6.77
C GLY E 224 25.32 23.71 6.64
N ASP E 225 25.64 22.89 5.64
CA ASP E 225 24.95 21.63 5.38
C ASP E 225 25.81 20.39 5.71
N PHE E 226 25.19 19.21 5.74
CA PHE E 226 25.88 17.98 6.19
C PHE E 226 25.26 16.67 5.68
N GLY E 227 26.10 15.72 5.28
CA GLY E 227 25.61 14.44 4.79
C GLY E 227 26.64 13.32 4.71
N PRO E 228 26.19 12.04 4.87
CA PRO E 228 27.01 10.86 4.76
C PRO E 228 26.94 10.23 3.36
N ASN E 229 27.56 9.07 3.22
CA ASN E 229 27.59 8.34 1.96
C ASN E 229 27.16 6.88 2.09
N SER E 230 27.24 6.15 0.99
CA SER E 230 26.87 4.73 0.95
C SER E 230 27.88 3.86 1.69
N ASP E 231 29.13 3.86 1.22
CA ASP E 231 30.19 3.03 1.79
C ASP E 231 30.68 3.54 3.15
N GLY E 232 29.87 4.37 3.79
CA GLY E 232 30.21 4.94 5.08
C GLY E 232 30.99 6.23 5.00
N SER E 233 31.18 6.75 3.78
CA SER E 233 31.91 8.01 3.57
C SER E 233 31.08 9.27 3.85
N PHE E 234 31.55 10.43 3.40
CA PHE E 234 30.90 11.70 3.73
C PHE E 234 30.97 12.81 2.66
N HIS E 235 29.91 13.62 2.62
CA HIS E 235 29.82 14.81 1.77
C HIS E 235 29.60 16.06 2.63
N ALA E 236 29.89 17.24 2.06
CA ALA E 236 29.59 18.53 2.72
C ALA E 236 29.46 19.69 1.72
N SER E 237 28.61 20.66 2.03
CA SER E 237 28.57 21.91 1.25
C SER E 237 28.14 23.12 2.07
N SER E 238 28.71 24.28 1.73
CA SER E 238 28.39 25.55 2.36
C SER E 238 28.51 26.64 1.30
N SER E 239 27.64 27.65 1.40
CA SER E 239 27.57 28.73 0.42
C SER E 239 27.36 30.09 1.09
N LEU E 240 28.07 31.11 0.62
CA LEU E 240 27.89 32.46 1.13
C LEU E 240 27.79 33.42 -0.04
N THR E 241 26.88 34.39 0.08
CA THR E 241 26.53 35.28 -1.04
C THR E 241 27.61 36.33 -1.31
N VAL E 242 27.92 36.50 -2.59
CA VAL E 242 29.01 37.39 -2.99
C VAL E 242 28.60 38.35 -4.10
N LYS E 243 29.45 39.36 -4.34
CA LYS E 243 29.23 40.34 -5.38
C LYS E 243 29.48 39.74 -6.75
N SER E 244 28.62 40.10 -7.71
CA SER E 244 28.63 39.50 -9.04
C SER E 244 29.75 40.07 -9.92
N GLY E 245 30.69 39.19 -10.31
CA GLY E 245 31.92 39.59 -11.01
C GLY E 245 33.07 39.67 -10.04
N ASP E 246 32.73 39.64 -8.75
CA ASP E 246 33.66 39.81 -7.64
C ASP E 246 34.08 38.44 -7.12
N GLU E 247 33.47 37.39 -7.69
CA GLU E 247 33.65 36.02 -7.22
C GLU E 247 35.10 35.57 -7.22
N HIS E 248 35.78 35.73 -8.35
CA HIS E 248 37.16 35.30 -8.46
C HIS E 248 38.04 35.93 -7.36
N HIS E 249 37.60 37.05 -6.80
CA HIS E 249 38.33 37.71 -5.70
C HIS E 249 38.15 36.99 -4.35
N TYR E 250 37.45 35.86 -4.37
CA TYR E 250 37.28 34.99 -3.20
C TYR E 250 38.01 33.67 -3.42
N CYS E 251 38.39 33.02 -2.31
CA CYS E 251 38.89 31.65 -2.33
C CYS E 251 38.20 30.86 -1.23
N CYS E 252 38.13 29.54 -1.40
CA CYS E 252 37.56 28.66 -0.39
C CYS E 252 38.66 28.07 0.49
N ILE E 253 38.23 27.41 1.57
CA ILE E 253 39.13 26.70 2.49
C ILE E 253 38.51 25.38 2.90
N VAL E 254 39.35 24.35 2.99
CA VAL E 254 38.94 23.09 3.62
C VAL E 254 40.02 22.64 4.63
N GLN E 255 39.57 22.19 5.78
CA GLN E 255 40.49 21.79 6.86
C GLN E 255 40.15 20.39 7.35
N HIS E 256 41.15 19.51 7.35
CA HIS E 256 40.91 18.10 7.64
C HIS E 256 42.05 17.34 8.31
N ALA E 257 41.68 16.24 9.00
CA ALA E 257 42.63 15.30 9.54
C ALA E 257 43.29 14.51 8.42
N GLY E 258 42.71 14.59 7.24
CA GLY E 258 43.24 13.92 6.06
C GLY E 258 44.24 14.76 5.28
N LEU E 259 44.42 16.01 5.68
CA LEU E 259 45.40 16.90 5.03
C LEU E 259 46.50 17.31 6.01
N ALA E 260 47.69 17.57 5.49
CA ALA E 260 48.81 18.05 6.31
C ALA E 260 48.44 19.35 7.01
N GLN E 261 47.66 20.18 6.32
CA GLN E 261 47.37 21.55 6.72
C GLN E 261 46.10 22.07 6.03
N PRO E 262 45.50 23.14 6.59
CA PRO E 262 44.39 23.81 5.92
C PRO E 262 44.68 24.02 4.43
N LEU E 263 43.62 23.99 3.62
CA LEU E 263 43.79 24.05 2.17
C LEU E 263 42.95 25.15 1.50
N ARG E 264 43.61 26.08 0.82
CA ARG E 264 42.89 27.01 -0.03
C ARG E 264 42.32 26.27 -1.24
N VAL E 265 41.23 26.78 -1.81
CA VAL E 265 40.69 26.28 -3.07
C VAL E 265 40.27 27.44 -3.96
N GLU E 266 40.71 27.43 -5.21
CA GLU E 266 40.51 28.55 -6.14
C GLU E 266 39.28 28.37 -7.03
N LEU E 267 39.16 29.22 -8.04
CA LEU E 267 38.03 29.18 -8.96
C LEU E 267 38.10 27.99 -9.93
N ILE F 1 7.08 13.29 19.60
CA ILE F 1 6.49 14.36 18.74
C ILE F 1 6.76 14.12 17.26
N GLN F 2 6.07 14.90 16.43
CA GLN F 2 6.37 14.95 15.02
C GLN F 2 7.49 15.95 14.76
N ARG F 3 8.37 15.60 13.83
CA ARG F 3 9.39 16.50 13.35
C ARG F 3 9.39 16.45 11.85
N THR F 4 9.67 17.59 11.25
CA THR F 4 9.69 17.71 9.81
C THR F 4 10.97 17.06 9.24
N PRO F 5 10.91 16.57 7.98
CA PRO F 5 12.10 16.01 7.34
C PRO F 5 13.02 17.07 6.77
N LYS F 6 14.01 16.63 5.99
CA LYS F 6 14.95 17.54 5.34
C LYS F 6 15.68 16.75 4.26
N ILE F 7 15.26 16.94 3.01
CA ILE F 7 15.85 16.24 1.88
C ILE F 7 17.17 16.89 1.50
N GLN F 8 18.08 16.10 0.92
CA GLN F 8 19.36 16.58 0.41
C GLN F 8 19.82 15.68 -0.72
N VAL F 9 20.20 16.28 -1.85
CA VAL F 9 20.65 15.52 -3.01
C VAL F 9 22.12 15.79 -3.30
N TYR F 10 22.91 14.72 -3.42
CA TYR F 10 24.31 14.87 -3.82
C TYR F 10 24.93 13.62 -4.41
N SER F 11 25.72 13.85 -5.45
CA SER F 11 26.61 12.84 -6.02
C SER F 11 27.71 12.49 -5.03
N ARG F 12 28.23 11.27 -5.12
CA ARG F 12 29.30 10.84 -4.23
C ARG F 12 30.63 11.37 -4.77
N HIS F 13 30.90 11.05 -6.03
CA HIS F 13 32.04 11.62 -6.71
C HIS F 13 31.55 12.72 -7.65
N PRO F 14 32.30 13.85 -7.71
CA PRO F 14 32.00 15.02 -8.53
C PRO F 14 31.29 14.74 -9.87
N ALA F 15 30.31 15.57 -10.19
CA ALA F 15 29.50 15.44 -11.40
C ALA F 15 30.33 15.32 -12.68
N GLU F 16 30.19 14.19 -13.37
CA GLU F 16 30.85 13.93 -14.65
C GLU F 16 29.96 13.15 -15.63
N ASN F 17 29.83 13.69 -16.83
CA ASN F 17 28.98 13.11 -17.87
C ASN F 17 29.53 11.82 -18.42
N GLY F 18 28.68 10.80 -18.52
CA GLY F 18 29.06 9.50 -19.04
C GLY F 18 29.87 8.68 -18.05
N LYS F 19 29.97 9.18 -16.82
CA LYS F 19 30.79 8.56 -15.78
C LYS F 19 29.93 7.92 -14.68
N SER F 20 30.42 6.80 -14.14
CA SER F 20 29.71 6.06 -13.11
C SER F 20 29.89 6.74 -11.75
N ASN F 21 28.78 6.89 -11.03
CA ASN F 21 28.75 7.62 -9.77
C ASN F 21 27.45 7.33 -9.01
N PHE F 22 27.52 7.38 -7.69
CA PHE F 22 26.34 7.22 -6.83
C PHE F 22 25.67 8.57 -6.56
N LEU F 23 24.37 8.63 -6.83
CA LEU F 23 23.55 9.78 -6.47
C LEU F 23 22.95 9.48 -5.11
N ASN F 24 23.20 10.35 -4.14
CA ASN F 24 22.74 10.12 -2.79
C ASN F 24 21.64 11.08 -2.33
N CYS F 25 20.68 10.52 -1.58
CA CYS F 25 19.58 11.29 -0.99
C CYS F 25 19.45 11.01 0.51
N TYR F 26 19.40 12.08 1.31
CA TYR F 26 19.53 11.97 2.76
C TYR F 26 18.45 12.74 3.50
N VAL F 27 17.28 12.12 3.65
CA VAL F 27 16.17 12.76 4.37
C VAL F 27 16.39 12.59 5.88
N SER F 28 16.39 13.70 6.60
CA SER F 28 16.91 13.73 7.96
C SER F 28 16.18 14.67 8.92
N GLY F 29 16.25 14.34 10.21
CA GLY F 29 15.67 15.17 11.25
C GLY F 29 14.18 14.99 11.47
N PHE F 30 13.55 14.10 10.71
CA PHE F 30 12.10 13.91 10.74
C PHE F 30 11.61 13.02 11.87
N HIS F 31 10.31 13.09 12.12
CA HIS F 31 9.62 12.23 13.08
C HIS F 31 8.13 12.32 12.78
N PRO F 32 7.43 11.18 12.81
CA PRO F 32 7.88 9.81 13.05
C PRO F 32 8.33 9.06 11.79
N SER F 33 8.74 7.79 11.98
CA SER F 33 9.52 7.02 11.00
C SER F 33 8.76 6.33 9.86
N ASP F 34 7.79 7.03 9.27
CA ASP F 34 7.15 6.52 8.06
C ASP F 34 7.39 7.44 6.87
N ILE F 35 7.95 6.88 5.80
CA ILE F 35 8.29 7.67 4.63
C ILE F 35 8.47 6.77 3.39
N GLU F 36 8.18 7.33 2.22
CA GLU F 36 8.45 6.66 0.95
C GLU F 36 9.29 7.57 0.07
N VAL F 37 10.54 7.14 -0.18
CA VAL F 37 11.51 7.90 -0.97
C VAL F 37 11.39 7.51 -2.45
N ASP F 38 11.62 8.46 -3.36
CA ASP F 38 11.80 8.13 -4.77
C ASP F 38 12.68 9.10 -5.55
N LEU F 39 13.50 8.53 -6.44
CA LEU F 39 14.49 9.29 -7.23
C LEU F 39 14.15 9.27 -8.72
N LEU F 40 14.21 10.45 -9.33
CA LEU F 40 13.64 10.65 -10.67
C LEU F 40 14.66 11.11 -11.72
N LYS F 41 14.76 10.36 -12.81
CA LYS F 41 15.46 10.79 -14.02
C LYS F 41 14.45 11.58 -14.85
N ASN F 42 14.25 12.84 -14.47
CA ASN F 42 13.16 13.69 -14.99
C ASN F 42 11.77 13.10 -14.70
N GLY F 43 11.27 13.36 -13.49
CA GLY F 43 9.91 12.98 -13.08
C GLY F 43 9.48 11.53 -13.23
N GLU F 44 10.43 10.64 -13.50
CA GLU F 44 10.12 9.22 -13.69
C GLU F 44 10.97 8.37 -12.75
N ARG F 45 10.36 7.34 -12.16
CA ARG F 45 10.99 6.53 -11.12
C ARG F 45 12.34 5.91 -11.51
N ILE F 46 13.07 5.45 -10.49
CA ILE F 46 14.23 4.57 -10.65
C ILE F 46 14.06 3.37 -9.69
N GLU F 47 14.01 2.18 -10.26
CA GLU F 47 13.63 0.97 -9.54
C GLU F 47 14.76 0.41 -8.68
N LYS F 48 16.01 0.59 -9.11
CA LYS F 48 17.17 -0.05 -8.48
C LYS F 48 17.78 0.75 -7.31
N VAL F 49 16.99 1.63 -6.70
CA VAL F 49 17.43 2.47 -5.59
C VAL F 49 17.47 1.73 -4.26
N GLU F 50 18.68 1.52 -3.75
CA GLU F 50 18.87 0.79 -2.50
C GLU F 50 19.06 1.72 -1.29
N HIS F 51 18.75 1.19 -0.12
CA HIS F 51 18.78 1.95 1.12
C HIS F 51 19.55 1.24 2.20
N SER F 52 19.95 1.99 3.22
CA SER F 52 20.50 1.41 4.44
C SER F 52 19.55 1.64 5.62
N ASP F 53 19.85 0.98 6.74
CA ASP F 53 18.99 0.99 7.93
C ASP F 53 18.76 2.38 8.52
N LEU F 54 17.52 2.62 8.96
CA LEU F 54 17.19 3.82 9.72
C LEU F 54 18.11 3.98 10.93
N SER F 55 18.10 5.18 11.51
CA SER F 55 19.01 5.55 12.59
C SER F 55 18.83 7.03 12.90
N PHE F 56 19.15 7.42 14.14
CA PHE F 56 18.92 8.80 14.58
C PHE F 56 20.17 9.53 15.09
N SER F 57 20.05 10.84 15.24
CA SER F 57 21.10 11.66 15.86
C SER F 57 20.77 11.90 17.32
N LYS F 58 21.63 12.64 18.01
CA LYS F 58 21.54 12.83 19.48
C LYS F 58 20.32 13.63 19.94
N ASP F 59 19.54 14.13 18.99
CA ASP F 59 18.28 14.80 19.30
C ASP F 59 17.11 13.82 19.32
N TRP F 60 17.37 12.59 18.85
CA TRP F 60 16.38 11.51 18.68
C TRP F 60 15.74 11.47 17.28
N SER F 61 15.83 12.56 16.54
CA SER F 61 15.29 12.63 15.19
C SER F 61 16.03 11.69 14.24
N PHE F 62 15.27 10.92 13.46
CA PHE F 62 15.80 9.96 12.50
C PHE F 62 16.46 10.61 11.29
N TYR F 63 17.03 9.75 10.43
CA TYR F 63 17.60 10.12 9.15
C TYR F 63 17.76 8.86 8.32
N LEU F 64 17.85 9.01 7.00
CA LEU F 64 17.84 7.88 6.07
C LEU F 64 18.63 8.20 4.81
N LEU F 65 19.27 7.16 4.25
CA LEU F 65 20.00 7.28 3.00
C LEU F 65 19.45 6.32 1.94
N TYR F 66 19.14 6.86 0.76
CA TYR F 66 18.84 6.06 -0.43
C TYR F 66 19.86 6.42 -1.51
N TYR F 67 20.33 5.42 -2.25
CA TYR F 67 21.44 5.67 -3.19
C TYR F 67 21.39 4.87 -4.48
N THR F 68 21.80 5.51 -5.57
CA THR F 68 21.81 4.91 -6.90
C THR F 68 23.13 5.17 -7.64
N GLU F 69 23.77 4.11 -8.14
CA GLU F 69 24.90 4.31 -9.04
C GLU F 69 24.34 4.57 -10.42
N PHE F 70 24.78 5.67 -11.03
CA PHE F 70 24.20 6.15 -12.26
C PHE F 70 25.19 6.94 -13.13
N THR F 71 24.87 7.02 -14.42
CA THR F 71 25.64 7.84 -15.33
C THR F 71 24.74 8.98 -15.86
N PRO F 72 25.14 10.24 -15.60
CA PRO F 72 24.41 11.46 -15.95
C PRO F 72 24.86 12.20 -17.21
N THR F 73 23.91 12.84 -17.88
CA THR F 73 24.19 13.82 -18.94
C THR F 73 23.55 15.13 -18.48
N GLU F 74 23.90 16.23 -19.16
CA GLU F 74 23.38 17.56 -18.80
C GLU F 74 21.88 17.73 -19.11
N LYS F 75 21.34 16.90 -19.98
CA LYS F 75 19.90 16.86 -20.25
C LYS F 75 19.16 16.41 -18.99
N ASP F 76 19.63 15.31 -18.40
CA ASP F 76 18.94 14.61 -17.32
C ASP F 76 18.94 15.37 -16.00
N GLU F 77 17.73 15.63 -15.47
CA GLU F 77 17.56 16.22 -14.15
C GLU F 77 17.19 15.12 -13.15
N TYR F 78 17.77 15.21 -11.94
CA TYR F 78 17.56 14.19 -10.91
C TYR F 78 17.02 14.79 -9.61
N ALA F 79 15.92 14.25 -9.11
CA ALA F 79 15.23 14.80 -7.94
C ALA F 79 14.75 13.71 -7.00
N CYS F 80 14.71 14.03 -5.71
CA CYS F 80 14.35 13.06 -4.66
C CYS F 80 13.04 13.42 -3.97
N ARG F 81 11.99 12.68 -4.30
CA ARG F 81 10.66 12.94 -3.74
C ARG F 81 10.39 12.10 -2.50
N VAL F 82 9.83 12.77 -1.49
CA VAL F 82 9.63 12.19 -0.15
C VAL F 82 8.26 12.62 0.38
N ASN F 83 7.56 11.69 1.03
CA ASN F 83 6.27 12.00 1.65
C ASN F 83 6.20 11.68 3.13
N HIS F 84 6.08 12.72 3.94
CA HIS F 84 5.92 12.57 5.37
C HIS F 84 4.54 13.04 5.79
N VAL F 85 4.24 12.89 7.08
CA VAL F 85 3.00 13.37 7.67
C VAL F 85 3.07 14.86 8.02
N THR F 86 4.28 15.42 8.04
CA THR F 86 4.46 16.87 8.11
C THR F 86 4.21 17.50 6.74
N LEU F 87 3.79 16.67 5.78
CA LEU F 87 3.49 17.13 4.43
C LEU F 87 2.02 16.94 4.06
N SER F 88 1.43 18.02 3.57
CA SER F 88 0.09 18.00 3.00
C SER F 88 0.12 17.08 1.78
N GLN F 89 1.23 17.16 1.04
CA GLN F 89 1.51 16.30 -0.11
C GLN F 89 3.04 16.19 -0.29
N PRO F 90 3.52 15.11 -0.95
CA PRO F 90 4.95 14.88 -1.13
C PRO F 90 5.70 16.04 -1.80
N LYS F 91 6.96 16.22 -1.45
CA LYS F 91 7.75 17.36 -1.90
C LYS F 91 8.82 16.95 -2.91
N ILE F 92 8.91 17.70 -4.00
CA ILE F 92 9.95 17.52 -5.01
C ILE F 92 11.09 18.47 -4.72
N VAL F 93 12.31 17.94 -4.69
CA VAL F 93 13.51 18.74 -4.45
C VAL F 93 14.56 18.45 -5.52
N LYS F 94 15.05 19.51 -6.16
CA LYS F 94 15.99 19.42 -7.29
C LYS F 94 17.39 18.98 -6.85
N TRP F 95 18.23 18.65 -7.83
CA TRP F 95 19.66 18.42 -7.58
C TRP F 95 20.51 19.43 -8.32
N ASP F 96 21.24 20.23 -7.55
CA ASP F 96 22.26 21.07 -8.12
C ASP F 96 23.52 20.22 -8.20
N ARG F 97 23.95 19.91 -9.43
CA ARG F 97 25.22 19.21 -9.63
C ARG F 97 26.41 20.13 -9.41
N ASP F 98 26.21 21.09 -8.49
CA ASP F 98 27.20 22.06 -8.06
C ASP F 98 26.80 22.44 -6.62
N MET F 99 26.47 21.43 -5.82
CA MET F 99 25.91 21.60 -4.48
C MET F 99 26.74 20.88 -3.40
N LEU G 5 -15.59 47.98 10.67
CA LEU G 5 -15.44 48.80 11.90
C LEU G 5 -16.04 48.08 13.10
N SER G 6 -15.22 47.86 14.13
CA SER G 6 -15.55 46.96 15.24
C SER G 6 -15.23 47.53 16.64
N LEU G 7 -15.85 46.95 17.67
CA LEU G 7 -15.50 47.20 19.07
C LEU G 7 -15.04 45.92 19.77
N LEU G 8 -13.72 45.80 19.98
CA LEU G 8 -13.12 44.62 20.61
C LEU G 8 -12.47 44.97 21.97
N TYR G 9 -12.62 44.09 22.95
CA TYR G 9 -11.99 44.26 24.26
C TYR G 9 -10.79 43.34 24.40
N HIS G 10 -9.70 43.84 24.99
CA HIS G 10 -8.49 43.04 25.19
C HIS G 10 -8.27 42.76 26.68
N LEU G 11 -8.67 41.56 27.08
CA LEU G 11 -8.59 41.14 28.47
C LEU G 11 -7.32 40.34 28.72
N THR G 12 -6.81 40.44 29.94
CA THR G 12 -5.55 39.83 30.31
C THR G 12 -5.55 39.52 31.80
N ALA G 13 -4.75 38.54 32.21
CA ALA G 13 -4.64 38.17 33.61
C ALA G 13 -3.32 37.44 33.88
N VAL G 14 -2.78 37.60 35.09
CA VAL G 14 -1.57 36.88 35.51
C VAL G 14 -1.64 36.48 36.98
N SER G 15 -1.71 35.18 37.22
CA SER G 15 -1.81 34.62 38.57
C SER G 15 -0.60 35.04 39.38
N SER G 16 0.54 35.17 38.71
CA SER G 16 1.73 35.71 39.33
C SER G 16 2.23 36.89 38.50
N PRO G 17 1.84 38.12 38.88
CA PRO G 17 2.36 39.35 38.27
C PRO G 17 3.61 39.84 38.98
N ALA G 18 4.26 40.87 38.44
CA ALA G 18 5.38 41.54 39.11
C ALA G 18 4.88 42.37 40.32
N PRO G 19 5.77 42.72 41.26
CA PRO G 19 5.31 43.61 42.32
C PRO G 19 4.95 44.96 41.71
N GLY G 20 3.89 45.61 42.22
CA GLY G 20 3.39 46.85 41.65
C GLY G 20 2.98 46.66 40.19
N THR G 21 2.26 45.57 39.93
CA THR G 21 1.75 45.23 38.61
C THR G 21 0.29 44.78 38.75
N PRO G 22 -0.57 45.19 37.80
CA PRO G 22 -1.95 44.68 37.78
C PRO G 22 -1.98 43.22 37.35
N ALA G 23 -2.73 42.42 38.09
CA ALA G 23 -2.92 41.02 37.75
C ALA G 23 -3.90 40.87 36.58
N PHE G 24 -4.56 41.97 36.24
CA PHE G 24 -5.66 41.99 35.28
C PHE G 24 -5.72 43.37 34.63
N TRP G 25 -5.93 43.39 33.33
CA TRP G 25 -6.18 44.65 32.64
C TRP G 25 -6.91 44.46 31.31
N VAL G 26 -7.80 45.40 31.03
CA VAL G 26 -8.55 45.40 29.80
C VAL G 26 -8.20 46.66 29.03
N SER G 27 -8.02 46.52 27.72
CA SER G 27 -7.86 47.66 26.83
C SER G 27 -8.93 47.61 25.74
N GLY G 28 -9.87 48.53 25.81
CA GLY G 28 -11.02 48.57 24.92
C GLY G 28 -10.70 49.41 23.71
N TRP G 29 -11.20 48.98 22.55
CA TRP G 29 -10.83 49.58 21.27
C TRP G 29 -12.06 50.02 20.48
N LEU G 30 -11.84 50.91 19.50
CA LEU G 30 -12.81 51.20 18.43
C LEU G 30 -12.17 50.82 17.10
N GLY G 31 -12.17 49.54 16.80
CA GLY G 31 -11.24 49.04 15.81
C GLY G 31 -9.86 49.31 16.38
N PRO G 32 -9.11 50.22 15.75
CA PRO G 32 -7.71 50.42 16.13
C PRO G 32 -7.51 51.56 17.14
N GLN G 33 -8.60 52.14 17.61
CA GLN G 33 -8.51 53.34 18.40
C GLN G 33 -8.77 53.00 19.87
N GLN G 34 -7.80 53.30 20.73
CA GLN G 34 -7.94 52.99 22.16
C GLN G 34 -8.73 54.06 22.94
N TYR G 35 -9.77 53.62 23.64
CA TYR G 35 -10.71 54.53 24.30
C TYR G 35 -10.99 54.19 25.76
N LEU G 36 -10.39 53.11 26.25
CA LEU G 36 -10.73 52.59 27.56
C LEU G 36 -9.55 51.88 28.20
N SER G 37 -8.95 52.51 29.21
CA SER G 37 -7.90 51.82 29.97
C SER G 37 -8.47 51.12 31.20
N TYR G 38 -7.82 50.04 31.63
CA TYR G 38 -8.23 49.32 32.83
C TYR G 38 -7.19 48.36 33.40
N ASN G 39 -7.05 48.40 34.72
CA ASN G 39 -6.26 47.40 35.41
C ASN G 39 -6.84 47.05 36.77
N SER G 40 -6.41 45.90 37.30
CA SER G 40 -6.87 45.38 38.58
C SER G 40 -6.49 46.27 39.77
N LEU G 41 -5.45 47.08 39.58
CA LEU G 41 -4.96 47.99 40.61
C LEU G 41 -5.97 49.11 40.87
N ARG G 42 -6.02 50.08 39.95
CA ARG G 42 -6.94 51.22 40.04
C ARG G 42 -8.38 50.75 40.09
N GLY G 43 -8.66 49.66 39.37
CA GLY G 43 -10.00 49.12 39.31
C GLY G 43 -10.96 50.15 38.75
N GLU G 44 -10.40 51.19 38.13
CA GLU G 44 -11.16 52.30 37.59
C GLU G 44 -10.81 52.58 36.12
N ALA G 45 -11.85 52.70 35.30
CA ALA G 45 -11.70 52.93 33.87
C ALA G 45 -11.99 54.36 33.42
N GLU G 46 -11.04 54.95 32.69
CA GLU G 46 -11.21 56.26 32.09
C GLU G 46 -10.97 56.18 30.58
N PRO G 47 -11.11 57.30 29.85
CA PRO G 47 -10.90 57.29 28.40
C PRO G 47 -9.45 57.56 28.02
N CYS G 48 -9.13 57.26 26.77
CA CYS G 48 -7.74 57.31 26.28
C CYS G 48 -7.70 57.86 24.86
N GLY G 49 -6.66 58.62 24.55
CA GLY G 49 -6.60 59.38 23.31
C GLY G 49 -7.51 60.58 23.42
N ALA G 50 -8.28 60.85 22.36
CA ALA G 50 -9.16 62.01 22.33
C ALA G 50 -10.49 61.78 23.05
N TRP G 51 -10.89 60.50 23.15
CA TRP G 51 -12.20 60.09 23.68
C TRP G 51 -12.51 60.63 25.07
N VAL G 52 -11.60 61.42 25.62
CA VAL G 52 -11.82 62.12 26.88
C VAL G 52 -12.78 63.29 26.65
N TRP G 53 -12.66 63.89 25.47
CA TRP G 53 -13.47 65.05 25.04
C TRP G 53 -14.84 64.66 24.45
N GLU G 54 -15.15 63.38 24.44
CA GLU G 54 -16.39 62.87 23.89
C GLU G 54 -17.57 63.11 24.83
N ASN G 55 -18.74 63.42 24.27
CA ASN G 55 -19.97 63.54 25.06
C ASN G 55 -20.48 62.15 25.42
N GLN G 56 -20.57 61.84 26.72
CA GLN G 56 -21.08 60.52 27.11
C GLN G 56 -22.05 60.49 28.30
N VAL G 57 -22.88 59.45 28.31
CA VAL G 57 -24.15 59.47 29.03
C VAL G 57 -24.05 59.36 30.55
N SER G 58 -23.38 60.34 31.18
CA SER G 58 -23.29 60.48 32.64
C SER G 58 -23.04 59.16 33.39
N TRP G 59 -24.07 58.31 33.38
CA TRP G 59 -24.01 56.96 33.94
C TRP G 59 -23.12 56.00 33.16
N TYR G 60 -22.51 56.49 32.07
CA TYR G 60 -21.71 55.64 31.19
C TYR G 60 -20.40 55.14 31.80
N TRP G 61 -19.55 56.08 32.20
CA TRP G 61 -18.22 55.74 32.70
C TRP G 61 -18.29 55.17 34.13
N GLU G 62 -19.49 54.73 34.46
CA GLU G 62 -19.80 54.06 35.71
C GLU G 62 -20.57 52.79 35.35
N LYS G 63 -21.22 52.81 34.18
CA LYS G 63 -21.84 51.63 33.57
C LYS G 63 -20.76 50.68 33.06
N GLU G 64 -19.65 51.25 32.57
CA GLU G 64 -18.54 50.45 32.09
C GLU G 64 -17.67 49.90 33.21
N THR G 65 -17.31 50.76 34.16
CA THR G 65 -16.31 50.40 35.19
C THR G 65 -16.59 49.11 35.96
N THR G 66 -17.79 48.97 36.52
CA THR G 66 -18.11 47.73 37.22
C THR G 66 -18.02 46.51 36.29
N ASP G 67 -18.61 46.61 35.09
CA ASP G 67 -18.55 45.54 34.10
C ASP G 67 -17.18 44.90 34.08
N LEU G 68 -16.17 45.71 33.79
CA LEU G 68 -14.78 45.31 33.86
C LEU G 68 -14.52 44.55 35.16
N ARG G 69 -14.77 45.21 36.30
CA ARG G 69 -14.61 44.59 37.62
C ARG G 69 -15.28 43.21 37.71
N ILE G 70 -16.45 43.06 37.07
CA ILE G 70 -17.11 41.76 37.07
C ILE G 70 -16.19 40.77 36.37
N LYS G 71 -15.91 41.02 35.10
CA LYS G 71 -14.98 40.22 34.33
C LYS G 71 -13.77 39.88 35.18
N GLU G 72 -13.35 40.82 36.02
CA GLU G 72 -12.16 40.68 36.84
C GLU G 72 -12.33 39.57 37.86
N LYS G 73 -13.28 39.75 38.78
CA LYS G 73 -13.53 38.73 39.78
C LYS G 73 -14.02 37.45 39.10
N LEU G 74 -14.14 37.51 37.78
CA LEU G 74 -14.46 36.33 36.99
C LEU G 74 -13.20 35.64 36.53
N PHE G 75 -12.18 36.43 36.21
CA PHE G 75 -10.93 35.92 35.63
C PHE G 75 -10.04 35.24 36.66
N LEU G 76 -9.78 35.92 37.78
CA LEU G 76 -9.05 35.31 38.88
C LEU G 76 -9.76 34.04 39.33
N GLU G 77 -11.07 34.01 39.12
CA GLU G 77 -11.90 32.85 39.42
C GLU G 77 -11.53 31.65 38.54
N ALA G 78 -11.07 31.92 37.32
CA ALA G 78 -10.61 30.87 36.40
C ALA G 78 -9.33 30.24 36.95
N PHE G 79 -8.43 31.10 37.42
CA PHE G 79 -7.17 30.67 38.03
C PHE G 79 -7.41 29.69 39.18
N LYS G 80 -8.53 29.85 39.87
CA LYS G 80 -8.88 28.96 40.99
C LYS G 80 -9.13 27.52 40.55
N ALA G 81 -9.84 27.34 39.42
CA ALA G 81 -10.09 26.01 38.87
C ALA G 81 -8.96 25.55 37.94
N LEU G 82 -7.72 25.74 38.37
CA LEU G 82 -6.55 25.44 37.53
C LEU G 82 -5.50 24.53 38.17
N GLY G 83 -5.43 23.30 37.66
CA GLY G 83 -4.61 22.25 38.26
C GLY G 83 -3.11 22.34 38.05
N GLY G 84 -2.68 23.23 37.16
CA GLY G 84 -1.26 23.34 36.85
C GLY G 84 -0.38 23.73 38.01
N LYS G 85 0.92 23.73 37.79
CA LYS G 85 1.89 24.13 38.82
C LYS G 85 1.93 25.65 38.94
N GLY G 86 1.70 26.34 37.82
CA GLY G 86 1.77 27.79 37.77
C GLY G 86 3.09 28.31 37.24
N PRO G 87 3.16 29.62 36.92
CA PRO G 87 2.04 30.56 36.93
C PRO G 87 1.26 30.51 35.61
N TYR G 88 0.20 31.31 35.51
CA TYR G 88 -0.65 31.24 34.32
C TYR G 88 -0.92 32.59 33.71
N THR G 89 -1.31 32.57 32.44
CA THR G 89 -1.68 33.78 31.71
C THR G 89 -2.91 33.56 30.82
N LEU G 90 -3.98 34.26 31.16
CA LEU G 90 -5.25 34.10 30.47
C LEU G 90 -5.67 35.36 29.70
N GLN G 91 -5.90 35.18 28.40
CA GLN G 91 -6.29 36.26 27.49
C GLN G 91 -7.73 36.09 27.04
N GLY G 92 -8.41 37.21 26.81
CA GLY G 92 -9.81 37.19 26.38
C GLY G 92 -10.06 38.28 25.36
N LEU G 93 -10.90 37.97 24.37
CA LEU G 93 -11.10 38.85 23.22
C LEU G 93 -12.58 38.94 22.86
N LEU G 94 -13.28 39.86 23.51
CA LEU G 94 -14.74 39.92 23.50
C LEU G 94 -15.28 41.18 22.83
N GLY G 95 -16.41 41.06 22.17
CA GLY G 95 -17.07 42.21 21.56
C GLY G 95 -17.93 41.87 20.36
N CYS G 96 -18.48 42.90 19.74
CA CYS G 96 -19.38 42.71 18.61
C CYS G 96 -19.22 43.84 17.60
N GLU G 97 -19.96 43.74 16.50
CA GLU G 97 -19.98 44.78 15.48
C GLU G 97 -21.33 44.82 14.76
N LEU G 98 -21.83 46.03 14.54
CA LEU G 98 -23.15 46.26 13.96
C LEU G 98 -23.29 45.74 12.54
N GLY G 99 -24.48 45.24 12.23
CA GLY G 99 -24.84 44.85 10.87
C GLY G 99 -26.00 45.69 10.35
N PRO G 100 -26.47 45.42 9.11
CA PRO G 100 -27.58 46.18 8.53
C PRO G 100 -28.97 45.80 9.09
N ASP G 101 -29.01 45.35 10.35
CA ASP G 101 -30.27 45.08 11.05
C ASP G 101 -30.24 45.64 12.45
N ASN G 102 -29.14 46.33 12.76
CA ASN G 102 -28.73 46.63 14.14
C ASN G 102 -28.28 45.36 14.89
N THR G 103 -28.48 44.20 14.26
CA THR G 103 -28.08 42.89 14.79
C THR G 103 -26.56 42.72 14.78
N SER G 104 -26.00 42.48 15.95
CA SER G 104 -24.55 42.49 16.11
C SER G 104 -23.97 41.09 16.07
N VAL G 105 -22.83 40.94 15.39
CA VAL G 105 -22.09 39.68 15.38
C VAL G 105 -21.14 39.69 16.55
N PRO G 106 -21.43 38.89 17.60
CA PRO G 106 -20.56 38.83 18.77
C PRO G 106 -19.32 37.98 18.51
N THR G 107 -18.34 38.06 19.40
CA THR G 107 -17.05 37.43 19.17
C THR G 107 -16.36 37.12 20.50
N ALA G 108 -16.62 35.92 21.03
CA ALA G 108 -15.98 35.49 22.27
C ALA G 108 -14.93 34.43 21.99
N LYS G 109 -13.77 34.57 22.62
CA LYS G 109 -12.65 33.63 22.48
C LYS G 109 -11.70 33.85 23.66
N PHE G 110 -10.95 32.81 24.00
CA PHE G 110 -9.99 32.87 25.11
C PHE G 110 -8.69 32.14 24.78
N ALA G 111 -7.59 32.68 25.29
CA ALA G 111 -6.28 32.08 25.12
C ALA G 111 -5.67 31.72 26.47
N LEU G 112 -4.95 30.59 26.50
CA LEU G 112 -4.18 30.19 27.69
C LEU G 112 -2.72 30.14 27.31
N ASN G 113 -1.91 30.84 28.09
CA ASN G 113 -0.48 30.98 27.77
C ASN G 113 -0.24 31.11 26.27
N GLY G 114 -1.22 31.68 25.56
CA GLY G 114 -1.07 32.07 24.16
C GLY G 114 -1.81 31.23 23.12
N GLU G 115 -2.88 30.54 23.53
CA GLU G 115 -3.57 29.65 22.58
C GLU G 115 -5.08 29.70 22.69
N GLU G 116 -5.72 30.13 21.61
CA GLU G 116 -7.17 30.07 21.47
C GLU G 116 -7.60 28.68 21.93
N PHE G 117 -8.45 28.63 22.97
CA PHE G 117 -8.86 27.36 23.59
C PHE G 117 -10.31 27.37 24.09
N MET G 118 -10.83 28.56 24.38
CA MET G 118 -12.18 28.74 24.88
C MET G 118 -12.97 29.77 24.08
N ASN G 119 -14.28 29.55 24.02
CA ASN G 119 -15.23 30.57 23.57
C ASN G 119 -16.51 30.45 24.38
N PHE G 120 -17.61 30.95 23.84
CA PHE G 120 -18.89 30.88 24.52
C PHE G 120 -19.93 30.69 23.46
N ASP G 121 -20.52 29.51 23.38
CA ASP G 121 -21.63 29.32 22.47
C ASP G 121 -22.88 29.89 23.12
N LEU G 122 -23.17 31.13 22.72
CA LEU G 122 -24.34 31.87 23.19
C LEU G 122 -25.61 31.07 22.91
N LYS G 123 -25.67 30.50 21.70
CA LYS G 123 -26.79 29.65 21.27
C LYS G 123 -27.23 28.68 22.36
N GLN G 124 -26.31 28.34 23.25
CA GLN G 124 -26.58 27.44 24.36
C GLN G 124 -25.94 27.91 25.67
N GLY G 125 -25.52 29.16 25.68
CA GLY G 125 -24.97 29.81 26.88
C GLY G 125 -23.87 29.02 27.60
N THR G 126 -23.09 28.27 26.83
CA THR G 126 -22.07 27.38 27.39
C THR G 126 -20.68 27.76 26.91
N TRP G 127 -19.69 27.56 27.78
CA TRP G 127 -18.28 27.78 27.43
C TRP G 127 -17.62 26.52 26.87
N GLY G 128 -18.30 25.90 25.90
CA GLY G 128 -17.86 24.62 25.32
C GLY G 128 -16.45 24.60 24.74
N GLY G 129 -15.75 23.50 24.98
CA GLY G 129 -14.39 23.29 24.47
C GLY G 129 -13.98 21.83 24.37
N ASP G 130 -12.80 21.61 23.80
CA ASP G 130 -12.23 20.26 23.65
C ASP G 130 -11.18 19.98 24.71
N TRP G 131 -10.54 21.04 25.19
CA TRP G 131 -9.45 20.95 26.14
C TRP G 131 -9.97 20.82 27.57
N PRO G 132 -9.16 20.24 28.47
CA PRO G 132 -9.59 20.00 29.85
C PRO G 132 -9.93 21.27 30.63
N GLU G 133 -8.97 22.18 30.80
CA GLU G 133 -9.24 23.46 31.47
C GLU G 133 -10.28 24.29 30.71
N ALA G 134 -10.23 24.21 29.38
CA ALA G 134 -11.30 24.72 28.51
C ALA G 134 -12.66 24.08 28.82
N LEU G 135 -12.67 23.14 29.76
CA LEU G 135 -13.90 22.59 30.31
C LEU G 135 -13.86 22.67 31.82
N ALA G 136 -12.66 22.83 32.39
CA ALA G 136 -12.51 22.96 33.84
C ALA G 136 -12.99 24.32 34.29
N ILE G 137 -12.43 25.36 33.67
CA ILE G 137 -12.85 26.75 33.90
C ILE G 137 -14.31 26.95 33.51
N SER G 138 -14.70 26.38 32.36
CA SER G 138 -16.08 26.40 31.88
C SER G 138 -17.08 26.04 32.99
N GLN G 139 -16.96 24.82 33.51
CA GLN G 139 -17.85 24.29 34.55
C GLN G 139 -17.79 25.12 35.85
N ARG G 140 -16.66 25.78 36.08
CA ARG G 140 -16.52 26.70 37.20
C ARG G 140 -17.37 27.95 36.98
N TRP G 141 -17.38 28.44 35.74
CA TRP G 141 -18.17 29.61 35.38
C TRP G 141 -19.66 29.30 35.24
N GLN G 142 -20.00 28.08 34.83
CA GLN G 142 -21.39 27.67 34.92
C GLN G 142 -21.72 27.54 36.40
N GLN G 143 -20.75 27.06 37.18
CA GLN G 143 -20.90 26.93 38.64
C GLN G 143 -21.13 28.29 39.31
N GLN G 144 -20.49 29.33 38.78
CA GLN G 144 -20.78 30.71 39.17
C GLN G 144 -22.13 31.17 38.63
N ASP G 145 -22.94 31.72 39.52
CA ASP G 145 -24.34 32.04 39.25
C ASP G 145 -24.53 33.29 38.39
N LYS G 146 -25.53 33.23 37.51
CA LYS G 146 -25.85 34.27 36.51
C LYS G 146 -24.64 34.83 35.76
N ALA G 147 -23.56 34.03 35.74
CA ALA G 147 -22.39 34.34 34.96
C ALA G 147 -22.70 34.06 33.51
N ALA G 148 -23.35 32.92 33.26
CA ALA G 148 -23.70 32.48 31.91
C ALA G 148 -24.52 33.51 31.15
N ASN G 149 -25.36 34.27 31.86
CA ASN G 149 -26.26 35.24 31.24
C ASN G 149 -25.85 36.71 31.26
N LYS G 150 -25.05 37.11 32.25
CA LYS G 150 -24.52 38.48 32.30
C LYS G 150 -23.82 38.83 31.00
N GLU G 151 -23.05 37.86 30.51
CA GLU G 151 -22.30 37.94 29.26
C GLU G 151 -23.23 38.01 28.05
N LEU G 152 -24.33 37.25 28.09
CA LEU G 152 -25.31 37.24 27.02
C LEU G 152 -25.85 38.65 26.74
N THR G 153 -26.23 39.34 27.81
CA THR G 153 -26.54 40.77 27.79
C THR G 153 -25.34 41.57 27.27
N PHE G 154 -24.19 41.35 27.91
CA PHE G 154 -22.97 42.11 27.62
C PHE G 154 -22.57 42.10 26.14
N LEU G 155 -22.51 40.93 25.53
CA LEU G 155 -22.19 40.81 24.10
C LEU G 155 -23.31 41.25 23.16
N LEU G 156 -24.49 40.67 23.30
CA LEU G 156 -25.59 40.98 22.39
C LEU G 156 -26.36 42.25 22.68
N PHE G 157 -26.45 42.65 23.95
CA PHE G 157 -27.17 43.88 24.29
C PHE G 157 -26.24 45.08 24.55
N SER G 158 -25.37 44.99 25.55
CA SER G 158 -24.59 46.17 25.98
C SER G 158 -23.45 46.57 25.07
N CYS G 159 -22.87 45.61 24.36
CA CYS G 159 -21.84 45.89 23.37
C CYS G 159 -22.38 46.82 22.31
N PRO G 160 -23.37 46.36 21.51
CA PRO G 160 -23.83 47.20 20.42
C PRO G 160 -24.80 48.25 20.91
N HIS G 161 -25.05 48.29 22.21
CA HIS G 161 -25.68 49.45 22.81
C HIS G 161 -24.68 50.58 22.78
N ARG G 162 -23.52 50.35 23.38
CA ARG G 162 -22.48 51.36 23.47
C ARG G 162 -21.85 51.67 22.12
N LEU G 163 -21.80 50.65 21.25
CA LEU G 163 -21.20 50.77 19.92
C LEU G 163 -21.96 51.73 18.99
N ARG G 164 -23.28 51.83 19.20
CA ARG G 164 -24.07 52.83 18.51
C ARG G 164 -23.75 54.18 19.12
N GLU G 165 -23.61 54.22 20.46
CA GLU G 165 -23.35 55.48 21.20
C GLU G 165 -22.14 56.24 20.67
N HIS G 166 -21.00 55.56 20.58
CA HIS G 166 -19.74 56.16 20.13
C HIS G 166 -19.69 56.46 18.62
N LEU G 167 -20.37 55.62 17.84
CA LEU G 167 -20.47 55.79 16.39
C LEU G 167 -21.18 57.08 16.04
N GLU G 168 -22.10 57.50 16.91
CA GLU G 168 -22.81 58.76 16.73
C GLU G 168 -22.11 59.91 17.47
N ARG G 169 -21.70 59.66 18.71
CA ARG G 169 -21.06 60.69 19.55
C ARG G 169 -19.54 60.74 19.37
N GLY G 170 -19.05 60.21 18.25
CA GLY G 170 -17.62 60.20 17.93
C GLY G 170 -17.35 59.79 16.49
N ARG G 171 -18.36 59.99 15.64
CA ARG G 171 -18.30 59.69 14.20
C ARG G 171 -17.04 60.19 13.51
N GLY G 172 -16.61 61.40 13.87
CA GLY G 172 -15.47 62.05 13.22
C GLY G 172 -14.12 61.47 13.60
N ASN G 173 -14.01 60.98 14.83
CA ASN G 173 -12.80 60.32 15.30
C ASN G 173 -12.52 59.07 14.49
N LEU G 174 -13.54 58.22 14.39
CA LEU G 174 -13.49 57.02 13.57
C LEU G 174 -13.06 57.34 12.15
N GLU G 175 -13.77 58.28 11.52
CA GLU G 175 -13.58 58.57 10.11
C GLU G 175 -12.25 59.25 9.82
N TRP G 176 -11.68 59.87 10.85
CA TRP G 176 -10.42 60.61 10.74
C TRP G 176 -9.36 59.90 9.89
N LYS G 177 -8.71 60.67 9.01
CA LYS G 177 -7.67 60.17 8.10
C LYS G 177 -6.49 61.15 8.01
N GLU G 178 -5.31 60.67 8.36
CA GLU G 178 -4.10 61.48 8.33
C GLU G 178 -3.03 60.86 7.43
N PRO G 179 -2.68 61.54 6.32
CA PRO G 179 -1.60 61.13 5.43
C PRO G 179 -0.25 61.05 6.14
N PRO G 180 0.70 60.25 5.60
CA PRO G 180 2.04 60.14 6.18
C PRO G 180 3.06 61.04 5.50
N SER G 181 4.05 61.46 6.26
CA SER G 181 5.20 62.16 5.69
C SER G 181 6.12 61.12 5.09
N MET G 182 6.69 61.44 3.92
CA MET G 182 7.54 60.49 3.19
C MET G 182 9.00 60.93 3.05
N ARG G 183 9.90 60.08 3.52
CA ARG G 183 11.33 60.22 3.27
C ARG G 183 11.71 59.09 2.33
N LEU G 184 12.92 59.12 1.77
CA LEU G 184 13.36 58.04 0.87
C LEU G 184 14.89 57.96 0.72
N LYS G 185 15.54 57.61 1.82
CA LYS G 185 17.01 57.48 1.86
C LYS G 185 17.48 56.06 1.58
N ALA G 186 18.76 55.93 1.19
CA ALA G 186 19.34 54.62 0.88
C ALA G 186 20.80 54.47 1.30
N ARG G 187 21.03 53.87 2.46
CA ARG G 187 22.38 53.65 2.95
C ARG G 187 23.06 52.53 2.16
N PRO G 188 24.39 52.61 1.98
CA PRO G 188 25.08 51.49 1.35
C PRO G 188 25.63 50.52 2.39
N SER G 189 25.02 49.33 2.48
CA SER G 189 25.53 48.27 3.34
C SER G 189 26.78 47.67 2.69
N SER G 190 26.78 46.35 2.49
CA SER G 190 27.75 45.68 1.64
C SER G 190 27.81 46.44 0.30
N PRO G 191 28.98 47.02 -0.03
CA PRO G 191 29.08 48.00 -1.13
C PRO G 191 28.62 47.44 -2.48
N GLY G 192 28.23 48.34 -3.38
CA GLY G 192 27.66 47.93 -4.67
C GLY G 192 26.18 47.57 -4.58
N PHE G 193 25.69 47.44 -3.36
CA PHE G 193 24.28 47.15 -3.09
C PHE G 193 23.77 48.01 -1.91
N SER G 194 23.30 49.21 -2.23
CA SER G 194 22.73 50.11 -1.23
C SER G 194 21.27 49.76 -0.94
N VAL G 195 20.91 49.71 0.34
CA VAL G 195 19.54 49.37 0.76
C VAL G 195 18.62 50.60 0.85
N LEU G 196 17.66 50.63 -0.06
CA LEU G 196 16.63 51.67 -0.07
C LEU G 196 15.65 51.49 1.09
N THR G 197 15.20 52.62 1.63
CA THR G 197 14.20 52.63 2.67
C THR G 197 13.12 53.65 2.34
N CYS G 198 11.90 53.16 2.09
CA CYS G 198 10.74 54.03 1.96
C CYS G 198 10.13 54.18 3.33
N SER G 199 10.18 55.39 3.87
CA SER G 199 9.77 55.63 5.25
C SER G 199 8.49 56.47 5.30
N ALA G 200 7.48 55.95 5.98
CA ALA G 200 6.20 56.65 6.14
C ALA G 200 5.87 56.92 7.59
N PHE G 201 5.68 58.20 7.91
CA PHE G 201 5.55 58.64 9.29
C PHE G 201 4.16 59.09 9.66
N SER G 202 3.77 58.76 10.89
CA SER G 202 2.47 59.13 11.49
C SER G 202 1.32 59.28 10.49
N PHE G 203 0.53 58.21 10.33
CA PHE G 203 -0.63 58.20 9.44
C PHE G 203 -1.77 57.37 10.00
N TYR G 204 -2.99 57.63 9.50
CA TYR G 204 -4.20 56.92 9.93
C TYR G 204 -5.19 56.85 8.77
N PRO G 205 -5.92 55.72 8.59
CA PRO G 205 -5.85 54.43 9.26
C PRO G 205 -4.64 53.65 8.77
N PRO G 206 -4.37 52.45 9.33
CA PRO G 206 -3.09 51.79 9.04
C PRO G 206 -2.97 51.17 7.65
N GLU G 207 -4.07 51.14 6.89
CA GLU G 207 -4.06 50.65 5.50
C GLU G 207 -3.23 51.56 4.58
N LEU G 208 -2.15 51.00 4.04
CA LEU G 208 -1.16 51.76 3.30
C LEU G 208 -0.33 50.83 2.42
N GLN G 209 -0.36 51.07 1.11
CA GLN G 209 0.31 50.18 0.17
C GLN G 209 1.57 50.81 -0.43
N LEU G 210 2.73 50.27 -0.05
CA LEU G 210 4.03 50.74 -0.54
C LEU G 210 4.49 49.96 -1.76
N ARG G 211 5.27 50.63 -2.62
CA ARG G 211 5.74 50.02 -3.87
C ARG G 211 6.96 50.74 -4.45
N PHE G 212 7.99 49.98 -4.78
CA PHE G 212 9.17 50.52 -5.47
C PHE G 212 9.03 50.35 -6.98
N LEU G 213 9.79 51.14 -7.75
CA LEU G 213 9.68 51.15 -9.22
C LEU G 213 10.99 51.44 -9.96
N ARG G 214 11.42 50.51 -10.81
CA ARG G 214 12.56 50.73 -11.71
C ARG G 214 12.08 51.41 -12.99
N ASN G 215 12.53 52.65 -13.22
CA ASN G 215 12.17 53.50 -14.38
C ASN G 215 10.66 53.55 -14.75
N GLY G 216 9.79 53.36 -13.75
CA GLY G 216 8.36 53.30 -14.00
C GLY G 216 7.82 51.88 -14.04
N LEU G 217 8.60 50.99 -14.67
CA LEU G 217 8.27 49.55 -14.75
C LEU G 217 8.33 48.94 -13.35
N ALA G 218 7.62 47.83 -13.18
CA ALA G 218 7.51 47.19 -11.87
C ALA G 218 8.86 46.85 -11.22
N ALA G 219 8.94 47.03 -9.91
CA ALA G 219 10.03 46.51 -9.10
C ALA G 219 9.41 45.72 -7.96
N GLY G 220 8.08 45.71 -7.91
CA GLY G 220 7.31 45.14 -6.82
C GLY G 220 7.27 46.08 -5.62
N THR G 221 6.86 45.56 -4.48
CA THR G 221 7.08 46.24 -3.21
C THR G 221 8.29 45.51 -2.61
N GLY G 222 8.82 46.01 -1.49
CA GLY G 222 10.01 45.41 -0.88
C GLY G 222 9.70 44.56 0.33
N GLN G 223 10.59 44.63 1.31
CA GLN G 223 10.36 44.02 2.62
C GLN G 223 10.14 45.15 3.62
N GLY G 224 8.95 45.19 4.23
CA GLY G 224 8.55 46.32 5.08
C GLY G 224 7.94 45.96 6.43
N ASP G 225 7.82 46.95 7.31
CA ASP G 225 7.33 46.72 8.67
C ASP G 225 6.54 47.92 9.23
N PHE G 226 5.69 47.67 10.22
CA PHE G 226 4.75 48.69 10.70
C PHE G 226 4.70 48.81 12.23
N GLY G 227 4.16 49.93 12.73
CA GLY G 227 4.01 50.20 14.16
C GLY G 227 3.31 51.53 14.49
N PRO G 228 2.25 51.46 15.31
CA PRO G 228 1.54 52.67 15.74
C PRO G 228 2.30 53.52 16.76
N ASN G 229 2.27 54.84 16.57
CA ASN G 229 2.82 55.81 17.52
C ASN G 229 1.95 55.93 18.77
N SER G 230 2.32 56.85 19.67
CA SER G 230 1.67 56.96 20.97
C SER G 230 0.37 57.74 20.96
N ASP G 231 0.16 58.57 19.94
CA ASP G 231 -1.14 59.19 19.72
C ASP G 231 -2.13 58.11 19.28
N GLY G 232 -1.66 57.19 18.45
CA GLY G 232 -2.51 56.18 17.82
C GLY G 232 -2.40 56.24 16.31
N SER G 233 -1.67 57.22 15.81
CA SER G 233 -1.37 57.33 14.40
C SER G 233 -0.28 56.32 14.11
N PHE G 234 -0.18 55.86 12.87
CA PHE G 234 0.66 54.72 12.55
C PHE G 234 1.96 55.10 11.81
N HIS G 235 2.95 54.23 11.90
CA HIS G 235 4.24 54.46 11.27
C HIS G 235 4.69 53.26 10.45
N ALA G 236 4.94 53.48 9.17
CA ALA G 236 5.29 52.41 8.24
C ALA G 236 6.75 52.51 7.82
N SER G 237 7.21 51.49 7.09
CA SER G 237 8.54 51.46 6.51
C SER G 237 8.66 50.29 5.56
N SER G 238 9.50 50.44 4.54
CA SER G 238 9.79 49.35 3.59
C SER G 238 11.23 49.44 3.08
N SER G 239 11.93 48.31 3.15
CA SER G 239 13.31 48.23 2.66
C SER G 239 13.40 47.43 1.36
N LEU G 240 14.34 47.82 0.51
CA LEU G 240 14.66 47.08 -0.72
C LEU G 240 16.12 47.30 -1.11
N THR G 241 16.81 46.21 -1.42
CA THR G 241 18.26 46.24 -1.69
C THR G 241 18.57 46.26 -3.20
N VAL G 242 19.19 47.34 -3.69
CA VAL G 242 19.52 47.46 -5.13
C VAL G 242 20.91 48.03 -5.47
N LYS G 243 21.33 47.77 -6.70
CA LYS G 243 22.65 48.15 -7.23
C LYS G 243 22.92 49.65 -7.28
N SER G 244 23.99 50.07 -6.62
CA SER G 244 24.38 51.48 -6.56
C SER G 244 24.61 52.06 -7.95
N GLY G 245 24.49 53.39 -8.05
CA GLY G 245 24.60 54.08 -9.32
C GLY G 245 23.28 54.15 -10.06
N ASP G 246 22.41 53.17 -9.80
CA ASP G 246 21.09 53.12 -10.42
C ASP G 246 19.97 53.25 -9.39
N GLU G 247 19.81 54.48 -8.90
CA GLU G 247 18.79 54.80 -7.91
C GLU G 247 17.69 55.66 -8.55
N HIS G 248 18.07 56.41 -9.57
CA HIS G 248 17.19 57.42 -10.17
C HIS G 248 16.25 56.85 -11.24
N HIS G 249 16.29 55.53 -11.41
CA HIS G 249 15.21 54.80 -12.08
C HIS G 249 14.11 54.54 -11.05
N TYR G 250 14.50 54.52 -9.77
CA TYR G 250 13.62 54.11 -8.67
C TYR G 250 12.86 55.25 -8.03
N CYS G 251 11.65 54.93 -7.58
CA CYS G 251 10.84 55.82 -6.74
C CYS G 251 9.75 55.04 -6.00
N CYS G 252 9.46 55.46 -4.77
CA CYS G 252 8.47 54.79 -3.94
C CYS G 252 7.06 55.23 -4.34
N ILE G 253 6.12 54.28 -4.28
CA ILE G 253 4.70 54.55 -4.52
C ILE G 253 3.90 54.22 -3.26
N VAL G 254 2.94 55.08 -2.95
CA VAL G 254 2.14 54.94 -1.74
C VAL G 254 0.65 55.21 -2.00
N GLN G 255 -0.21 54.42 -1.36
CA GLN G 255 -1.66 54.60 -1.44
C GLN G 255 -2.28 54.55 -0.03
N HIS G 256 -2.78 55.71 0.42
CA HIS G 256 -3.33 55.87 1.77
C HIS G 256 -4.64 56.66 1.67
N ALA G 257 -5.62 56.28 2.48
CA ALA G 257 -6.97 56.86 2.41
C ALA G 257 -7.01 58.38 2.40
N GLY G 258 -6.04 59.00 3.07
CA GLY G 258 -6.00 60.46 3.26
C GLY G 258 -5.55 61.29 2.08
N LEU G 259 -4.85 60.66 1.13
CA LEU G 259 -4.41 61.34 -0.10
C LEU G 259 -5.49 61.24 -1.15
N ALA G 260 -5.38 62.08 -2.17
CA ALA G 260 -6.31 62.04 -3.30
C ALA G 260 -6.05 60.82 -4.18
N GLN G 261 -4.77 60.47 -4.35
CA GLN G 261 -4.39 59.37 -5.24
C GLN G 261 -3.08 58.72 -4.82
N PRO G 262 -2.91 57.42 -5.13
CA PRO G 262 -1.61 56.75 -5.15
C PRO G 262 -0.48 57.71 -5.57
N LEU G 263 0.42 57.98 -4.64
CA LEU G 263 1.41 59.05 -4.78
C LEU G 263 2.81 58.49 -5.01
N ARG G 264 3.66 59.29 -5.68
CA ARG G 264 5.01 58.88 -6.06
C ARG G 264 6.07 59.71 -5.33
N VAL G 265 6.82 59.04 -4.45
CA VAL G 265 7.84 59.66 -3.60
C VAL G 265 9.20 59.70 -4.28
N GLU G 266 10.00 60.73 -3.94
CA GLU G 266 11.39 60.83 -4.43
C GLU G 266 12.42 60.88 -3.30
N LEU G 267 13.68 60.59 -3.65
CA LEU G 267 14.79 60.60 -2.69
C LEU G 267 15.09 62.01 -2.20
N ILE H 1 2.00 28.63 24.29
CA ILE H 1 3.43 28.77 23.87
C ILE H 1 4.09 30.06 24.39
N GLN H 2 5.40 30.19 24.13
CA GLN H 2 6.17 31.39 24.48
C GLN H 2 6.76 31.98 23.21
N ARG H 3 6.25 33.12 22.78
CA ARG H 3 6.71 33.73 21.54
C ARG H 3 7.69 34.86 21.80
N THR H 4 8.77 34.90 21.01
CA THR H 4 9.89 35.79 21.30
C THR H 4 9.77 37.17 20.61
N PRO H 5 10.00 38.27 21.38
CA PRO H 5 9.92 39.69 21.01
C PRO H 5 10.52 40.08 19.67
N LYS H 6 9.97 41.16 19.12
CA LYS H 6 10.38 41.71 17.84
C LYS H 6 10.41 43.24 18.00
N ILE H 7 11.62 43.77 18.18
CA ILE H 7 11.85 45.20 18.41
C ILE H 7 11.92 46.00 17.13
N GLN H 8 11.20 47.12 17.12
CA GLN H 8 11.16 48.05 16.02
C GLN H 8 11.45 49.44 16.57
N VAL H 9 12.39 50.13 15.94
CA VAL H 9 12.80 51.47 16.39
C VAL H 9 12.63 52.51 15.27
N TYR H 10 11.90 53.59 15.60
CA TYR H 10 11.57 54.66 14.65
C TYR H 10 11.16 55.94 15.37
N SER H 11 11.39 57.08 14.72
CA SER H 11 10.94 58.37 15.24
C SER H 11 9.50 58.64 14.82
N ARG H 12 8.88 59.66 15.40
CA ARG H 12 7.52 60.04 15.06
C ARG H 12 7.47 60.64 13.65
N HIS H 13 7.86 61.91 13.53
CA HIS H 13 7.99 62.56 12.22
C HIS H 13 9.43 62.33 11.74
N PRO H 14 9.70 62.68 10.47
CA PRO H 14 11.09 62.72 9.97
C PRO H 14 12.10 63.26 10.99
N ALA H 15 13.27 62.61 11.02
CA ALA H 15 14.32 62.86 12.03
C ALA H 15 15.24 64.04 11.74
N GLU H 16 14.72 65.25 11.95
CA GLU H 16 15.44 66.49 11.67
C GLU H 16 16.27 66.89 12.88
N ASN H 17 17.59 66.89 12.71
CA ASN H 17 18.51 67.29 13.77
C ASN H 17 18.24 68.68 14.29
N GLY H 18 18.35 68.86 15.60
CA GLY H 18 18.02 70.14 16.22
C GLY H 18 16.58 70.53 16.00
N LYS H 19 15.71 69.54 15.91
CA LYS H 19 14.28 69.76 15.77
C LYS H 19 13.51 68.72 16.60
N SER H 20 12.75 69.23 17.58
CA SER H 20 11.98 68.41 18.51
C SER H 20 11.23 67.27 17.81
N ASN H 21 11.15 66.13 18.48
CA ASN H 21 10.51 64.93 17.94
C ASN H 21 10.27 63.91 19.05
N PHE H 22 9.74 62.76 18.65
CA PHE H 22 9.53 61.64 19.56
C PHE H 22 10.21 60.41 19.01
N LEU H 23 10.91 59.69 19.89
CA LEU H 23 11.51 58.44 19.51
C LEU H 23 10.64 57.31 19.98
N ASN H 24 10.49 56.29 19.14
CA ASN H 24 9.66 55.14 19.46
C ASN H 24 10.43 53.81 19.42
N CYS H 25 10.46 53.14 20.57
CA CYS H 25 10.85 51.73 20.66
C CYS H 25 9.57 50.96 20.87
N TYR H 26 9.21 50.13 19.89
CA TYR H 26 7.97 49.41 19.97
C TYR H 26 8.21 47.94 19.75
N VAL H 27 7.69 47.13 20.68
CA VAL H 27 7.92 45.71 20.68
C VAL H 27 6.62 44.99 20.44
N SER H 28 6.42 44.54 19.21
CA SER H 28 5.37 43.55 18.93
C SER H 28 6.01 42.19 18.90
N GLY H 29 5.18 41.15 18.95
CA GLY H 29 5.63 39.78 18.77
C GLY H 29 5.65 38.92 20.02
N PHE H 30 5.89 39.54 21.17
CA PHE H 30 6.24 38.77 22.37
C PHE H 30 5.11 38.07 23.15
N HIS H 31 5.54 37.17 24.03
CA HIS H 31 4.70 36.49 25.02
C HIS H 31 5.56 35.48 25.82
N PRO H 32 5.33 35.36 27.14
CA PRO H 32 4.39 36.10 28.01
C PRO H 32 4.63 37.61 28.10
N SER H 33 3.60 38.32 28.57
CA SER H 33 3.64 39.78 28.78
C SER H 33 4.73 40.23 29.75
N ASP H 34 5.40 39.27 30.38
CA ASP H 34 6.46 39.57 31.33
C ASP H 34 7.74 39.95 30.59
N ILE H 35 7.94 41.25 30.39
CA ILE H 35 9.08 41.78 29.63
C ILE H 35 9.68 43.06 30.24
N GLU H 36 10.90 43.37 29.81
CA GLU H 36 11.63 44.53 30.30
C GLU H 36 12.26 45.28 29.12
N VAL H 37 11.96 46.57 29.01
CA VAL H 37 12.44 47.41 27.91
C VAL H 37 13.09 48.68 28.45
N ASP H 38 14.20 49.09 27.82
CA ASP H 38 14.92 50.34 28.15
C ASP H 38 15.43 51.10 26.92
N LEU H 39 15.47 52.41 27.04
CA LEU H 39 16.00 53.30 26.02
C LEU H 39 17.39 53.77 26.44
N LEU H 40 18.23 54.14 25.47
CA LEU H 40 19.58 54.59 25.74
C LEU H 40 20.05 55.77 24.87
N LYS H 41 20.12 56.95 25.49
CA LYS H 41 20.70 58.15 24.89
C LYS H 41 22.22 58.08 25.02
N ASN H 42 22.87 57.74 23.91
CA ASN H 42 24.31 57.43 23.85
C ASN H 42 24.75 56.19 24.66
N GLY H 43 23.83 55.64 25.47
CA GLY H 43 24.10 54.42 26.19
C GLY H 43 23.75 54.41 27.67
N GLU H 44 23.22 55.53 28.17
CA GLU H 44 22.79 55.63 29.59
C GLU H 44 21.27 55.62 29.70
N ARG H 45 20.75 54.62 30.42
CA ARG H 45 19.31 54.34 30.51
C ARG H 45 18.44 55.59 30.66
N ILE H 46 17.63 55.88 29.64
CA ILE H 46 16.77 57.07 29.64
C ILE H 46 15.70 56.98 30.72
N GLU H 47 15.85 57.84 31.73
CA GLU H 47 15.03 57.80 32.92
C GLU H 47 13.60 58.24 32.60
N LYS H 48 13.45 59.40 31.97
CA LYS H 48 12.13 59.98 31.72
C LYS H 48 11.50 59.48 30.42
N VAL H 49 10.63 58.48 30.56
CA VAL H 49 10.01 57.79 29.42
C VAL H 49 8.53 57.55 29.66
N GLU H 50 7.72 57.77 28.63
CA GLU H 50 6.34 57.37 28.65
C GLU H 50 6.23 56.01 27.98
N HIS H 51 5.26 55.22 28.45
CA HIS H 51 4.95 53.93 27.83
C HIS H 51 3.44 53.74 27.87
N SER H 52 2.85 53.52 26.71
CA SER H 52 1.42 53.26 26.63
C SER H 52 1.14 51.80 27.02
N ASP H 53 -0.15 51.49 27.18
CA ASP H 53 -0.62 50.18 27.63
C ASP H 53 -0.11 48.98 26.83
N LEU H 54 -0.30 47.81 27.41
CA LEU H 54 -0.06 46.54 26.74
C LEU H 54 -1.40 46.04 26.17
N SER H 55 -1.32 45.23 25.12
CA SER H 55 -2.50 44.71 24.41
C SER H 55 -2.03 43.75 23.32
N PHE H 56 -2.93 42.93 22.80
CA PHE H 56 -2.54 41.88 21.87
C PHE H 56 -3.16 41.95 20.47
N SER H 57 -2.98 40.89 19.68
CA SER H 57 -3.53 40.83 18.33
C SER H 57 -4.14 39.48 17.99
N LYS H 58 -4.52 39.33 16.71
CA LYS H 58 -5.32 38.21 16.21
C LYS H 58 -4.69 36.81 16.36
N ASP H 59 -3.43 36.78 16.82
CA ASP H 59 -2.71 35.54 17.12
C ASP H 59 -2.35 35.46 18.61
N TRP H 60 -2.77 36.45 19.38
CA TRP H 60 -2.63 36.54 20.85
C TRP H 60 -1.36 37.20 21.40
N SER H 61 -0.37 37.46 20.54
CA SER H 61 0.91 38.05 20.97
C SER H 61 0.77 39.45 21.57
N PHE H 62 1.55 39.75 22.60
CA PHE H 62 1.52 41.07 23.24
C PHE H 62 2.44 42.06 22.54
N TYR H 63 2.08 43.34 22.62
CA TYR H 63 2.93 44.43 22.11
C TYR H 63 2.96 45.59 23.07
N LEU H 64 4.01 46.39 23.00
CA LEU H 64 4.23 47.45 23.98
C LEU H 64 4.95 48.66 23.39
N LEU H 65 4.39 49.84 23.61
CA LEU H 65 5.00 51.07 23.13
C LEU H 65 5.85 51.78 24.18
N TYR H 66 7.09 52.11 23.78
CA TYR H 66 7.95 52.99 24.55
C TYR H 66 8.32 54.17 23.68
N TYR H 67 8.04 55.36 24.18
CA TYR H 67 8.20 56.60 23.41
C TYR H 67 8.65 57.74 24.30
N THR H 68 9.34 58.71 23.70
CA THR H 68 9.86 59.86 24.44
C THR H 68 10.09 61.10 23.59
N GLU H 69 9.91 62.27 24.21
CA GLU H 69 10.25 63.55 23.59
C GLU H 69 11.77 63.63 23.39
N PHE H 70 12.21 64.11 22.23
CA PHE H 70 13.63 64.29 21.95
C PHE H 70 13.93 65.20 20.76
N THR H 71 15.13 65.77 20.73
CA THR H 71 15.54 66.70 19.69
C THR H 71 16.84 66.17 19.02
N PRO H 72 16.69 65.29 17.99
CA PRO H 72 17.78 64.62 17.28
C PRO H 72 19.04 65.47 17.20
N THR H 73 20.19 64.87 17.53
CA THR H 73 21.47 65.56 17.41
C THR H 73 22.51 64.65 16.74
N GLU H 74 23.14 65.20 15.70
CA GLU H 74 23.97 64.45 14.74
C GLU H 74 25.07 63.54 15.32
N LYS H 75 25.45 63.76 16.57
CA LYS H 75 26.46 62.93 17.21
C LYS H 75 25.83 61.78 17.96
N ASP H 76 24.81 62.08 18.75
CA ASP H 76 24.27 61.15 19.74
C ASP H 76 23.88 59.79 19.18
N GLU H 77 24.04 58.75 20.00
CA GLU H 77 23.74 57.37 19.62
C GLU H 77 22.46 56.86 20.26
N TYR H 78 21.50 56.49 19.41
CA TYR H 78 20.22 56.00 19.86
C TYR H 78 20.01 54.51 19.56
N ALA H 79 19.61 53.78 20.60
CA ALA H 79 19.44 52.32 20.54
C ALA H 79 18.56 51.85 21.69
N CYS H 80 17.83 50.75 21.46
CA CYS H 80 16.88 50.20 22.45
C CYS H 80 17.30 48.80 22.89
N ARG H 81 17.34 48.57 24.21
CA ARG H 81 17.77 47.30 24.78
C ARG H 81 16.61 46.62 25.50
N VAL H 82 16.40 45.34 25.20
CA VAL H 82 15.19 44.62 25.61
C VAL H 82 15.46 43.22 26.15
N ASN H 83 14.89 42.89 27.32
CA ASN H 83 15.04 41.57 27.91
C ASN H 83 13.72 40.90 28.24
N HIS H 84 13.40 39.84 27.48
CA HIS H 84 12.23 39.01 27.70
C HIS H 84 12.66 37.77 28.47
N VAL H 85 11.68 37.03 28.98
CA VAL H 85 11.96 35.77 29.64
C VAL H 85 12.25 34.64 28.63
N THR H 86 12.25 34.96 27.34
CA THR H 86 12.66 34.00 26.29
C THR H 86 14.06 34.31 25.75
N LEU H 87 14.85 35.03 26.55
CA LEU H 87 16.17 35.46 26.11
C LEU H 87 17.29 35.00 27.05
N SER H 88 18.49 34.88 26.49
CA SER H 88 19.69 34.52 27.24
C SER H 88 20.35 35.80 27.76
N GLN H 89 20.49 36.76 26.86
CA GLN H 89 21.03 38.07 27.20
C GLN H 89 20.23 39.20 26.52
N PRO H 90 20.09 40.35 27.20
CA PRO H 90 19.36 41.52 26.68
C PRO H 90 19.77 41.93 25.25
N LYS H 91 18.78 42.10 24.37
CA LYS H 91 19.01 42.47 22.98
C LYS H 91 19.04 43.99 22.82
N ILE H 92 19.89 44.46 21.90
CA ILE H 92 20.07 45.89 21.61
C ILE H 92 19.99 46.10 20.10
N VAL H 93 19.24 47.10 19.68
CA VAL H 93 19.11 47.44 18.25
C VAL H 93 19.43 48.92 18.05
N LYS H 94 20.32 49.24 17.12
CA LYS H 94 20.74 50.63 16.88
C LYS H 94 19.74 51.39 16.03
N TRP H 95 19.04 52.37 16.62
CA TRP H 95 18.06 53.17 15.88
C TRP H 95 18.69 53.80 14.67
N ASP H 96 18.11 53.51 13.51
CA ASP H 96 18.52 54.21 12.31
C ASP H 96 17.51 55.31 11.98
N ARG H 97 17.96 56.55 12.05
CA ARG H 97 17.24 57.62 11.40
C ARG H 97 17.34 57.37 9.90
N ASP H 98 16.22 57.58 9.20
CA ASP H 98 16.04 57.17 7.80
C ASP H 98 15.54 55.73 7.76
N MET H 99 14.59 55.43 8.64
CA MET H 99 13.93 54.13 8.73
C MET H 99 12.63 54.32 9.51
O LE1 I 4 -34.96 -44.44 -6.37
C LE1 I 4 -34.35 -44.92 -7.35
CA LE1 I 4 -34.75 -46.29 -7.90
N LE1 I 4 -35.80 -46.89 -7.03
CB LE1 I 4 -35.15 -46.24 -9.39
C9 LE1 I 4 -35.20 -47.62 -10.04
C8 LE1 I 4 -34.13 -45.44 -10.22
SG LE1 I 4 -36.70 -45.41 -9.68
N THR I 5 -33.24 -44.19 -7.23
CA THR I 5 -32.29 -43.44 -6.40
C THR I 5 -32.13 -42.02 -6.92
N GLY I 6 -32.22 -41.05 -6.01
CA GLY I 6 -32.12 -39.66 -6.40
C GLY I 6 -30.73 -39.29 -6.87
N HIS I 7 -30.65 -38.41 -7.85
CA HIS I 7 -29.37 -37.90 -8.30
C HIS I 7 -28.56 -37.35 -7.12
N PHE I 8 -29.24 -37.20 -5.98
CA PHE I 8 -28.63 -36.85 -4.70
C PHE I 8 -29.18 -37.80 -3.63
N GLY I 9 -29.50 -39.03 -4.04
CA GLY I 9 -30.03 -40.05 -3.14
C GLY I 9 -31.33 -39.71 -2.45
N SAR I 10 -31.84 -40.60 -1.60
CA SAR I 10 -33.27 -40.77 -1.47
C SAR I 10 -33.78 -41.78 -2.48
O SAR I 10 -33.35 -41.76 -3.63
CN SAR I 10 -31.02 -41.46 -0.74
N MLE I 11 -34.68 -42.67 -2.04
CN MLE I 11 -35.05 -42.79 -0.64
CA MLE I 11 -35.37 -43.53 -3.01
CB MLE I 11 -35.86 -44.83 -2.36
CG MLE I 11 -34.78 -45.92 -2.44
CD1 MLE I 11 -34.88 -46.88 -1.25
CD2 MLE I 11 -34.84 -46.69 -3.78
C MLE I 11 -36.49 -42.79 -3.68
O MLE I 11 -37.06 -41.88 -3.07
N TYR I 12 -36.79 -43.14 -4.93
CA TYR I 12 -37.83 -42.45 -5.69
C TYR I 12 -38.52 -43.37 -6.66
N PRO I 13 -39.86 -43.38 -6.66
CA PRO I 13 -40.63 -44.30 -7.48
C PRO I 13 -40.68 -43.93 -8.97
N CYS I 14 -40.11 -44.80 -9.80
CA CYS I 14 -40.09 -44.63 -11.26
C CYS I 14 -41.41 -45.06 -11.90
N PHE J 3 -32.37 -50.54 -5.61
CA PHE J 3 -31.54 -50.41 -6.81
C PHE J 3 -30.51 -49.28 -6.70
O LE1 J 4 -28.27 -47.53 -9.23
C LE1 J 4 -27.95 -46.95 -8.20
CA LE1 J 4 -28.72 -47.16 -6.91
N LE1 J 4 -29.58 -48.39 -7.06
CB LE1 J 4 -27.84 -47.19 -5.65
C9 LE1 J 4 -28.62 -46.76 -4.40
C8 LE1 J 4 -26.65 -46.24 -5.77
SG LE1 J 4 -27.17 -48.83 -5.31
N THR J 5 -28.24 -45.71 -8.62
CA THR J 5 -27.73 -44.82 -9.65
C THR J 5 -26.26 -45.11 -9.86
N GLY J 6 -25.85 -45.30 -11.11
CA GLY J 6 -24.45 -45.47 -11.43
C GLY J 6 -23.75 -44.14 -11.34
N HIS J 7 -22.44 -44.19 -11.13
CA HIS J 7 -21.65 -42.98 -11.13
C HIS J 7 -21.56 -42.42 -12.55
N PHE J 8 -21.44 -43.31 -13.53
CA PHE J 8 -21.46 -42.90 -14.93
C PHE J 8 -22.81 -43.21 -15.61
N GLY J 9 -23.89 -42.96 -14.88
CA GLY J 9 -25.23 -43.33 -15.30
C GLY J 9 -25.54 -44.79 -14.95
N SAR J 10 -26.80 -45.20 -15.12
CA SAR J 10 -27.13 -46.62 -15.00
C SAR J 10 -27.80 -46.97 -13.69
O SAR J 10 -27.82 -46.16 -12.76
CN SAR J 10 -27.91 -44.32 -15.42
N MLE J 11 -28.37 -48.17 -13.61
CN MLE J 11 -28.59 -49.01 -14.78
CA MLE J 11 -28.82 -48.67 -12.29
CB MLE J 11 -30.35 -48.70 -12.17
CG MLE J 11 -30.95 -47.33 -12.43
CD1 MLE J 11 -32.41 -47.45 -12.85
CD2 MLE J 11 -30.76 -46.39 -11.24
C MLE J 11 -28.21 -49.95 -11.80
O MLE J 11 -28.06 -50.91 -12.57
N TYR J 12 -27.88 -49.96 -10.51
CA TYR J 12 -27.11 -51.04 -9.88
C TYR J 12 -27.75 -51.45 -8.54
N PRO J 13 -28.13 -52.74 -8.41
CA PRO J 13 -28.86 -53.17 -7.22
C PRO J 13 -28.02 -53.06 -5.94
N CYS J 14 -28.69 -52.85 -4.80
CA CYS J 14 -28.03 -52.65 -3.50
C CYS J 14 -29.04 -52.68 -2.36
#